data_2GZ3
#
_entry.id   2GZ3
#
_cell.length_a   59.348
_cell.length_b   64.439
_cell.length_c   96.739
_cell.angle_alpha   89.980
_cell.angle_beta   81.060
_cell.angle_gamma   82.000
#
_symmetry.space_group_name_H-M   'P 1'
#
loop_
_entity.id
_entity.type
_entity.pdbx_description
1 polymer 'Aspartate beta-semialdehyde dehydrogenase'
2 non-polymer 'NADP NICOTINAMIDE-ADENINE-DINUCLEOTIDE PHOSPHATE'
3 non-polymer '(2R)-2-AMINO-4-OXOBUTANOIC ACID'
4 water water
#
_entity_poly.entity_id   1
_entity_poly.type   'polypeptide(L)'
_entity_poly.pdbx_seq_one_letter_code
;MGYTVAVVGATGAVGAQMIKMLEESTLPIDKIRYLASARSAGKSLKFKDQDITIEETTETAFEGVDIALFSAGSSTSAKY
APYAVKAGVVVVDNTSYFRQNPDVPLVVPEVNAHALDAHNGIIACPNCSTIQMMVALEPVRQKWGLDRIIVSTYQAVSGA
GMGAILETQRELREVLNDGVKPCDLHAEILPSGGDKKHYPIAFNALPQIDVFTDNDYTYEEMKMTKETKKIMEDDSIAVS
ATCVRIPVLSAHSESVYIETKEVAPIEEVKAAIAAFPGAVLEDDVAHQIYPQAINAVGSRDTFVGRIRKDLDAEKGIHMW
VVSDNLLKGAAWNSVQIAETLHERGLVRPTAELKFELKLEHHHHHH
;
_entity_poly.pdbx_strand_id   A,B,C,D
#
loop_
_chem_comp.id
_chem_comp.type
_chem_comp.name
_chem_comp.formula
NAP non-polymer 'NADP NICOTINAMIDE-ADENINE-DINUCLEOTIDE PHOSPHATE' 'C21 H28 N7 O17 P3'
#
# COMPACT_ATOMS: atom_id res chain seq x y z
N GLY A 2 -8.10 -24.97 40.31
CA GLY A 2 -7.33 -24.07 39.40
C GLY A 2 -5.86 -23.95 39.79
N TYR A 3 -5.07 -23.34 38.94
CA TYR A 3 -3.66 -23.16 39.24
C TYR A 3 -3.30 -21.73 39.67
N THR A 4 -2.33 -21.61 40.58
CA THR A 4 -1.58 -20.37 40.70
C THR A 4 -0.51 -20.36 39.60
N VAL A 5 -0.52 -19.31 38.78
CA VAL A 5 0.44 -19.20 37.69
C VAL A 5 1.32 -17.96 37.80
N ALA A 6 2.63 -18.20 37.85
CA ALA A 6 3.64 -17.15 37.83
C ALA A 6 4.28 -16.94 36.46
N VAL A 7 4.35 -15.68 36.07
CA VAL A 7 5.14 -15.25 34.91
C VAL A 7 6.36 -14.49 35.40
N VAL A 8 7.54 -15.09 35.22
CA VAL A 8 8.77 -14.46 35.59
C VAL A 8 9.31 -13.71 34.37
N GLY A 9 9.52 -12.41 34.55
CA GLY A 9 9.90 -11.53 33.46
C GLY A 9 8.68 -11.09 32.68
N ALA A 10 7.66 -10.65 33.41
CA ALA A 10 6.37 -10.28 32.81
C ALA A 10 6.42 -8.98 32.01
N THR A 11 7.35 -8.11 32.42
CA THR A 11 7.55 -6.76 31.84
C THR A 11 8.30 -6.74 30.48
N GLY A 12 8.91 -7.86 30.09
CA GLY A 12 9.70 -7.88 28.85
C GLY A 12 8.92 -8.14 27.57
N ALA A 13 9.63 -8.21 26.45
CA ALA A 13 8.96 -8.48 25.18
C ALA A 13 8.19 -9.81 25.20
N VAL A 14 8.86 -10.87 25.64
CA VAL A 14 8.25 -12.20 25.72
C VAL A 14 7.18 -12.22 26.81
N GLY A 15 7.53 -11.70 27.99
CA GLY A 15 6.59 -11.65 29.12
C GLY A 15 5.25 -11.05 28.75
N ALA A 16 5.31 -9.97 27.97
CA ALA A 16 4.13 -9.27 27.52
C ALA A 16 3.23 -10.17 26.65
N GLN A 17 3.84 -11.04 25.83
CA GLN A 17 3.07 -11.97 25.01
C GLN A 17 2.64 -13.19 25.81
N MET A 18 3.42 -13.55 26.84
CA MET A 18 3.04 -14.62 27.77
C MET A 18 1.70 -14.26 28.39
N ILE A 19 1.55 -12.99 28.76
CA ILE A 19 0.31 -12.43 29.29
C ILE A 19 -0.84 -12.59 28.28
N LYS A 20 -0.63 -12.13 27.04
CA LYS A 20 -1.63 -12.26 25.99
C LYS A 20 -2.09 -13.71 25.82
N MET A 21 -1.13 -14.63 25.71
CA MET A 21 -1.43 -16.05 25.53
C MET A 21 -2.18 -16.69 26.69
N LEU A 22 -1.89 -16.27 27.92
CA LEU A 22 -2.58 -16.78 29.10
C LEU A 22 -4.02 -16.27 29.21
N GLU A 23 -4.23 -15.02 28.83
CA GLU A 23 -5.58 -14.46 28.78
C GLU A 23 -6.51 -15.27 27.87
N GLU A 24 -5.92 -15.96 26.90
CA GLU A 24 -6.66 -16.70 25.88
C GLU A 24 -6.48 -18.22 26.02
N SER A 25 -5.93 -18.65 27.13
CA SER A 25 -5.49 -20.03 27.35
C SER A 25 -6.59 -20.93 27.90
N THR A 26 -6.49 -22.24 27.60
CA THR A 26 -7.39 -23.25 28.19
C THR A 26 -7.05 -23.55 29.67
N LEU A 27 -5.94 -23.02 30.16
CA LEU A 27 -5.53 -23.23 31.56
C LEU A 27 -6.54 -22.75 32.60
N PRO A 28 -6.90 -23.63 33.57
CA PRO A 28 -7.67 -23.19 34.72
C PRO A 28 -6.79 -22.34 35.62
N ILE A 29 -7.02 -21.03 35.62
CA ILE A 29 -6.19 -20.10 36.40
C ILE A 29 -6.96 -19.50 37.58
N ASP A 30 -6.58 -19.91 38.79
CA ASP A 30 -7.16 -19.34 40.02
C ASP A 30 -6.51 -18.00 40.34
N LYS A 31 -5.18 -17.95 40.24
CA LYS A 31 -4.43 -16.74 40.59
C LYS A 31 -3.26 -16.52 39.64
N ILE A 32 -3.12 -15.30 39.16
CA ILE A 32 -1.97 -14.94 38.35
C ILE A 32 -1.01 -14.05 39.15
N ARG A 33 0.29 -14.30 39.00
CA ARG A 33 1.33 -13.47 39.62
C ARG A 33 2.38 -13.03 38.59
N TYR A 34 2.85 -11.79 38.72
CA TYR A 34 3.90 -11.26 37.86
C TYR A 34 5.18 -11.01 38.65
N LEU A 35 6.27 -11.59 38.17
CA LEU A 35 7.56 -11.40 38.80
C LEU A 35 8.54 -10.84 37.78
N ALA A 36 9.42 -9.97 38.27
CA ALA A 36 10.46 -9.35 37.46
C ALA A 36 11.62 -9.00 38.40
N SER A 37 12.48 -8.07 38.02
CA SER A 37 13.59 -7.69 38.91
C SER A 37 13.16 -6.55 39.83
N ALA A 38 14.10 -6.09 40.65
CA ALA A 38 13.85 -4.97 41.57
C ALA A 38 13.51 -3.67 40.82
N ARG A 39 14.03 -3.53 39.60
CA ARG A 39 13.70 -2.40 38.72
C ARG A 39 12.20 -2.16 38.61
N SER A 40 11.43 -3.23 38.46
CA SER A 40 9.99 -3.20 38.19
C SER A 40 9.09 -3.65 39.35
N ALA A 41 9.68 -4.33 40.34
CA ALA A 41 8.93 -4.78 41.52
C ALA A 41 8.24 -3.60 42.19
N GLY A 42 6.94 -3.74 42.46
CA GLY A 42 6.17 -2.69 43.09
C GLY A 42 5.37 -1.85 42.11
N LYS A 43 5.70 -1.93 40.82
CA LYS A 43 4.86 -1.39 39.74
C LYS A 43 3.68 -2.34 39.47
N SER A 44 2.76 -1.92 38.61
CA SER A 44 1.53 -2.68 38.35
C SER A 44 1.33 -3.00 36.87
N LEU A 45 0.51 -4.00 36.60
CA LEU A 45 0.29 -4.47 35.23
C LEU A 45 -1.03 -5.23 35.11
N LYS A 46 -1.64 -5.19 33.93
CA LYS A 46 -2.96 -5.78 33.71
C LYS A 46 -2.89 -7.28 33.42
N PHE A 47 -3.72 -8.05 34.12
CA PHE A 47 -4.15 -9.35 33.63
C PHE A 47 -5.63 -9.20 33.35
N LYS A 48 -6.02 -9.27 32.07
CA LYS A 48 -7.38 -8.92 31.65
C LYS A 48 -7.75 -7.54 32.19
N ASP A 49 -8.91 -7.38 32.82
CA ASP A 49 -9.28 -6.06 33.39
C ASP A 49 -8.80 -5.83 34.85
N GLN A 50 -7.96 -6.75 35.34
CA GLN A 50 -7.49 -6.75 36.72
C GLN A 50 -6.07 -6.20 36.84
N ASP A 51 -5.83 -5.40 37.89
CA ASP A 51 -4.51 -4.86 38.19
C ASP A 51 -3.71 -5.88 39.01
N ILE A 52 -2.47 -6.15 38.56
CA ILE A 52 -1.59 -7.12 39.20
C ILE A 52 -0.28 -6.42 39.59
N THR A 53 0.04 -6.39 40.89
CA THR A 53 1.34 -5.88 41.34
C THR A 53 2.48 -6.84 40.96
N ILE A 54 3.50 -6.28 40.31
CA ILE A 54 4.75 -7.00 40.01
C ILE A 54 5.58 -7.24 41.27
N GLU A 55 6.06 -8.48 41.41
CA GLU A 55 6.86 -8.93 42.52
C GLU A 55 8.35 -9.12 42.16
N GLU A 56 9.23 -8.98 43.15
CA GLU A 56 10.65 -9.24 42.91
C GLU A 56 10.89 -10.76 42.88
N THR A 57 11.73 -11.21 41.95
CA THR A 57 12.03 -12.64 41.86
C THR A 57 13.08 -12.95 42.90
N THR A 58 12.70 -13.80 43.85
CA THR A 58 13.57 -14.23 44.96
C THR A 58 13.39 -15.73 45.20
N GLU A 59 14.30 -16.31 45.99
CA GLU A 59 14.28 -17.75 46.32
C GLU A 59 13.00 -18.18 47.02
N THR A 60 12.38 -17.24 47.74
CA THR A 60 11.22 -17.54 48.59
C THR A 60 9.89 -17.11 47.96
N ALA A 61 9.95 -16.69 46.69
CA ALA A 61 8.83 -16.07 45.97
C ALA A 61 7.90 -17.07 45.28
N PHE A 62 8.12 -18.37 45.50
CA PHE A 62 7.41 -19.40 44.70
C PHE A 62 6.51 -20.35 45.52
N GLU A 63 6.40 -20.09 46.83
CA GLU A 63 5.48 -20.84 47.68
C GLU A 63 4.07 -20.66 47.16
N GLY A 64 3.40 -21.77 46.90
CA GLY A 64 1.98 -21.74 46.51
C GLY A 64 1.72 -21.77 45.01
N VAL A 65 2.78 -21.64 44.21
CA VAL A 65 2.67 -21.53 42.75
C VAL A 65 2.66 -22.92 42.12
N ASP A 66 1.76 -23.15 41.16
CA ASP A 66 1.66 -24.44 40.50
C ASP A 66 2.55 -24.52 39.24
N ILE A 67 2.45 -23.49 38.40
CA ILE A 67 3.21 -23.35 37.16
C ILE A 67 3.89 -21.98 37.12
N ALA A 68 5.18 -21.98 36.82
CA ALA A 68 5.94 -20.76 36.61
C ALA A 68 6.55 -20.71 35.21
N LEU A 69 6.10 -19.75 34.41
CA LEU A 69 6.70 -19.47 33.12
C LEU A 69 7.90 -18.52 33.32
N PHE A 70 9.07 -18.93 32.81
CA PHE A 70 10.30 -18.15 32.95
C PHE A 70 10.67 -17.52 31.61
N SER A 71 10.79 -16.20 31.62
CA SER A 71 11.35 -15.51 30.47
C SER A 71 12.11 -14.27 30.91
N ALA A 72 13.18 -14.48 31.68
CA ALA A 72 13.89 -13.37 32.32
C ALA A 72 15.41 -13.42 32.15
N GLY A 73 15.87 -14.12 31.12
CA GLY A 73 17.31 -14.31 30.92
C GLY A 73 17.85 -15.58 31.54
N SER A 74 18.96 -16.09 31.03
CA SER A 74 19.55 -17.35 31.51
C SER A 74 20.01 -17.29 32.97
N SER A 75 20.60 -16.17 33.37
CA SER A 75 21.03 -16.02 34.74
C SER A 75 19.88 -16.06 35.76
N THR A 76 18.73 -15.49 35.41
CA THR A 76 17.54 -15.53 36.30
C THR A 76 16.96 -16.95 36.38
N SER A 77 16.99 -17.68 35.26
CA SER A 77 16.64 -19.08 35.29
C SER A 77 17.60 -19.93 36.12
N ALA A 78 18.91 -19.76 35.91
CA ALA A 78 19.91 -20.50 36.68
C ALA A 78 19.77 -20.31 38.19
N LYS A 79 19.48 -19.08 38.60
CA LYS A 79 19.39 -18.71 40.01
C LYS A 79 18.09 -19.14 40.68
N TYR A 80 16.96 -18.89 40.01
CA TYR A 80 15.64 -19.09 40.65
C TYR A 80 14.80 -20.32 40.23
N ALA A 81 15.01 -20.90 39.06
CA ALA A 81 14.22 -22.09 38.67
C ALA A 81 14.40 -23.31 39.61
N PRO A 82 15.66 -23.62 40.00
CA PRO A 82 15.81 -24.71 40.97
C PRO A 82 15.08 -24.46 42.29
N TYR A 83 14.98 -23.21 42.73
CA TYR A 83 14.23 -22.86 43.94
C TYR A 83 12.70 -23.02 43.80
N ALA A 84 12.16 -22.66 42.63
CA ALA A 84 10.75 -22.88 42.33
C ALA A 84 10.44 -24.39 42.31
N VAL A 85 11.30 -25.19 41.66
CA VAL A 85 11.19 -26.64 41.67
C VAL A 85 11.21 -27.22 43.11
N LYS A 86 12.14 -26.77 43.95
CA LYS A 86 12.13 -27.18 45.36
C LYS A 86 10.83 -26.75 46.08
N ALA A 87 10.27 -25.60 45.70
CA ALA A 87 8.98 -25.16 46.23
C ALA A 87 7.79 -26.01 45.74
N GLY A 88 7.99 -26.83 44.70
CA GLY A 88 6.91 -27.66 44.15
C GLY A 88 6.31 -27.14 42.83
N VAL A 89 6.97 -26.15 42.24
CA VAL A 89 6.50 -25.59 40.97
C VAL A 89 6.89 -26.50 39.82
N VAL A 90 6.13 -26.42 38.72
CA VAL A 90 6.60 -26.92 37.43
C VAL A 90 7.02 -25.70 36.58
N VAL A 91 8.27 -25.71 36.14
CA VAL A 91 8.85 -24.60 35.40
C VAL A 91 8.83 -24.88 33.91
N VAL A 92 8.33 -23.90 33.16
CA VAL A 92 8.57 -23.85 31.74
C VAL A 92 9.53 -22.67 31.52
N ASP A 93 10.78 -23.01 31.21
CA ASP A 93 11.85 -22.03 30.99
C ASP A 93 11.95 -21.67 29.50
N ASN A 94 12.00 -20.38 29.18
CA ASN A 94 12.24 -19.96 27.79
C ASN A 94 13.70 -19.88 27.39
N THR A 95 14.60 -19.81 28.37
CA THR A 95 16.03 -19.58 28.13
C THR A 95 16.83 -20.81 27.69
N SER A 96 18.10 -20.58 27.36
CA SER A 96 19.00 -21.63 26.89
C SER A 96 19.65 -22.44 28.03
N TYR A 97 19.55 -21.95 29.26
CA TYR A 97 20.31 -22.49 30.39
C TYR A 97 20.15 -23.99 30.62
N PHE A 98 18.91 -24.48 30.57
CA PHE A 98 18.61 -25.87 30.94
C PHE A 98 18.39 -26.81 29.77
N ARG A 99 18.29 -26.27 28.54
CA ARG A 99 17.88 -27.03 27.36
C ARG A 99 18.66 -28.31 27.08
N GLN A 100 19.95 -28.30 27.45
CA GLN A 100 20.81 -29.45 27.17
C GLN A 100 21.00 -30.42 28.35
N ASN A 101 20.35 -30.13 29.47
CA ASN A 101 20.31 -31.06 30.59
C ASN A 101 19.39 -32.22 30.22
N PRO A 102 19.94 -33.46 30.13
CA PRO A 102 19.10 -34.64 29.76
C PRO A 102 17.93 -34.93 30.70
N ASP A 103 17.96 -34.36 31.92
CA ASP A 103 16.85 -34.46 32.89
C ASP A 103 15.70 -33.48 32.56
N VAL A 104 15.89 -32.66 31.52
CA VAL A 104 14.97 -31.61 31.12
C VAL A 104 14.48 -31.95 29.72
N PRO A 105 13.16 -32.15 29.54
CA PRO A 105 12.57 -32.25 28.22
C PRO A 105 12.68 -30.94 27.44
N LEU A 106 13.00 -31.06 26.15
CA LEU A 106 13.06 -29.89 25.26
C LEU A 106 11.99 -30.04 24.17
N VAL A 107 10.87 -29.34 24.37
CA VAL A 107 9.59 -29.74 23.77
C VAL A 107 8.99 -28.68 22.85
N VAL A 108 8.60 -29.15 21.68
CA VAL A 108 7.67 -28.47 20.78
C VAL A 108 6.50 -29.43 20.73
N PRO A 109 5.38 -29.11 21.43
CA PRO A 109 4.23 -30.02 21.64
C PRO A 109 3.75 -30.83 20.44
N GLU A 110 3.73 -30.21 19.26
CA GLU A 110 3.40 -30.92 18.00
C GLU A 110 4.42 -31.99 17.58
N VAL A 111 5.64 -31.89 18.11
CA VAL A 111 6.75 -32.73 17.63
C VAL A 111 7.13 -33.82 18.64
N ASN A 112 7.34 -33.44 19.90
CA ASN A 112 7.83 -34.38 20.91
C ASN A 112 7.18 -34.23 22.29
N ALA A 113 5.87 -34.01 22.30
CA ALA A 113 5.06 -33.99 23.54
C ALA A 113 5.23 -35.19 24.49
N HIS A 114 5.62 -36.35 23.98
CA HIS A 114 5.82 -37.53 24.84
C HIS A 114 7.01 -37.38 25.78
N ALA A 115 7.95 -36.51 25.41
CA ALA A 115 9.11 -36.26 26.27
C ALA A 115 8.75 -35.51 27.57
N LEU A 116 7.59 -34.88 27.61
CA LEU A 116 7.02 -34.23 28.81
C LEU A 116 6.71 -35.17 29.98
N ASP A 117 6.45 -36.44 29.70
CA ASP A 117 6.06 -37.43 30.72
C ASP A 117 7.13 -37.71 31.77
N ALA A 118 8.39 -37.68 31.36
CA ALA A 118 9.47 -37.92 32.31
C ALA A 118 10.00 -36.66 32.95
N HIS A 119 9.27 -35.56 32.85
CA HIS A 119 9.78 -34.30 33.39
C HIS A 119 10.11 -34.39 34.88
N ASN A 120 11.04 -33.53 35.29
CA ASN A 120 11.54 -33.45 36.66
C ASN A 120 11.39 -32.05 37.21
N GLY A 121 10.36 -31.34 36.74
CA GLY A 121 10.04 -30.03 37.27
C GLY A 121 10.42 -28.87 36.36
N ILE A 122 11.35 -29.11 35.43
CA ILE A 122 11.71 -28.13 34.42
C ILE A 122 11.54 -28.70 33.03
N ILE A 123 10.87 -27.95 32.18
CA ILE A 123 10.68 -28.30 30.78
C ILE A 123 11.19 -27.09 29.99
N ALA A 124 12.06 -27.34 29.02
CA ALA A 124 12.66 -26.23 28.32
C ALA A 124 11.94 -25.99 27.01
N CYS A 125 11.62 -24.72 26.79
CA CYS A 125 11.15 -24.26 25.50
C CYS A 125 12.38 -23.91 24.65
N PRO A 126 12.49 -24.54 23.45
CA PRO A 126 13.68 -24.38 22.60
C PRO A 126 13.84 -22.97 22.06
N ASN A 127 15.00 -22.76 21.46
CA ASN A 127 15.34 -21.59 20.72
C ASN A 127 14.26 -21.30 19.68
N CYS A 128 13.90 -20.03 19.50
CA CYS A 128 12.80 -19.63 18.61
C CYS A 128 12.98 -20.01 17.14
N SER A 129 14.19 -19.80 16.62
CA SER A 129 14.60 -20.24 15.28
C SER A 129 14.41 -21.73 15.09
N THR A 130 14.80 -22.49 16.12
CA THR A 130 14.68 -23.94 16.10
C THR A 130 13.24 -24.42 16.11
N ILE A 131 12.41 -23.85 16.99
CA ILE A 131 10.99 -24.20 17.07
C ILE A 131 10.35 -24.19 15.69
N GLN A 132 10.44 -23.05 15.00
CA GLN A 132 9.78 -22.88 13.72
C GLN A 132 10.25 -23.87 12.63
N MET A 133 11.55 -24.15 12.65
CA MET A 133 12.17 -25.10 11.74
C MET A 133 11.67 -26.52 12.02
N MET A 134 11.48 -26.84 13.31
CA MET A 134 10.94 -28.16 13.69
C MET A 134 9.47 -28.33 13.25
N VAL A 135 8.68 -27.27 13.39
CA VAL A 135 7.28 -27.35 12.96
C VAL A 135 7.22 -27.66 11.46
N ALA A 136 8.08 -26.98 10.70
CA ALA A 136 8.17 -27.13 9.26
C ALA A 136 8.65 -28.53 8.82
N LEU A 137 9.67 -29.04 9.52
CA LEU A 137 10.44 -30.22 9.06
C LEU A 137 10.00 -31.59 9.56
N GLU A 138 9.30 -31.63 10.70
CA GLU A 138 8.87 -32.91 11.28
C GLU A 138 7.92 -33.70 10.37
N PRO A 139 6.95 -33.02 9.71
CA PRO A 139 6.12 -33.78 8.77
C PRO A 139 6.93 -34.44 7.66
N VAL A 140 7.97 -33.72 7.19
CA VAL A 140 8.89 -34.23 6.18
C VAL A 140 9.69 -35.42 6.73
N ARG A 141 10.34 -35.24 7.88
CA ARG A 141 11.10 -36.31 8.53
C ARG A 141 10.27 -37.58 8.75
N GLN A 142 9.03 -37.40 9.19
CA GLN A 142 8.11 -38.51 9.42
C GLN A 142 7.94 -39.41 8.19
N LYS A 143 7.97 -38.85 7.00
CA LYS A 143 7.67 -39.63 5.80
C LYS A 143 8.90 -40.05 4.98
N TRP A 144 9.90 -39.18 4.86
CA TRP A 144 11.06 -39.40 3.98
C TRP A 144 12.43 -39.28 4.69
N GLY A 145 12.40 -39.01 5.99
CA GLY A 145 13.62 -38.89 6.76
C GLY A 145 14.34 -37.58 6.53
N LEU A 146 15.28 -37.28 7.41
CA LEU A 146 16.11 -36.09 7.28
C LEU A 146 17.56 -36.50 7.45
N ASP A 147 18.37 -36.29 6.41
CA ASP A 147 19.82 -36.55 6.48
C ASP A 147 20.64 -35.30 6.91
N ARG A 148 20.30 -34.12 6.38
CA ARG A 148 21.00 -32.87 6.74
C ARG A 148 20.13 -31.63 6.61
N ILE A 149 20.43 -30.62 7.43
CA ILE A 149 19.88 -29.26 7.29
C ILE A 149 21.01 -28.23 7.11
N ILE A 150 20.85 -27.38 6.09
CA ILE A 150 21.58 -26.11 5.98
C ILE A 150 20.56 -24.97 6.09
N VAL A 151 20.82 -24.05 7.02
CA VAL A 151 19.89 -22.96 7.30
C VAL A 151 20.60 -21.60 7.38
N SER A 152 19.98 -20.60 6.75
CA SER A 152 20.35 -19.20 6.91
C SER A 152 19.11 -18.47 7.40
N THR A 153 19.27 -17.77 8.51
CA THR A 153 18.14 -17.13 9.17
C THR A 153 18.14 -15.62 8.93
N TYR A 154 16.93 -15.05 8.91
CA TYR A 154 16.69 -13.61 8.80
C TYR A 154 15.94 -13.21 10.08
N GLN A 155 16.70 -12.89 11.12
CA GLN A 155 16.10 -12.72 12.45
C GLN A 155 15.74 -11.28 12.84
N ALA A 156 14.58 -11.16 13.48
CA ALA A 156 14.01 -9.90 13.94
C ALA A 156 14.60 -9.50 15.28
N VAL A 157 14.66 -8.19 15.51
CA VAL A 157 15.34 -7.62 16.68
C VAL A 157 14.62 -7.87 17.99
N SER A 158 13.30 -8.09 17.94
CA SER A 158 12.51 -8.46 19.14
C SER A 158 13.05 -9.71 19.81
N GLY A 159 13.69 -10.59 19.03
CA GLY A 159 14.42 -11.73 19.60
C GLY A 159 15.47 -11.37 20.65
N ALA A 160 16.03 -10.17 20.55
CA ALA A 160 17.06 -9.73 21.49
C ALA A 160 16.52 -8.83 22.61
N GLY A 161 15.19 -8.73 22.71
CA GLY A 161 14.55 -8.07 23.84
C GLY A 161 14.04 -6.66 23.58
N MET A 162 13.30 -6.12 24.55
CA MET A 162 12.67 -4.80 24.41
C MET A 162 13.69 -3.71 24.08
N GLY A 163 14.81 -3.70 24.80
CA GLY A 163 15.84 -2.70 24.57
C GLY A 163 16.30 -2.68 23.11
N ALA A 164 16.46 -3.86 22.52
CA ALA A 164 16.91 -3.97 21.14
C ALA A 164 15.88 -3.42 20.17
N ILE A 165 14.61 -3.65 20.49
CA ILE A 165 13.50 -3.10 19.71
C ILE A 165 13.60 -1.57 19.68
N LEU A 166 13.81 -0.98 20.86
CA LEU A 166 13.87 0.46 21.01
C LEU A 166 15.10 1.07 20.37
N GLU A 167 16.24 0.40 20.51
CA GLU A 167 17.48 0.74 19.80
C GLU A 167 17.28 0.84 18.28
N THR A 168 16.59 -0.14 17.72
CA THR A 168 16.33 -0.30 16.29
C THR A 168 15.38 0.81 15.80
N GLN A 169 14.26 0.99 16.50
CA GLN A 169 13.38 2.14 16.25
C GLN A 169 14.10 3.52 16.32
N ARG A 170 14.92 3.75 17.33
CA ARG A 170 15.59 5.07 17.45
C ARG A 170 16.62 5.31 16.33
N GLU A 171 17.41 4.28 16.01
CA GLU A 171 18.42 4.40 14.95
C GLU A 171 17.76 4.71 13.60
N LEU A 172 16.67 4.00 13.31
CA LEU A 172 15.91 4.20 12.07
C LEU A 172 15.32 5.61 11.96
N ARG A 173 14.70 6.08 13.03
CA ARG A 173 14.28 7.48 13.13
C ARG A 173 15.41 8.49 12.95
N GLU A 174 16.58 8.20 13.52
CA GLU A 174 17.77 9.04 13.39
C GLU A 174 18.27 9.15 11.95
N VAL A 175 18.21 8.05 11.19
CA VAL A 175 18.61 8.02 9.78
C VAL A 175 17.61 8.67 8.85
N LEU A 176 16.33 8.31 9.03
CA LEU A 176 15.23 8.76 8.16
C LEU A 176 14.75 10.17 8.49
N ASN A 177 14.78 10.57 9.77
CA ASN A 177 14.30 11.89 10.16
C ASN A 177 15.40 12.95 10.29
N ASP A 178 16.50 12.58 10.93
CA ASP A 178 17.61 13.53 11.27
C ASP A 178 18.84 13.45 10.35
N GLY A 179 18.74 12.69 9.26
CA GLY A 179 19.79 12.65 8.24
C GLY A 179 21.13 12.08 8.68
N VAL A 180 21.10 11.21 9.69
CA VAL A 180 22.30 10.51 10.18
C VAL A 180 22.66 9.34 9.25
N LYS A 181 23.93 9.29 8.81
CA LYS A 181 24.47 8.12 8.12
C LYS A 181 24.48 6.90 9.04
N PRO A 182 24.09 5.72 8.51
CA PRO A 182 24.07 4.49 9.33
C PRO A 182 25.39 4.08 10.04
N CYS A 183 26.55 4.41 9.49
CA CYS A 183 27.84 4.15 10.14
C CYS A 183 28.17 5.12 11.26
N ASP A 184 27.50 6.28 11.29
CA ASP A 184 27.71 7.27 12.35
C ASP A 184 26.74 7.10 13.52
N LEU A 185 25.98 6.00 13.48
CA LEU A 185 25.05 5.65 14.54
C LEU A 185 25.80 4.94 15.66
N HIS A 186 25.36 5.20 16.88
CA HIS A 186 25.93 4.59 18.07
C HIS A 186 25.01 3.47 18.56
N ALA A 187 25.49 2.24 18.47
CA ALA A 187 24.75 1.12 19.04
C ALA A 187 25.24 0.85 20.45
N GLU A 188 24.36 0.25 21.27
CA GLU A 188 24.68 -0.12 22.65
C GLU A 188 24.31 -1.57 22.97
N ILE A 189 23.40 -2.16 22.19
CA ILE A 189 22.93 -3.52 22.43
C ILE A 189 23.28 -4.52 21.32
N LEU A 190 22.79 -4.30 20.10
CA LEU A 190 23.03 -5.26 19.02
C LEU A 190 24.49 -5.22 18.54
N PRO A 191 25.00 -6.35 17.96
CA PRO A 191 24.32 -7.62 17.75
C PRO A 191 24.03 -8.43 19.02
N SER A 192 24.87 -8.27 20.03
CA SER A 192 24.84 -9.12 21.22
C SER A 192 24.99 -8.27 22.49
N GLY A 193 23.94 -8.20 23.28
CA GLY A 193 23.94 -7.39 24.50
C GLY A 193 25.26 -7.48 25.26
N GLY A 194 25.68 -8.71 25.57
CA GLY A 194 26.82 -8.92 26.46
C GLY A 194 28.19 -9.10 25.82
N ASP A 195 28.31 -8.79 24.52
CA ASP A 195 29.61 -8.88 23.85
C ASP A 195 30.33 -7.54 23.90
N LYS A 196 31.55 -7.51 23.39
CA LYS A 196 32.44 -6.37 23.60
C LYS A 196 32.15 -5.16 22.72
N LYS A 197 31.77 -5.39 21.46
CA LYS A 197 31.45 -4.31 20.53
C LYS A 197 30.00 -4.39 20.05
N HIS A 198 29.44 -3.21 19.76
CA HIS A 198 28.08 -3.08 19.29
C HIS A 198 28.05 -2.32 17.98
N TYR A 199 27.12 -2.72 17.11
CA TYR A 199 27.04 -2.18 15.75
C TYR A 199 25.60 -1.76 15.41
N PRO A 200 25.44 -0.78 14.51
CA PRO A 200 24.11 -0.34 14.11
C PRO A 200 23.39 -1.43 13.32
N ILE A 201 22.06 -1.47 13.47
CA ILE A 201 21.23 -2.44 12.80
C ILE A 201 20.37 -1.78 11.71
N ALA A 202 20.14 -0.47 11.79
CA ALA A 202 19.37 0.22 10.75
C ALA A 202 20.07 -0.02 9.42
N PHE A 203 19.28 -0.38 8.40
CA PHE A 203 19.79 -0.68 7.06
C PHE A 203 21.04 -1.58 6.98
N ASN A 204 21.18 -2.46 7.97
CA ASN A 204 22.31 -3.38 8.06
C ASN A 204 21.80 -4.82 8.16
N ALA A 205 22.70 -5.77 7.92
CA ALA A 205 22.44 -7.16 8.19
C ALA A 205 23.64 -7.71 8.98
N LEU A 206 23.41 -7.99 10.26
CA LEU A 206 24.51 -8.38 11.12
C LEU A 206 24.60 -9.89 11.23
N PRO A 207 25.68 -10.48 10.68
CA PRO A 207 25.92 -11.93 10.71
C PRO A 207 26.45 -12.39 12.08
N GLN A 208 25.82 -11.90 13.14
CA GLN A 208 26.12 -12.34 14.47
C GLN A 208 24.89 -12.27 15.32
N ILE A 209 24.59 -13.38 15.98
CA ILE A 209 23.55 -13.45 16.97
C ILE A 209 24.17 -14.27 18.07
N ASP A 210 24.12 -13.73 19.29
CA ASP A 210 24.85 -14.29 20.44
C ASP A 210 26.37 -14.15 20.20
N VAL A 211 27.15 -14.59 21.19
CA VAL A 211 28.60 -14.48 21.13
C VAL A 211 29.11 -15.65 20.31
N PHE A 212 30.35 -15.55 19.81
CA PHE A 212 30.98 -16.66 19.09
C PHE A 212 31.46 -17.78 20.00
N THR A 213 31.43 -19.00 19.48
CA THR A 213 31.99 -20.16 20.19
C THR A 213 33.39 -20.47 19.64
N ASP A 214 34.10 -21.41 20.29
CA ASP A 214 35.45 -21.85 19.89
C ASP A 214 35.56 -22.37 18.45
N ASN A 215 34.46 -22.83 17.87
CA ASN A 215 34.51 -23.31 16.49
C ASN A 215 34.13 -22.25 15.42
N ASP A 216 34.01 -20.99 15.84
CA ASP A 216 33.74 -19.87 14.91
C ASP A 216 32.26 -19.69 14.51
N TYR A 217 31.42 -20.64 14.92
CA TYR A 217 29.98 -20.48 14.87
C TYR A 217 29.61 -19.73 16.13
N THR A 218 28.55 -18.94 16.06
CA THR A 218 28.02 -18.29 17.27
C THR A 218 27.17 -19.31 18.04
N TYR A 219 26.79 -18.95 19.27
CA TYR A 219 25.87 -19.78 20.05
C TYR A 219 24.52 -19.98 19.39
N GLU A 220 23.98 -18.93 18.78
CA GLU A 220 22.66 -19.02 18.14
C GLU A 220 22.66 -20.15 17.11
N GLU A 221 23.74 -20.20 16.33
CA GLU A 221 24.00 -21.20 15.29
C GLU A 221 24.20 -22.58 15.89
N MET A 222 24.82 -22.66 17.06
CA MET A 222 25.08 -23.95 17.66
C MET A 222 23.86 -24.49 18.38
N LYS A 223 23.00 -23.59 18.83
CA LYS A 223 21.72 -23.95 19.42
C LYS A 223 20.85 -24.66 18.41
N MET A 224 20.78 -24.09 17.21
CA MET A 224 20.01 -24.67 16.13
C MET A 224 20.52 -26.08 15.86
N THR A 225 21.84 -26.25 15.76
CA THR A 225 22.46 -27.55 15.53
C THR A 225 22.04 -28.60 16.59
N LYS A 226 22.26 -28.28 17.86
CA LYS A 226 22.13 -29.26 18.95
C LYS A 226 20.73 -29.46 19.47
N GLU A 227 19.92 -28.38 19.52
CA GLU A 227 18.50 -28.49 19.86
C GLU A 227 17.70 -29.31 18.83
N THR A 228 18.07 -29.19 17.55
CA THR A 228 17.47 -29.99 16.49
C THR A 228 17.68 -31.47 16.83
N LYS A 229 18.92 -31.84 17.11
CA LYS A 229 19.26 -33.23 17.43
C LYS A 229 18.50 -33.77 18.63
N LYS A 230 18.38 -32.95 19.69
CA LYS A 230 17.68 -33.34 20.89
C LYS A 230 16.16 -33.43 20.67
N ILE A 231 15.56 -32.41 20.05
CA ILE A 231 14.10 -32.39 19.80
C ILE A 231 13.62 -33.55 18.93
N MET A 232 14.36 -33.80 17.85
CA MET A 232 14.08 -34.88 16.91
C MET A 232 14.61 -36.23 17.38
N GLU A 233 15.40 -36.22 18.45
CA GLU A 233 16.00 -37.43 19.05
C GLU A 233 16.86 -38.23 18.06
N ASP A 234 17.70 -37.52 17.33
CA ASP A 234 18.50 -38.10 16.26
C ASP A 234 19.80 -37.34 16.06
N ASP A 235 20.88 -37.89 16.60
CA ASP A 235 22.17 -37.22 16.56
C ASP A 235 22.86 -37.31 15.19
N SER A 236 22.29 -38.11 14.28
CA SER A 236 22.87 -38.33 12.98
C SER A 236 22.42 -37.29 11.92
N ILE A 237 21.42 -36.48 12.25
CA ILE A 237 21.05 -35.34 11.40
C ILE A 237 22.12 -34.26 11.46
N ALA A 238 22.79 -34.05 10.33
CA ALA A 238 23.79 -33.01 10.14
C ALA A 238 23.14 -31.62 9.99
N VAL A 239 23.43 -30.72 10.92
CA VAL A 239 22.82 -29.39 10.91
C VAL A 239 23.89 -28.31 11.00
N SER A 240 23.92 -27.40 10.02
CA SER A 240 24.71 -26.17 10.13
C SER A 240 23.86 -24.92 9.85
N ALA A 241 24.08 -23.87 10.64
CA ALA A 241 23.25 -22.67 10.59
C ALA A 241 24.12 -21.44 10.34
N THR A 242 23.58 -20.45 9.63
CA THR A 242 24.13 -19.08 9.60
C THR A 242 23.01 -18.17 10.04
N CYS A 243 23.20 -17.51 11.17
CA CYS A 243 22.16 -16.71 11.80
C CYS A 243 22.48 -15.22 11.70
N VAL A 244 21.56 -14.47 11.10
CA VAL A 244 21.76 -13.04 10.80
C VAL A 244 20.62 -12.22 11.40
N ARG A 245 20.96 -11.05 11.94
CA ARG A 245 19.95 -10.09 12.39
C ARG A 245 19.71 -9.05 11.31
N ILE A 246 18.43 -8.76 11.01
CA ILE A 246 18.01 -7.81 9.97
C ILE A 246 17.00 -6.76 10.54
N PRO A 247 16.78 -5.61 9.85
CA PRO A 247 15.90 -4.58 10.46
C PRO A 247 14.37 -4.87 10.37
N VAL A 248 13.96 -5.90 11.11
CA VAL A 248 12.60 -6.37 11.21
C VAL A 248 12.27 -6.35 12.70
N LEU A 249 11.08 -5.87 13.07
CA LEU A 249 10.76 -5.80 14.50
C LEU A 249 10.39 -7.17 15.08
N SER A 250 9.47 -7.87 14.41
CA SER A 250 9.01 -9.17 14.91
C SER A 250 8.81 -10.12 13.76
N ALA A 251 9.10 -11.40 14.05
CA ALA A 251 8.98 -12.54 13.15
C ALA A 251 10.28 -12.91 12.46
N HIS A 252 10.76 -14.11 12.74
CA HIS A 252 11.96 -14.65 12.12
C HIS A 252 11.59 -15.37 10.81
N SER A 253 12.45 -15.26 9.80
CA SER A 253 12.32 -15.98 8.52
C SER A 253 13.58 -16.82 8.27
N GLU A 254 13.40 -17.99 7.70
CA GLU A 254 14.53 -18.87 7.42
C GLU A 254 14.53 -19.41 6.00
N SER A 255 15.68 -19.26 5.34
CA SER A 255 15.95 -20.03 4.15
C SER A 255 16.51 -21.40 4.59
N VAL A 256 15.71 -22.44 4.35
CA VAL A 256 15.96 -23.79 4.83
C VAL A 256 16.16 -24.77 3.67
N TYR A 257 17.37 -25.32 3.59
CA TYR A 257 17.69 -26.43 2.69
C TYR A 257 17.78 -27.74 3.48
N ILE A 258 17.19 -28.81 2.95
CA ILE A 258 17.31 -30.12 3.57
C ILE A 258 17.72 -31.14 2.53
N GLU A 259 18.32 -32.23 3.00
CA GLU A 259 18.38 -33.42 2.20
C GLU A 259 17.72 -34.54 2.98
N THR A 260 16.67 -35.10 2.39
CA THR A 260 15.91 -36.18 2.97
C THR A 260 16.60 -37.55 2.77
N LYS A 261 16.12 -38.56 3.49
CA LYS A 261 16.68 -39.93 3.37
C LYS A 261 16.20 -40.67 2.14
N GLU A 262 14.90 -40.62 1.87
CA GLU A 262 14.35 -41.05 0.60
C GLU A 262 13.85 -39.84 -0.19
N VAL A 263 13.80 -39.96 -1.53
CA VAL A 263 13.35 -38.83 -2.35
C VAL A 263 11.93 -38.43 -1.97
N ALA A 264 11.77 -37.16 -1.61
CA ALA A 264 10.51 -36.62 -1.14
C ALA A 264 9.90 -35.78 -2.25
N PRO A 265 8.77 -36.25 -2.81
CA PRO A 265 8.10 -35.51 -3.89
C PRO A 265 7.50 -34.19 -3.42
N ILE A 266 7.74 -33.12 -4.18
CA ILE A 266 7.38 -31.77 -3.74
C ILE A 266 5.86 -31.57 -3.51
N GLU A 267 5.01 -32.14 -4.37
CA GLU A 267 3.56 -32.01 -4.14
C GLU A 267 3.12 -32.73 -2.88
N GLU A 268 3.82 -33.82 -2.54
CA GLU A 268 3.53 -34.61 -1.35
C GLU A 268 4.07 -33.92 -0.11
N VAL A 269 5.25 -33.33 -0.25
CA VAL A 269 5.90 -32.52 0.79
C VAL A 269 5.00 -31.36 1.20
N LYS A 270 4.46 -30.63 0.22
CA LYS A 270 3.49 -29.56 0.49
C LYS A 270 2.25 -30.04 1.25
N ALA A 271 1.71 -31.20 0.84
CA ALA A 271 0.55 -31.80 1.51
C ALA A 271 0.85 -32.26 2.96
N ALA A 272 2.02 -32.87 3.17
CA ALA A 272 2.47 -33.28 4.50
C ALA A 272 2.64 -32.07 5.44
N ILE A 273 3.20 -30.99 4.90
CA ILE A 273 3.39 -29.78 5.69
C ILE A 273 2.05 -29.09 6.00
N ALA A 274 1.22 -28.95 4.96
CA ALA A 274 -0.15 -28.44 5.12
C ALA A 274 -0.94 -29.22 6.18
N ALA A 275 -0.78 -30.54 6.23
CA ALA A 275 -1.53 -31.37 7.20
C ALA A 275 -0.93 -31.46 8.62
N PHE A 276 0.26 -30.92 8.81
CA PHE A 276 0.87 -30.92 10.13
C PHE A 276 0.32 -29.79 10.99
N PRO A 277 -0.05 -30.10 12.25
CA PRO A 277 -0.53 -29.13 13.25
C PRO A 277 0.52 -28.05 13.58
N GLY A 278 0.09 -26.80 13.63
CA GLY A 278 1.00 -25.68 13.85
C GLY A 278 1.58 -25.10 12.57
N ALA A 279 1.55 -25.88 11.49
CA ALA A 279 2.13 -25.49 10.19
C ALA A 279 1.07 -25.18 9.16
N VAL A 280 1.20 -23.99 8.55
CA VAL A 280 0.30 -23.55 7.48
C VAL A 280 1.05 -23.36 6.16
N LEU A 281 0.62 -24.11 5.14
CA LEU A 281 1.16 -24.01 3.79
C LEU A 281 0.74 -22.69 3.16
N GLU A 282 1.73 -21.86 2.82
CA GLU A 282 1.49 -20.63 2.09
C GLU A 282 2.37 -20.65 0.86
N ASP A 283 1.93 -21.40 -0.14
CA ASP A 283 2.75 -21.68 -1.30
C ASP A 283 1.94 -21.70 -2.59
N ASP A 284 1.84 -20.54 -3.24
CA ASP A 284 1.19 -20.43 -4.55
C ASP A 284 1.90 -19.34 -5.32
N VAL A 285 3.01 -19.72 -5.97
CA VAL A 285 3.87 -18.76 -6.64
C VAL A 285 3.17 -18.09 -7.82
N ALA A 286 2.25 -18.82 -8.45
CA ALA A 286 1.39 -18.31 -9.52
C ALA A 286 0.71 -16.98 -9.16
N HIS A 287 0.52 -16.78 -7.85
CA HIS A 287 -0.19 -15.62 -7.28
C HIS A 287 0.70 -14.92 -6.28
N GLN A 288 2.00 -15.14 -6.44
CA GLN A 288 3.02 -14.68 -5.51
C GLN A 288 2.70 -14.93 -4.02
N ILE A 289 2.22 -16.13 -3.67
CA ILE A 289 1.93 -16.44 -2.27
C ILE A 289 3.10 -17.17 -1.60
N TYR A 290 3.54 -16.63 -0.47
CA TYR A 290 4.62 -17.18 0.34
C TYR A 290 4.63 -16.52 1.72
N PRO A 291 5.20 -17.19 2.72
CA PRO A 291 5.24 -16.59 4.05
C PRO A 291 5.97 -15.24 4.07
N GLN A 292 5.41 -14.26 4.78
CA GLN A 292 6.05 -12.96 4.97
C GLN A 292 6.01 -12.65 6.46
N ALA A 293 7.12 -12.13 6.99
CA ALA A 293 7.19 -11.72 8.40
C ALA A 293 6.06 -10.79 8.84
N ILE A 294 5.75 -9.76 8.06
CA ILE A 294 4.70 -8.79 8.44
C ILE A 294 3.32 -9.45 8.60
N ASN A 295 3.04 -10.49 7.80
CA ASN A 295 1.79 -11.25 7.90
C ASN A 295 1.79 -12.30 9.01
N ALA A 296 2.96 -12.71 9.48
CA ALA A 296 3.05 -13.74 10.52
C ALA A 296 2.97 -13.18 11.94
N VAL A 297 3.26 -11.90 12.06
CA VAL A 297 3.13 -11.18 13.34
C VAL A 297 1.69 -11.27 13.86
N GLY A 298 1.56 -11.71 15.12
CA GLY A 298 0.26 -11.86 15.77
C GLY A 298 -0.39 -13.21 15.59
N SER A 299 0.18 -14.04 14.72
CA SER A 299 -0.30 -15.42 14.52
C SER A 299 0.51 -16.51 15.25
N ARG A 300 -0.19 -17.47 15.85
CA ARG A 300 0.46 -18.61 16.53
C ARG A 300 0.93 -19.73 15.57
N ASP A 301 0.57 -19.60 14.30
CA ASP A 301 0.98 -20.55 13.25
C ASP A 301 2.40 -20.34 12.74
N THR A 302 3.00 -21.42 12.26
CA THR A 302 4.25 -21.37 11.52
C THR A 302 3.95 -21.51 10.00
N PHE A 303 4.52 -20.63 9.20
CA PHE A 303 4.21 -20.52 7.77
C PHE A 303 5.35 -21.01 6.85
N VAL A 304 5.00 -21.89 5.91
CA VAL A 304 5.99 -22.54 5.02
C VAL A 304 5.63 -22.39 3.53
N GLY A 305 6.60 -21.97 2.73
CA GLY A 305 6.41 -21.85 1.30
C GLY A 305 7.74 -21.81 0.58
N ARG A 306 7.72 -21.26 -0.62
CA ARG A 306 8.85 -21.35 -1.57
C ARG A 306 9.38 -22.78 -1.67
N ILE A 307 8.50 -23.78 -1.57
CA ILE A 307 8.96 -25.18 -1.53
C ILE A 307 9.29 -25.64 -2.95
N ARG A 308 10.51 -26.13 -3.12
CA ARG A 308 11.04 -26.51 -4.43
C ARG A 308 12.25 -27.41 -4.28
N LYS A 309 12.37 -28.42 -5.15
CA LYS A 309 13.50 -29.33 -5.13
C LYS A 309 14.77 -28.61 -5.58
N ASP A 310 15.91 -29.05 -5.04
CA ASP A 310 17.22 -28.62 -5.51
C ASP A 310 17.35 -28.87 -7.02
N LEU A 311 18.11 -28.01 -7.70
CA LEU A 311 18.28 -28.10 -9.16
C LEU A 311 19.21 -29.23 -9.58
N ASP A 312 19.98 -29.76 -8.64
CA ASP A 312 20.95 -30.81 -8.92
C ASP A 312 20.92 -31.97 -7.94
N ALA A 313 20.63 -31.69 -6.67
CA ALA A 313 20.69 -32.72 -5.61
C ALA A 313 19.37 -33.48 -5.56
N GLU A 314 19.39 -34.76 -5.94
CA GLU A 314 18.15 -35.57 -6.02
C GLU A 314 17.26 -35.40 -4.78
N LYS A 315 17.85 -35.51 -3.59
CA LYS A 315 17.09 -35.48 -2.34
C LYS A 315 17.16 -34.12 -1.61
N GLY A 316 17.59 -33.07 -2.31
CA GLY A 316 17.64 -31.70 -1.78
C GLY A 316 16.35 -30.95 -2.04
N ILE A 317 15.87 -30.25 -0.99
CA ILE A 317 14.66 -29.42 -1.04
C ILE A 317 14.90 -28.05 -0.34
N HIS A 318 14.46 -26.97 -1.01
CA HIS A 318 14.50 -25.63 -0.46
C HIS A 318 13.13 -25.15 -0.01
N MET A 319 13.11 -24.34 1.05
CA MET A 319 11.89 -23.72 1.54
C MET A 319 12.12 -22.44 2.40
N TRP A 320 11.02 -21.74 2.65
CA TRP A 320 10.98 -20.49 3.37
C TRP A 320 10.02 -20.63 4.54
N VAL A 321 10.55 -20.50 5.76
CA VAL A 321 9.79 -20.67 6.98
C VAL A 321 9.77 -19.39 7.83
N VAL A 322 8.56 -18.94 8.16
CA VAL A 322 8.37 -17.71 8.92
C VAL A 322 7.41 -17.97 10.07
N SER A 323 7.75 -17.40 11.23
CA SER A 323 6.90 -17.43 12.42
C SER A 323 7.18 -16.23 13.33
N ASP A 324 6.20 -15.85 14.12
CA ASP A 324 6.39 -14.87 15.18
C ASP A 324 7.26 -15.47 16.28
N ASN A 325 8.46 -14.92 16.41
CA ASN A 325 9.44 -15.37 17.40
C ASN A 325 9.01 -15.15 18.84
N LEU A 326 8.06 -14.23 19.02
CA LEU A 326 7.49 -13.95 20.34
C LEU A 326 6.35 -14.91 20.71
N LEU A 327 5.73 -15.52 19.71
CA LEU A 327 4.59 -16.38 19.99
C LEU A 327 5.00 -17.84 19.91
N LYS A 328 4.86 -18.46 18.74
CA LYS A 328 5.33 -19.83 18.57
C LYS A 328 6.81 -19.96 18.95
N GLY A 329 7.61 -18.92 18.69
CA GLY A 329 9.03 -18.98 19.06
C GLY A 329 9.36 -18.92 20.55
N ALA A 330 8.38 -18.57 21.38
CA ALA A 330 8.60 -18.33 22.81
C ALA A 330 7.31 -18.49 23.62
N ALA A 331 6.55 -17.41 23.75
CA ALA A 331 5.40 -17.36 24.66
C ALA A 331 4.30 -18.37 24.38
N TRP A 332 3.89 -18.51 23.12
CA TRP A 332 2.84 -19.46 22.79
C TRP A 332 3.31 -20.91 22.94
N ASN A 333 4.57 -21.18 22.59
CA ASN A 333 5.13 -22.50 22.81
C ASN A 333 5.13 -22.85 24.31
N SER A 334 5.55 -21.90 25.16
CA SER A 334 5.52 -22.11 26.60
C SER A 334 4.10 -22.38 27.14
N VAL A 335 3.11 -21.62 26.68
CA VAL A 335 1.71 -21.77 27.12
C VAL A 335 1.07 -23.07 26.62
N GLN A 336 1.45 -23.47 25.41
CA GLN A 336 1.09 -24.76 24.86
C GLN A 336 1.66 -25.91 25.69
N ILE A 337 2.92 -25.81 26.06
CA ILE A 337 3.56 -26.77 26.98
C ILE A 337 2.76 -26.85 28.30
N ALA A 338 2.49 -25.69 28.89
CA ALA A 338 1.73 -25.61 30.14
C ALA A 338 0.35 -26.27 30.03
N GLU A 339 -0.34 -26.02 28.93
CA GLU A 339 -1.67 -26.54 28.65
C GLU A 339 -1.69 -28.05 28.47
N THR A 340 -0.65 -28.57 27.83
CA THR A 340 -0.46 -30.02 27.59
C THR A 340 0.00 -30.76 28.84
N LEU A 341 0.80 -30.09 29.67
CA LEU A 341 1.15 -30.57 31.00
C LEU A 341 -0.13 -30.72 31.83
N HIS A 342 -0.99 -29.70 31.80
CA HIS A 342 -2.33 -29.80 32.40
C HIS A 342 -3.16 -30.96 31.85
N GLU A 343 -3.26 -31.05 30.53
CA GLU A 343 -4.01 -32.12 29.83
C GLU A 343 -3.60 -33.54 30.24
N ARG A 344 -2.31 -33.75 30.46
CA ARG A 344 -1.73 -35.06 30.77
C ARG A 344 -1.50 -35.30 32.29
N GLY A 345 -2.08 -34.44 33.12
CA GLY A 345 -1.98 -34.57 34.57
C GLY A 345 -0.58 -34.38 35.13
N LEU A 346 0.23 -33.59 34.42
CA LEU A 346 1.65 -33.48 34.75
C LEU A 346 2.04 -32.27 35.60
N VAL A 347 1.05 -31.50 36.03
CA VAL A 347 1.27 -30.36 36.92
C VAL A 347 1.21 -30.82 38.39
N ARG A 348 2.37 -31.14 38.95
CA ARG A 348 2.49 -31.60 40.34
C ARG A 348 3.94 -31.57 40.76
N PRO A 349 4.22 -31.44 42.08
CA PRO A 349 5.59 -31.40 42.59
C PRO A 349 6.44 -32.63 42.23
N THR A 350 7.75 -32.42 42.12
CA THR A 350 8.72 -33.47 41.86
C THR A 350 9.41 -33.84 43.17
N ALA A 351 9.33 -35.11 43.55
CA ALA A 351 9.85 -35.61 44.84
C ALA A 351 11.31 -35.27 45.10
N GLU A 352 12.17 -35.65 44.16
CA GLU A 352 13.62 -35.64 44.30
C GLU A 352 14.22 -34.52 43.44
N LEU A 353 14.97 -33.61 44.09
CA LEU A 353 15.48 -32.39 43.43
C LEU A 353 16.73 -32.63 42.56
N LYS A 354 16.60 -32.32 41.26
CA LYS A 354 17.65 -32.66 40.29
C LYS A 354 18.43 -31.47 39.75
N PHE A 355 18.20 -30.30 40.33
CA PHE A 355 18.87 -29.10 39.87
C PHE A 355 19.56 -28.38 41.01
N GLU A 356 20.81 -28.02 40.78
CA GLU A 356 21.67 -27.49 41.81
C GLU A 356 21.14 -26.15 42.27
N LEU A 357 21.15 -25.94 43.58
CA LEU A 357 20.78 -24.65 44.17
C LEU A 357 22.04 -23.82 44.28
N LYS A 358 22.02 -22.66 43.63
CA LYS A 358 23.20 -21.82 43.52
C LYS A 358 23.30 -20.88 44.71
N GLY B 2 41.34 10.77 -27.05
CA GLY B 2 40.53 9.91 -26.13
C GLY B 2 39.16 9.56 -26.69
N TYR B 3 38.21 9.32 -25.80
CA TYR B 3 36.92 8.72 -26.13
C TYR B 3 35.71 9.64 -25.92
N THR B 4 34.69 9.42 -26.75
CA THR B 4 33.35 9.95 -26.49
C THR B 4 32.56 8.85 -25.77
N VAL B 5 32.22 9.13 -24.52
CA VAL B 5 31.51 8.18 -23.68
C VAL B 5 30.04 8.61 -23.53
N ALA B 6 29.12 7.65 -23.64
CA ALA B 6 27.70 7.88 -23.37
C ALA B 6 27.22 7.03 -22.20
N VAL B 7 26.60 7.69 -21.22
CA VAL B 7 25.92 7.01 -20.11
C VAL B 7 24.41 7.03 -20.37
N VAL B 8 23.85 5.86 -20.69
CA VAL B 8 22.44 5.71 -20.98
C VAL B 8 21.75 5.30 -19.70
N GLY B 9 20.83 6.14 -19.23
CA GLY B 9 20.21 5.99 -17.92
C GLY B 9 21.03 6.61 -16.81
N ALA B 10 21.59 7.80 -17.06
CA ALA B 10 22.45 8.48 -16.09
C ALA B 10 21.72 9.11 -14.89
N THR B 11 20.39 9.09 -14.90
CA THR B 11 19.61 9.71 -13.81
C THR B 11 19.20 8.74 -12.69
N GLY B 12 19.21 7.45 -12.99
CA GLY B 12 18.82 6.42 -12.04
C GLY B 12 19.91 6.04 -11.06
N ALA B 13 19.64 5.01 -10.27
CA ALA B 13 20.54 4.61 -9.19
C ALA B 13 21.92 4.13 -9.65
N VAL B 14 21.95 3.28 -10.68
CA VAL B 14 23.21 2.84 -11.30
C VAL B 14 23.89 4.00 -12.06
N GLY B 15 23.11 4.76 -12.82
CA GLY B 15 23.60 5.93 -13.57
C GLY B 15 24.40 6.92 -12.72
N ALA B 16 23.89 7.23 -11.53
CA ALA B 16 24.55 8.20 -10.67
C ALA B 16 25.97 7.75 -10.31
N GLN B 17 26.12 6.46 -10.03
CA GLN B 17 27.39 5.86 -9.66
C GLN B 17 28.30 5.65 -10.86
N MET B 18 27.71 5.40 -12.02
CA MET B 18 28.45 5.37 -13.28
C MET B 18 29.20 6.68 -13.53
N ILE B 19 28.53 7.80 -13.28
CA ILE B 19 29.17 9.12 -13.30
C ILE B 19 30.36 9.20 -12.34
N LYS B 20 30.13 8.86 -11.07
CA LYS B 20 31.17 8.83 -10.04
C LYS B 20 32.40 7.99 -10.43
N MET B 21 32.17 6.77 -10.90
CA MET B 21 33.24 5.87 -11.32
C MET B 21 34.01 6.36 -12.55
N LEU B 22 33.32 7.00 -13.50
CA LEU B 22 33.96 7.58 -14.69
C LEU B 22 34.82 8.79 -14.35
N GLU B 23 34.29 9.64 -13.46
CA GLU B 23 35.03 10.81 -12.98
C GLU B 23 36.41 10.41 -12.49
N GLU B 24 36.50 9.21 -11.95
CA GLU B 24 37.74 8.71 -11.35
C GLU B 24 38.47 7.63 -12.17
N SER B 25 37.96 7.31 -13.35
CA SER B 25 38.54 6.24 -14.17
C SER B 25 39.87 6.59 -14.87
N THR B 26 40.58 5.56 -15.32
CA THR B 26 41.76 5.72 -16.16
C THR B 26 41.38 5.82 -17.65
N LEU B 27 40.09 5.79 -17.95
CA LEU B 27 39.57 6.02 -19.30
C LEU B 27 39.85 7.45 -19.73
N PRO B 28 40.56 7.63 -20.86
CA PRO B 28 40.70 8.96 -21.48
C PRO B 28 39.40 9.42 -22.13
N ILE B 29 38.73 10.37 -21.49
CA ILE B 29 37.41 10.83 -21.89
C ILE B 29 37.54 12.25 -22.44
N ASP B 30 37.38 12.37 -23.74
CA ASP B 30 37.41 13.68 -24.40
C ASP B 30 36.04 14.34 -24.34
N LYS B 31 35.00 13.54 -24.58
CA LYS B 31 33.62 13.99 -24.53
C LYS B 31 32.74 13.02 -23.73
N ILE B 32 31.81 13.58 -22.98
CA ILE B 32 30.86 12.77 -22.23
C ILE B 32 29.43 13.22 -22.49
N ARG B 33 28.55 12.23 -22.64
CA ARG B 33 27.15 12.47 -22.90
C ARG B 33 26.30 11.67 -21.92
N TYR B 34 25.22 12.30 -21.45
CA TYR B 34 24.26 11.67 -20.56
C TYR B 34 22.93 11.48 -21.28
N LEU B 35 22.55 10.23 -21.49
CA LEU B 35 21.32 9.88 -22.19
C LEU B 35 20.30 9.27 -21.24
N ALA B 36 19.04 9.66 -21.37
CA ALA B 36 17.97 9.11 -20.55
C ALA B 36 16.67 9.28 -21.30
N SER B 37 15.55 9.36 -20.57
CA SER B 37 14.26 9.48 -21.22
C SER B 37 13.88 10.94 -21.48
N ALA B 38 12.79 11.10 -22.22
CA ALA B 38 12.26 12.42 -22.58
C ALA B 38 11.95 13.29 -21.36
N ARG B 39 11.65 12.64 -20.24
CA ARG B 39 11.37 13.32 -18.96
C ARG B 39 12.62 13.97 -18.30
N SER B 40 13.81 13.48 -18.65
CA SER B 40 15.07 14.04 -18.17
C SER B 40 15.78 14.98 -19.17
N ALA B 41 15.45 14.86 -20.45
CA ALA B 41 16.01 15.74 -21.50
C ALA B 41 15.90 17.22 -21.15
N GLY B 42 17.01 17.95 -21.26
CA GLY B 42 17.04 19.37 -20.93
C GLY B 42 17.75 19.64 -19.61
N LYS B 43 17.36 18.89 -18.59
CA LYS B 43 17.95 18.98 -17.26
C LYS B 43 19.47 18.74 -17.28
N SER B 44 20.16 19.18 -16.22
CA SER B 44 21.61 19.21 -16.22
C SER B 44 22.24 18.42 -15.07
N LEU B 45 23.35 17.76 -15.37
CA LEU B 45 24.11 16.97 -14.39
C LEU B 45 25.62 17.28 -14.48
N LYS B 46 26.29 17.27 -13.33
CA LYS B 46 27.73 17.49 -13.29
C LYS B 46 28.53 16.29 -13.79
N PHE B 47 29.51 16.55 -14.65
CA PHE B 47 30.65 15.66 -14.79
C PHE B 47 31.85 16.44 -14.28
N LYS B 48 32.26 16.15 -13.05
CA LYS B 48 33.26 16.94 -12.33
C LYS B 48 32.77 18.39 -12.19
N ASP B 49 33.48 19.34 -12.81
CA ASP B 49 33.04 20.73 -12.78
C ASP B 49 32.14 21.16 -13.96
N GLN B 50 32.18 20.41 -15.05
CA GLN B 50 31.39 20.74 -16.23
C GLN B 50 29.91 20.37 -16.07
N ASP B 51 29.04 21.24 -16.58
CA ASP B 51 27.60 20.99 -16.66
C ASP B 51 27.34 20.22 -17.94
N ILE B 52 26.57 19.15 -17.84
CA ILE B 52 26.22 18.31 -18.98
C ILE B 52 24.70 18.22 -19.09
N THR B 53 24.18 18.56 -20.26
CA THR B 53 22.76 18.52 -20.53
C THR B 53 22.31 17.12 -20.99
N ILE B 54 21.31 16.59 -20.28
CA ILE B 54 20.71 15.29 -20.62
C ILE B 54 19.96 15.32 -21.95
N GLU B 55 20.33 14.38 -22.82
CA GLU B 55 19.69 14.19 -24.11
C GLU B 55 18.70 13.05 -24.02
N GLU B 56 17.69 13.05 -24.89
CA GLU B 56 16.81 11.90 -25.01
C GLU B 56 17.50 10.74 -25.75
N THR B 57 17.22 9.52 -25.31
CA THR B 57 17.75 8.32 -25.94
C THR B 57 17.00 8.12 -27.27
N THR B 58 17.69 8.42 -28.37
CA THR B 58 17.13 8.23 -29.73
C THR B 58 17.99 7.35 -30.63
N GLU B 59 17.49 7.11 -31.84
CA GLU B 59 18.14 6.27 -32.85
C GLU B 59 19.51 6.76 -33.24
N THR B 60 19.63 8.08 -33.45
CA THR B 60 20.87 8.71 -33.93
C THR B 60 21.59 9.47 -32.81
N ALA B 61 21.35 9.09 -31.56
CA ALA B 61 22.07 9.67 -30.45
C ALA B 61 23.51 9.14 -30.40
N PHE B 62 23.74 7.97 -30.99
CA PHE B 62 25.00 7.28 -30.85
C PHE B 62 26.01 7.56 -31.96
N GLU B 63 25.78 8.61 -32.73
CA GLU B 63 26.73 8.97 -33.79
C GLU B 63 27.94 9.66 -33.16
N GLY B 64 29.12 9.09 -33.39
CA GLY B 64 30.36 9.62 -32.80
C GLY B 64 30.72 9.11 -31.41
N VAL B 65 29.86 8.26 -30.85
CA VAL B 65 30.17 7.65 -29.56
C VAL B 65 31.12 6.46 -29.74
N ASP B 66 32.14 6.42 -28.88
CA ASP B 66 33.08 5.30 -28.84
C ASP B 66 32.53 4.21 -27.91
N ILE B 67 32.25 4.59 -26.67
CA ILE B 67 31.73 3.68 -25.66
C ILE B 67 30.39 4.15 -25.08
N ALA B 68 29.45 3.22 -24.97
CA ALA B 68 28.17 3.45 -24.31
C ALA B 68 27.96 2.44 -23.15
N LEU B 69 27.77 2.97 -21.95
CA LEU B 69 27.38 2.18 -20.80
C LEU B 69 25.87 2.29 -20.62
N PHE B 70 25.19 1.18 -20.85
CA PHE B 70 23.74 1.12 -20.73
C PHE B 70 23.36 0.73 -19.31
N SER B 71 22.57 1.58 -18.66
CA SER B 71 21.96 1.23 -17.39
C SER B 71 20.50 1.71 -17.29
N ALA B 72 19.69 1.33 -18.29
CA ALA B 72 18.34 1.94 -18.48
C ALA B 72 17.15 0.99 -18.72
N GLY B 73 17.24 -0.25 -18.29
CA GLY B 73 16.16 -1.21 -18.49
C GLY B 73 16.41 -2.08 -19.70
N SER B 74 16.17 -3.39 -19.56
CA SER B 74 16.48 -4.34 -20.64
C SER B 74 15.74 -3.98 -21.91
N SER B 75 14.55 -3.42 -21.75
CA SER B 75 13.76 -2.89 -22.85
C SER B 75 14.57 -1.87 -23.68
N THR B 76 15.23 -0.94 -23.00
CA THR B 76 15.97 0.15 -23.63
C THR B 76 17.23 -0.36 -24.28
N SER B 77 17.82 -1.40 -23.68
CA SER B 77 19.00 -2.05 -24.27
C SER B 77 18.59 -2.89 -25.49
N ALA B 78 17.45 -3.57 -25.43
CA ALA B 78 16.92 -4.32 -26.57
C ALA B 78 16.67 -3.43 -27.79
N LYS B 79 16.26 -2.19 -27.54
CA LYS B 79 15.92 -1.26 -28.62
C LYS B 79 17.11 -0.54 -29.20
N TYR B 80 17.96 0.04 -28.33
CA TYR B 80 19.01 0.98 -28.74
C TYR B 80 20.40 0.43 -28.93
N ALA B 81 20.75 -0.61 -28.18
CA ALA B 81 22.07 -1.23 -28.28
C ALA B 81 22.43 -1.67 -29.71
N PRO B 82 21.48 -2.30 -30.45
CA PRO B 82 21.70 -2.56 -31.87
C PRO B 82 22.06 -1.33 -32.72
N TYR B 83 21.38 -0.20 -32.50
CA TYR B 83 21.69 1.05 -33.22
C TYR B 83 23.02 1.64 -32.78
N ALA B 84 23.33 1.48 -31.51
CA ALA B 84 24.64 1.89 -30.99
C ALA B 84 25.73 1.09 -31.69
N VAL B 85 25.63 -0.24 -31.65
CA VAL B 85 26.59 -1.11 -32.31
C VAL B 85 26.76 -0.79 -33.81
N LYS B 86 25.64 -0.63 -34.52
CA LYS B 86 25.66 -0.22 -35.94
C LYS B 86 26.40 1.11 -36.11
N ALA B 87 26.13 2.06 -35.21
CA ALA B 87 26.83 3.35 -35.21
C ALA B 87 28.32 3.22 -34.88
N GLY B 88 28.77 2.00 -34.60
CA GLY B 88 30.19 1.70 -34.39
C GLY B 88 30.61 1.84 -32.94
N VAL B 89 29.67 1.67 -32.02
CA VAL B 89 29.92 1.80 -30.59
C VAL B 89 30.24 0.44 -29.95
N VAL B 90 31.04 0.46 -28.88
CA VAL B 90 31.20 -0.70 -28.02
C VAL B 90 30.25 -0.50 -26.83
N VAL B 91 29.38 -1.47 -26.60
CA VAL B 91 28.33 -1.33 -25.59
C VAL B 91 28.66 -2.23 -24.43
N VAL B 92 28.67 -1.64 -23.22
CA VAL B 92 28.76 -2.40 -21.99
C VAL B 92 27.38 -2.32 -21.35
N ASP B 93 26.65 -3.43 -21.44
CA ASP B 93 25.25 -3.47 -21.02
C ASP B 93 25.08 -4.02 -19.62
N ASN B 94 24.44 -3.21 -18.79
CA ASN B 94 24.20 -3.50 -17.40
C ASN B 94 22.72 -3.82 -17.22
N THR B 95 22.20 -4.69 -18.08
CA THR B 95 20.84 -5.20 -17.97
C THR B 95 20.86 -6.71 -18.24
N SER B 96 19.73 -7.36 -18.08
CA SER B 96 19.64 -8.83 -18.22
C SER B 96 19.33 -9.33 -19.65
N TYR B 97 19.08 -8.40 -20.57
CA TYR B 97 18.71 -8.74 -21.94
C TYR B 97 19.71 -9.62 -22.71
N PHE B 98 21.00 -9.28 -22.69
CA PHE B 98 21.96 -10.02 -23.52
C PHE B 98 22.73 -11.12 -22.78
N ARG B 99 22.28 -11.46 -21.58
CA ARG B 99 23.06 -12.34 -20.68
C ARG B 99 23.14 -13.83 -21.04
N GLN B 100 22.23 -14.34 -21.85
CA GLN B 100 22.41 -15.72 -22.28
C GLN B 100 22.56 -15.86 -23.79
N ASN B 101 23.13 -14.82 -24.41
CA ASN B 101 23.49 -14.85 -25.82
C ASN B 101 24.92 -15.34 -25.91
N PRO B 102 25.15 -16.47 -26.61
CA PRO B 102 26.52 -16.99 -26.70
C PRO B 102 27.51 -16.02 -27.37
N ASP B 103 27.02 -15.01 -28.10
CA ASP B 103 27.89 -14.08 -28.81
C ASP B 103 28.23 -12.86 -27.98
N VAL B 104 27.75 -12.84 -26.74
CA VAL B 104 27.94 -11.70 -25.85
C VAL B 104 28.69 -12.19 -24.60
N PRO B 105 29.95 -11.74 -24.43
CA PRO B 105 30.72 -12.04 -23.23
C PRO B 105 30.04 -11.48 -21.98
N LEU B 106 30.12 -12.24 -20.90
CA LEU B 106 29.51 -11.94 -19.59
C LEU B 106 30.65 -11.94 -18.59
N VAL B 107 31.02 -10.75 -18.15
CA VAL B 107 32.37 -10.54 -17.67
C VAL B 107 32.47 -9.90 -16.29
N VAL B 108 33.26 -10.55 -15.46
CA VAL B 108 33.82 -10.00 -14.26
C VAL B 108 35.33 -9.95 -14.58
N PRO B 109 35.89 -8.75 -14.77
CA PRO B 109 37.31 -8.62 -15.18
C PRO B 109 38.34 -9.44 -14.38
N GLU B 110 38.05 -9.70 -13.10
CA GLU B 110 38.95 -10.44 -12.20
C GLU B 110 38.85 -11.95 -12.41
N VAL B 111 37.82 -12.38 -13.14
CA VAL B 111 37.53 -13.80 -13.27
C VAL B 111 37.72 -14.24 -14.73
N ASN B 112 37.02 -13.59 -15.66
CA ASN B 112 37.02 -14.01 -17.06
C ASN B 112 37.27 -12.86 -18.05
N ALA B 113 38.29 -12.05 -17.76
CA ALA B 113 38.69 -10.96 -18.64
C ALA B 113 38.90 -11.44 -20.07
N HIS B 114 39.44 -12.65 -20.21
CA HIS B 114 39.79 -13.23 -21.53
C HIS B 114 38.61 -13.26 -22.51
N ALA B 115 37.40 -13.35 -21.96
CA ALA B 115 36.15 -13.44 -22.73
C ALA B 115 35.86 -12.18 -23.52
N LEU B 116 36.48 -11.06 -23.14
CA LEU B 116 36.30 -9.78 -23.84
C LEU B 116 36.89 -9.78 -25.25
N ASP B 117 37.99 -10.51 -25.43
CA ASP B 117 38.71 -10.57 -26.72
C ASP B 117 37.83 -10.92 -27.93
N ALA B 118 36.87 -11.82 -27.73
CA ALA B 118 35.94 -12.19 -28.81
C ALA B 118 34.62 -11.41 -28.84
N HIS B 119 34.64 -10.13 -28.46
CA HIS B 119 33.37 -9.38 -28.38
C HIS B 119 32.88 -8.88 -29.75
N ASN B 120 31.56 -8.88 -29.93
CA ASN B 120 30.94 -8.40 -31.18
C ASN B 120 30.17 -7.08 -30.96
N GLY B 121 30.74 -6.24 -30.09
CA GLY B 121 30.25 -4.88 -29.88
C GLY B 121 29.43 -4.73 -28.62
N ILE B 122 29.06 -5.86 -28.01
CA ILE B 122 28.24 -5.87 -26.79
C ILE B 122 28.86 -6.79 -25.77
N ILE B 123 29.13 -6.22 -24.61
CA ILE B 123 29.64 -6.97 -23.48
C ILE B 123 28.63 -6.81 -22.35
N ALA B 124 28.31 -7.90 -21.68
CA ALA B 124 27.26 -7.89 -20.66
C ALA B 124 27.86 -7.90 -19.27
N CYS B 125 27.51 -6.90 -18.50
CA CYS B 125 27.82 -6.85 -17.08
C CYS B 125 26.84 -7.78 -16.35
N PRO B 126 27.38 -8.76 -15.59
CA PRO B 126 26.55 -9.74 -14.88
C PRO B 126 25.66 -9.19 -13.77
N ASN B 127 24.70 -10.02 -13.36
CA ASN B 127 23.85 -9.76 -12.21
C ASN B 127 24.68 -9.42 -10.97
N CYS B 128 24.28 -8.39 -10.25
CA CYS B 128 25.01 -7.94 -9.05
C CYS B 128 25.31 -9.03 -8.00
N SER B 129 24.29 -9.79 -7.60
CA SER B 129 24.42 -10.85 -6.61
C SER B 129 25.47 -11.86 -7.07
N THR B 130 25.45 -12.18 -8.37
CA THR B 130 26.38 -13.12 -8.97
C THR B 130 27.80 -12.59 -9.01
N ILE B 131 27.96 -11.33 -9.41
CA ILE B 131 29.29 -10.69 -9.43
C ILE B 131 30.06 -10.88 -8.12
N GLN B 132 29.42 -10.56 -6.99
CA GLN B 132 30.13 -10.57 -5.71
C GLN B 132 30.47 -11.99 -5.26
N MET B 133 29.62 -12.95 -5.65
CA MET B 133 29.80 -14.37 -5.35
C MET B 133 31.00 -14.91 -6.14
N MET B 134 31.14 -14.47 -7.39
CA MET B 134 32.27 -14.83 -8.25
C MET B 134 33.60 -14.28 -7.76
N VAL B 135 33.60 -13.03 -7.32
CA VAL B 135 34.82 -12.45 -6.78
C VAL B 135 35.30 -13.27 -5.57
N ALA B 136 34.37 -13.59 -4.66
CA ALA B 136 34.70 -14.37 -3.46
C ALA B 136 35.10 -15.80 -3.76
N LEU B 137 34.47 -16.41 -4.76
CA LEU B 137 34.63 -17.85 -4.95
C LEU B 137 35.76 -18.27 -5.88
N GLU B 138 36.04 -17.47 -6.90
CA GLU B 138 37.11 -17.74 -7.87
C GLU B 138 38.46 -18.18 -7.27
N PRO B 139 39.00 -17.43 -6.29
CA PRO B 139 40.26 -17.84 -5.65
C PRO B 139 40.18 -19.19 -4.91
N VAL B 140 38.97 -19.59 -4.53
CA VAL B 140 38.73 -20.90 -3.95
C VAL B 140 38.64 -21.97 -5.05
N ARG B 141 37.87 -21.72 -6.10
CA ARG B 141 37.82 -22.67 -7.22
C ARG B 141 39.24 -22.95 -7.71
N GLN B 142 39.99 -21.89 -8.02
CA GLN B 142 41.35 -21.98 -8.56
C GLN B 142 42.19 -23.02 -7.84
N LYS B 143 42.11 -23.05 -6.51
CA LYS B 143 42.97 -23.91 -5.69
C LYS B 143 42.41 -25.29 -5.28
N TRP B 144 41.11 -25.38 -5.01
CA TRP B 144 40.50 -26.65 -4.57
C TRP B 144 39.24 -27.07 -5.33
N GLY B 145 38.89 -26.32 -6.38
CA GLY B 145 37.71 -26.63 -7.18
C GLY B 145 36.39 -26.27 -6.52
N LEU B 146 35.32 -26.39 -7.30
CA LEU B 146 33.96 -26.11 -6.85
C LEU B 146 33.07 -27.21 -7.37
N ASP B 147 32.41 -27.93 -6.46
CA ASP B 147 31.44 -28.97 -6.83
C ASP B 147 30.05 -28.37 -6.79
N ARG B 148 29.70 -27.71 -5.68
CA ARG B 148 28.39 -27.09 -5.55
C ARG B 148 28.38 -25.77 -4.76
N ILE B 149 27.38 -24.94 -5.06
CA ILE B 149 27.13 -23.69 -4.34
C ILE B 149 25.65 -23.67 -3.90
N ILE B 150 25.43 -23.36 -2.63
CA ILE B 150 24.08 -23.06 -2.15
C ILE B 150 24.15 -21.69 -1.54
N VAL B 151 23.31 -20.78 -2.03
CA VAL B 151 23.38 -19.38 -1.60
C VAL B 151 22.03 -18.81 -1.18
N SER B 152 22.00 -18.16 -0.01
CA SER B 152 20.84 -17.36 0.38
C SER B 152 21.23 -15.89 0.45
N THR B 153 20.51 -15.07 -0.30
CA THR B 153 20.84 -13.65 -0.42
C THR B 153 19.96 -12.75 0.45
N TYR B 154 20.59 -11.65 0.86
CA TYR B 154 20.00 -10.62 1.70
C TYR B 154 20.21 -9.32 0.95
N GLN B 155 19.26 -9.01 0.10
CA GLN B 155 19.47 -8.01 -0.94
C GLN B 155 18.84 -6.66 -0.59
N ALA B 156 19.61 -5.60 -0.84
CA ALA B 156 19.20 -4.23 -0.60
C ALA B 156 18.24 -3.73 -1.67
N VAL B 157 17.37 -2.80 -1.26
CA VAL B 157 16.31 -2.32 -2.16
C VAL B 157 16.82 -1.47 -3.34
N SER B 158 18.06 -1.00 -3.27
CA SER B 158 18.62 -0.14 -4.31
C SER B 158 18.85 -0.90 -5.60
N GLY B 159 18.93 -2.23 -5.48
CA GLY B 159 19.04 -3.12 -6.64
C GLY B 159 17.85 -3.07 -7.59
N ALA B 160 16.69 -2.69 -7.04
CA ALA B 160 15.45 -2.57 -7.81
C ALA B 160 15.14 -1.11 -8.22
N GLY B 161 16.13 -0.22 -8.07
CA GLY B 161 16.05 1.14 -8.61
C GLY B 161 15.88 2.28 -7.61
N MET B 162 15.90 3.51 -8.10
CA MET B 162 15.71 4.69 -7.24
C MET B 162 14.34 4.75 -6.55
N GLY B 163 13.31 4.28 -7.25
CA GLY B 163 11.94 4.39 -6.79
C GLY B 163 11.65 3.40 -5.69
N ALA B 164 12.37 2.26 -5.70
CA ALA B 164 12.33 1.28 -4.62
C ALA B 164 12.92 1.86 -3.35
N ILE B 165 14.00 2.65 -3.49
CA ILE B 165 14.61 3.36 -2.35
C ILE B 165 13.58 4.26 -1.68
N LEU B 166 12.92 5.09 -2.48
CA LEU B 166 11.96 6.08 -2.00
C LEU B 166 10.71 5.43 -1.45
N GLU B 167 10.28 4.33 -2.07
CA GLU B 167 9.18 3.53 -1.52
C GLU B 167 9.55 2.99 -0.16
N THR B 168 10.77 2.47 -0.03
CA THR B 168 11.25 1.90 1.23
C THR B 168 11.33 2.95 2.36
N GLN B 169 11.94 4.11 2.07
CA GLN B 169 12.05 5.21 3.05
C GLN B 169 10.69 5.72 3.56
N ARG B 170 9.73 5.97 2.67
CA ARG B 170 8.42 6.46 3.13
C ARG B 170 7.55 5.43 3.83
N GLU B 171 7.64 4.16 3.41
CA GLU B 171 7.03 3.05 4.15
C GLU B 171 7.52 2.98 5.61
N LEU B 172 8.84 3.03 5.80
CA LEU B 172 9.48 3.06 7.12
C LEU B 172 9.03 4.26 7.92
N ARG B 173 9.09 5.43 7.31
CA ARG B 173 8.58 6.65 7.92
C ARG B 173 7.11 6.53 8.33
N GLU B 174 6.25 5.95 7.50
CA GLU B 174 4.84 5.82 7.89
C GLU B 174 4.63 4.92 9.10
N VAL B 175 5.43 3.87 9.22
CA VAL B 175 5.33 2.97 10.36
C VAL B 175 5.83 3.70 11.61
N LEU B 176 7.02 4.28 11.51
CA LEU B 176 7.67 4.92 12.65
C LEU B 176 7.05 6.25 13.01
N ASN B 177 6.66 7.02 12.00
CA ASN B 177 6.16 8.38 12.21
C ASN B 177 4.63 8.47 12.37
N ASP B 178 3.87 7.67 11.59
CA ASP B 178 2.41 7.73 11.61
C ASP B 178 1.77 6.58 12.41
N GLY B 179 2.57 5.61 12.82
CA GLY B 179 2.05 4.48 13.60
C GLY B 179 1.31 3.44 12.79
N VAL B 180 1.59 3.39 11.48
CA VAL B 180 0.96 2.44 10.57
C VAL B 180 1.49 1.03 10.82
N LYS B 181 0.59 0.04 10.78
CA LYS B 181 0.98 -1.37 10.85
C LYS B 181 1.59 -1.77 9.51
N PRO B 182 2.77 -2.42 9.52
CA PRO B 182 3.42 -2.83 8.28
C PRO B 182 2.54 -3.60 7.28
N CYS B 183 1.73 -4.55 7.74
CA CYS B 183 0.78 -5.26 6.85
C CYS B 183 -0.35 -4.37 6.33
N ASP B 184 -0.46 -3.14 6.84
CA ASP B 184 -1.46 -2.19 6.36
C ASP B 184 -0.89 -1.16 5.38
N LEU B 185 0.37 -1.31 5.01
CA LEU B 185 1.03 -0.36 4.12
C LEU B 185 0.65 -0.61 2.66
N HIS B 186 0.78 0.42 1.82
CA HIS B 186 0.51 0.27 0.40
C HIS B 186 1.82 0.31 -0.37
N ALA B 187 2.07 -0.73 -1.14
CA ALA B 187 3.27 -0.82 -1.95
C ALA B 187 2.93 -0.74 -3.44
N GLU B 188 3.88 -0.23 -4.22
CA GLU B 188 3.69 -0.11 -5.69
C GLU B 188 4.82 -0.70 -6.55
N ILE B 189 6.00 -0.93 -5.95
CA ILE B 189 7.16 -1.39 -6.72
C ILE B 189 7.63 -2.80 -6.34
N LEU B 190 7.96 -3.00 -5.06
CA LEU B 190 8.51 -4.29 -4.62
C LEU B 190 7.40 -5.28 -4.29
N PRO B 191 7.70 -6.60 -4.39
CA PRO B 191 8.98 -7.22 -4.77
C PRO B 191 9.52 -6.89 -6.18
N SER B 192 8.66 -6.88 -7.18
CA SER B 192 9.09 -6.63 -8.56
C SER B 192 8.06 -5.75 -9.24
N GLY B 193 8.53 -4.68 -9.89
CA GLY B 193 7.66 -3.78 -10.64
C GLY B 193 6.79 -4.50 -11.66
N GLY B 194 7.41 -5.43 -12.38
CA GLY B 194 6.77 -6.16 -13.45
C GLY B 194 5.69 -7.15 -13.07
N ASP B 195 5.66 -7.56 -11.81
CA ASP B 195 4.69 -8.54 -11.37
C ASP B 195 3.36 -7.89 -10.92
N LYS B 196 2.32 -8.71 -10.69
CA LYS B 196 0.96 -8.19 -10.50
C LYS B 196 0.75 -7.61 -9.12
N LYS B 197 1.41 -8.19 -8.14
CA LYS B 197 1.19 -7.83 -6.76
C LYS B 197 2.47 -7.22 -6.18
N HIS B 198 2.27 -6.21 -5.34
CA HIS B 198 3.33 -5.56 -4.62
C HIS B 198 3.05 -5.65 -3.12
N TYR B 199 4.11 -5.77 -2.33
CA TYR B 199 4.01 -6.01 -0.90
C TYR B 199 4.93 -5.06 -0.19
N PRO B 200 4.55 -4.63 1.04
CA PRO B 200 5.52 -3.83 1.84
C PRO B 200 6.84 -4.53 2.15
N ILE B 201 7.91 -3.74 2.13
CA ILE B 201 9.26 -4.17 2.47
C ILE B 201 9.63 -3.67 3.88
N ALA B 202 8.98 -2.59 4.32
CA ALA B 202 9.20 -2.04 5.67
C ALA B 202 8.99 -3.11 6.72
N PHE B 203 10.05 -3.39 7.50
CA PHE B 203 10.05 -4.41 8.57
C PHE B 203 9.68 -5.83 8.09
N ASN B 204 10.13 -6.17 6.88
CA ASN B 204 9.71 -7.40 6.22
C ASN B 204 10.90 -8.03 5.50
N ALA B 205 10.75 -9.29 5.08
CA ALA B 205 11.70 -9.95 4.23
C ALA B 205 10.92 -10.64 3.11
N LEU B 206 11.14 -10.17 1.89
CA LEU B 206 10.44 -10.67 0.72
C LEU B 206 11.27 -11.69 -0.04
N PRO B 207 10.84 -12.96 0.00
CA PRO B 207 11.50 -14.05 -0.74
C PRO B 207 11.14 -14.03 -2.22
N GLN B 208 11.14 -12.84 -2.82
CA GLN B 208 10.93 -12.69 -4.26
C GLN B 208 11.74 -11.54 -4.81
N ILE B 209 12.64 -11.85 -5.73
CA ILE B 209 13.37 -10.84 -6.51
C ILE B 209 13.13 -11.24 -7.97
N ASP B 210 12.71 -10.28 -8.79
CA ASP B 210 12.25 -10.52 -10.18
C ASP B 210 10.99 -11.41 -10.18
N VAL B 211 10.64 -11.95 -11.34
CA VAL B 211 9.44 -12.79 -11.48
C VAL B 211 9.79 -14.27 -11.36
N PHE B 212 8.78 -15.10 -11.14
CA PHE B 212 8.97 -16.55 -11.05
C PHE B 212 9.20 -17.17 -12.43
N THR B 213 10.05 -18.21 -12.47
CA THR B 213 10.20 -19.02 -13.68
C THR B 213 9.32 -20.27 -13.61
N ASP B 214 9.36 -21.06 -14.68
CA ASP B 214 8.57 -22.29 -14.82
C ASP B 214 8.86 -23.33 -13.74
N ASN B 215 10.04 -23.25 -13.14
CA ASN B 215 10.48 -24.27 -12.21
C ASN B 215 10.37 -23.89 -10.73
N ASP B 216 9.62 -22.81 -10.46
CA ASP B 216 9.34 -22.29 -9.10
C ASP B 216 10.50 -21.52 -8.43
N TYR B 217 11.62 -21.40 -9.15
CA TYR B 217 12.69 -20.49 -8.76
C TYR B 217 12.45 -19.19 -9.52
N THR B 218 12.87 -18.06 -8.96
CA THR B 218 12.67 -16.78 -9.61
C THR B 218 13.75 -16.58 -10.65
N TYR B 219 13.56 -15.55 -11.47
CA TYR B 219 14.55 -15.18 -12.47
C TYR B 219 15.88 -14.76 -11.85
N GLU B 220 15.81 -14.14 -10.67
CA GLU B 220 17.02 -13.76 -9.92
C GLU B 220 17.82 -14.98 -9.44
N GLU B 221 17.11 -15.99 -8.94
CA GLU B 221 17.71 -17.24 -8.50
C GLU B 221 18.32 -18.00 -9.68
N MET B 222 17.61 -17.99 -10.81
CA MET B 222 18.07 -18.67 -12.03
C MET B 222 19.26 -17.99 -12.71
N LYS B 223 19.35 -16.67 -12.54
CA LYS B 223 20.49 -15.89 -13.03
C LYS B 223 21.74 -16.31 -12.29
N MET B 224 21.69 -16.32 -10.96
CA MET B 224 22.85 -16.69 -10.17
C MET B 224 23.38 -18.07 -10.55
N THR B 225 22.48 -18.96 -10.92
CA THR B 225 22.82 -20.31 -11.34
C THR B 225 23.48 -20.34 -12.71
N LYS B 226 22.79 -19.78 -13.70
CA LYS B 226 23.18 -19.78 -15.10
C LYS B 226 24.38 -18.88 -15.38
N GLU B 227 24.42 -17.73 -14.70
CA GLU B 227 25.47 -16.77 -14.90
C GLU B 227 26.77 -17.20 -14.21
N THR B 228 26.66 -17.94 -13.12
CA THR B 228 27.82 -18.59 -12.49
C THR B 228 28.45 -19.64 -13.41
N LYS B 229 27.61 -20.38 -14.15
CA LYS B 229 28.09 -21.42 -15.08
C LYS B 229 28.80 -20.84 -16.29
N LYS B 230 28.24 -19.74 -16.81
CA LYS B 230 28.79 -19.08 -17.98
C LYS B 230 30.08 -18.32 -17.62
N ILE B 231 30.08 -17.57 -16.52
CA ILE B 231 31.26 -16.78 -16.11
C ILE B 231 32.44 -17.67 -15.77
N MET B 232 32.17 -18.75 -15.01
CA MET B 232 33.19 -19.75 -14.70
C MET B 232 33.37 -20.81 -15.80
N GLU B 233 32.63 -20.68 -16.90
CA GLU B 233 32.74 -21.60 -18.07
C GLU B 233 32.78 -23.07 -17.64
N ASP B 234 31.85 -23.42 -16.75
CA ASP B 234 31.76 -24.76 -16.19
C ASP B 234 30.32 -25.08 -15.78
N ASP B 235 29.63 -25.84 -16.64
CA ASP B 235 28.24 -26.21 -16.40
C ASP B 235 28.09 -27.35 -15.38
N SER B 236 29.19 -27.97 -14.99
CA SER B 236 29.15 -29.08 -14.02
C SER B 236 29.01 -28.65 -12.54
N ILE B 237 29.22 -27.37 -12.26
CA ILE B 237 29.04 -26.85 -10.90
C ILE B 237 27.55 -26.72 -10.57
N ALA B 238 27.13 -27.40 -9.50
CA ALA B 238 25.76 -27.29 -9.00
C ALA B 238 25.56 -25.94 -8.28
N VAL B 239 24.59 -25.15 -8.74
CA VAL B 239 24.21 -23.89 -8.09
C VAL B 239 22.70 -23.79 -7.87
N SER B 240 22.28 -23.64 -6.62
CA SER B 240 20.88 -23.40 -6.30
C SER B 240 20.79 -22.23 -5.31
N ALA B 241 19.80 -21.35 -5.51
CA ALA B 241 19.75 -20.08 -4.77
C ALA B 241 18.38 -19.72 -4.22
N THR B 242 18.37 -18.99 -3.10
CA THR B 242 17.17 -18.33 -2.61
C THR B 242 17.44 -16.86 -2.43
N CYS B 243 16.68 -16.05 -3.17
CA CYS B 243 16.93 -14.61 -3.19
C CYS B 243 15.86 -13.84 -2.43
N VAL B 244 16.29 -13.02 -1.49
CA VAL B 244 15.38 -12.32 -0.59
C VAL B 244 15.67 -10.81 -0.53
N ARG B 245 14.61 -10.01 -0.63
CA ARG B 245 14.72 -8.57 -0.40
C ARG B 245 14.54 -8.17 1.09
N ILE B 246 15.50 -7.41 1.61
CA ILE B 246 15.44 -6.93 3.02
C ILE B 246 15.45 -5.40 3.13
N PRO B 247 14.99 -4.84 4.27
CA PRO B 247 14.98 -3.38 4.34
C PRO B 247 16.38 -2.75 4.50
N VAL B 248 17.32 -3.10 3.62
CA VAL B 248 18.63 -2.43 3.56
C VAL B 248 18.59 -1.58 2.31
N LEU B 249 19.06 -0.33 2.38
CA LEU B 249 19.00 0.58 1.23
C LEU B 249 20.04 0.19 0.19
N SER B 250 21.29 0.01 0.65
CA SER B 250 22.41 -0.34 -0.23
C SER B 250 23.39 -1.40 0.33
N ALA B 251 23.92 -2.20 -0.60
CA ALA B 251 24.81 -3.35 -0.37
C ALA B 251 24.05 -4.67 -0.23
N HIS B 252 24.37 -5.65 -1.09
CA HIS B 252 23.85 -7.02 -0.94
C HIS B 252 24.77 -7.89 -0.09
N SER B 253 24.15 -8.78 0.68
CA SER B 253 24.85 -9.69 1.58
C SER B 253 24.43 -11.12 1.21
N GLU B 254 25.34 -12.06 1.37
CA GLU B 254 25.06 -13.44 0.94
C GLU B 254 25.61 -14.40 1.94
N SER B 255 24.75 -15.34 2.34
CA SER B 255 25.18 -16.50 3.07
C SER B 255 25.49 -17.53 1.98
N VAL B 256 26.77 -17.83 1.81
CA VAL B 256 27.24 -18.71 0.72
C VAL B 256 27.72 -20.06 1.27
N TYR B 257 27.22 -21.15 0.71
CA TYR B 257 27.71 -22.48 1.07
C TYR B 257 28.33 -23.14 -0.15
N ILE B 258 29.55 -23.63 0.01
CA ILE B 258 30.20 -24.34 -1.06
C ILE B 258 30.73 -25.69 -0.61
N GLU B 259 30.73 -26.63 -1.55
CA GLU B 259 31.57 -27.83 -1.42
C GLU B 259 32.61 -27.77 -2.54
N THR B 260 33.87 -27.88 -2.16
CA THR B 260 35.00 -27.89 -3.06
C THR B 260 35.27 -29.32 -3.54
N LYS B 261 36.11 -29.47 -4.57
CA LYS B 261 36.51 -30.81 -5.04
C LYS B 261 37.49 -31.51 -4.09
N GLU B 262 38.31 -30.71 -3.41
CA GLU B 262 39.27 -31.19 -2.43
C GLU B 262 39.22 -30.32 -1.18
N VAL B 263 39.48 -30.94 -0.04
CA VAL B 263 39.48 -30.28 1.26
C VAL B 263 40.37 -29.03 1.24
N ALA B 264 39.75 -27.90 1.56
CA ALA B 264 40.42 -26.62 1.56
C ALA B 264 40.58 -26.23 3.01
N PRO B 265 41.83 -26.20 3.51
CA PRO B 265 41.95 -25.81 4.92
C PRO B 265 41.58 -24.36 5.07
N ILE B 266 40.83 -24.02 6.10
CA ILE B 266 40.29 -22.66 6.26
C ILE B 266 41.34 -21.55 6.25
N GLU B 267 42.42 -21.74 7.00
CA GLU B 267 43.55 -20.78 7.00
C GLU B 267 44.04 -20.42 5.58
N GLU B 268 44.16 -21.43 4.72
CA GLU B 268 44.54 -21.23 3.32
C GLU B 268 43.43 -20.59 2.49
N VAL B 269 42.18 -20.96 2.76
CA VAL B 269 41.03 -20.36 2.07
C VAL B 269 40.96 -18.88 2.40
N LYS B 270 41.06 -18.56 3.69
CA LYS B 270 41.13 -17.16 4.11
C LYS B 270 42.23 -16.41 3.34
N ALA B 271 43.39 -17.06 3.14
CA ALA B 271 44.57 -16.44 2.55
C ALA B 271 44.48 -16.23 1.05
N ALA B 272 43.77 -17.14 0.37
CA ALA B 272 43.55 -17.10 -1.07
C ALA B 272 42.55 -16.02 -1.45
N ILE B 273 41.56 -15.82 -0.59
CA ILE B 273 40.59 -14.75 -0.77
C ILE B 273 41.25 -13.39 -0.55
N ALA B 274 41.99 -13.25 0.55
CA ALA B 274 42.70 -11.99 0.86
C ALA B 274 43.61 -11.54 -0.27
N ALA B 275 44.28 -12.50 -0.91
CA ALA B 275 45.21 -12.24 -2.00
C ALA B 275 44.53 -11.99 -3.35
N PHE B 276 43.24 -12.34 -3.45
CA PHE B 276 42.51 -12.19 -4.69
C PHE B 276 42.03 -10.74 -4.89
N PRO B 277 42.37 -10.13 -6.06
CA PRO B 277 42.02 -8.75 -6.43
C PRO B 277 40.54 -8.51 -6.42
N GLY B 278 40.10 -7.48 -5.70
CA GLY B 278 38.69 -7.17 -5.64
C GLY B 278 38.01 -7.76 -4.44
N ALA B 279 38.69 -8.68 -3.77
CA ALA B 279 38.21 -9.29 -2.54
C ALA B 279 39.01 -8.85 -1.33
N VAL B 280 38.31 -8.46 -0.27
CA VAL B 280 38.93 -8.08 0.99
C VAL B 280 38.49 -9.09 2.07
N LEU B 281 39.45 -9.64 2.78
CA LEU B 281 39.16 -10.47 3.93
C LEU B 281 38.84 -9.59 5.14
N GLU B 282 37.60 -9.69 5.63
CA GLU B 282 37.17 -9.06 6.88
C GLU B 282 36.69 -10.20 7.76
N ASP B 283 37.61 -10.84 8.47
CA ASP B 283 37.30 -12.06 9.22
C ASP B 283 38.19 -12.18 10.46
N ASP B 284 37.68 -11.66 11.57
CA ASP B 284 38.37 -11.74 12.84
C ASP B 284 37.27 -11.78 13.92
N VAL B 285 36.72 -12.98 14.13
CA VAL B 285 35.56 -13.16 15.03
C VAL B 285 35.86 -12.86 16.50
N ALA B 286 37.16 -12.82 16.84
CA ALA B 286 37.59 -12.50 18.20
C ALA B 286 37.41 -11.02 18.55
N HIS B 287 37.37 -10.17 17.52
CA HIS B 287 37.05 -8.76 17.73
C HIS B 287 35.78 -8.39 16.99
N GLN B 288 34.96 -9.39 16.71
CA GLN B 288 33.67 -9.25 16.02
C GLN B 288 33.79 -8.62 14.64
N ILE B 289 34.78 -9.08 13.89
CA ILE B 289 35.00 -8.56 12.53
C ILE B 289 34.40 -9.49 11.49
N TYR B 290 33.48 -8.93 10.72
CA TYR B 290 32.83 -9.62 9.62
C TYR B 290 32.29 -8.51 8.72
N PRO B 291 32.06 -8.82 7.44
CA PRO B 291 31.54 -7.81 6.54
C PRO B 291 30.16 -7.34 6.97
N GLN B 292 29.90 -6.05 6.75
CA GLN B 292 28.63 -5.44 7.06
C GLN B 292 28.20 -4.57 5.91
N ALA B 293 26.94 -4.73 5.50
CA ALA B 293 26.32 -3.92 4.44
C ALA B 293 26.53 -2.40 4.59
N ILE B 294 26.43 -1.85 5.79
CA ILE B 294 26.64 -0.41 5.92
C ILE B 294 28.12 0.03 5.76
N ASN B 295 29.04 -0.90 5.97
CA ASN B 295 30.48 -0.63 5.79
C ASN B 295 30.95 -0.71 4.33
N ALA B 296 30.21 -1.43 3.50
CA ALA B 296 30.60 -1.76 2.13
C ALA B 296 30.16 -0.69 1.15
N VAL B 297 29.11 0.05 1.52
CA VAL B 297 28.57 1.12 0.69
C VAL B 297 29.69 2.11 0.43
N GLY B 298 29.81 2.56 -0.82
CA GLY B 298 30.88 3.49 -1.20
C GLY B 298 32.17 2.84 -1.63
N SER B 299 32.32 1.55 -1.34
CA SER B 299 33.55 0.81 -1.63
C SER B 299 33.40 -0.11 -2.83
N ARG B 300 34.48 -0.22 -3.61
CA ARG B 300 34.51 -1.02 -4.85
C ARG B 300 34.88 -2.48 -4.57
N ASP B 301 35.23 -2.79 -3.32
CA ASP B 301 35.66 -4.13 -2.95
C ASP B 301 34.50 -5.05 -2.53
N THR B 302 34.75 -6.34 -2.62
CA THR B 302 33.86 -7.36 -2.12
C THR B 302 34.48 -7.89 -0.84
N PHE B 303 33.70 -7.83 0.24
CA PHE B 303 34.19 -8.19 1.57
C PHE B 303 33.72 -9.60 1.91
N VAL B 304 34.63 -10.43 2.42
CA VAL B 304 34.32 -11.81 2.73
C VAL B 304 34.69 -12.07 4.18
N GLY B 305 33.81 -12.79 4.89
CA GLY B 305 34.11 -13.24 6.24
C GLY B 305 33.23 -14.40 6.68
N ARG B 306 33.10 -14.54 7.99
CA ARG B 306 32.41 -15.69 8.61
C ARG B 306 32.83 -17.04 8.00
N ILE B 307 34.07 -17.12 7.51
CA ILE B 307 34.58 -18.32 6.80
C ILE B 307 34.86 -19.42 7.83
N ARG B 308 34.20 -20.56 7.66
CA ARG B 308 34.30 -21.69 8.59
C ARG B 308 33.92 -22.98 7.88
N LYS B 309 34.47 -24.10 8.34
CA LYS B 309 34.13 -25.39 7.75
C LYS B 309 32.74 -25.82 8.18
N ASP B 310 32.07 -26.62 7.35
CA ASP B 310 30.77 -27.21 7.70
C ASP B 310 30.98 -28.14 8.87
N LEU B 311 29.98 -28.22 9.74
CA LEU B 311 30.08 -29.03 10.96
C LEU B 311 30.09 -30.54 10.68
N ASP B 312 29.82 -30.95 9.44
CA ASP B 312 29.72 -32.37 9.09
C ASP B 312 30.29 -32.78 7.70
N ALA B 313 30.02 -31.97 6.68
CA ALA B 313 30.48 -32.30 5.35
C ALA B 313 31.94 -31.88 5.17
N GLU B 314 32.78 -32.90 4.93
CA GLU B 314 34.24 -32.80 4.93
C GLU B 314 34.77 -31.61 4.12
N LYS B 315 34.14 -31.41 2.96
CA LYS B 315 34.57 -30.42 1.95
C LYS B 315 33.69 -29.16 1.92
N GLY B 316 32.79 -29.04 2.90
CA GLY B 316 31.85 -27.93 2.99
C GLY B 316 32.38 -26.72 3.73
N ILE B 317 32.09 -25.53 3.20
CA ILE B 317 32.50 -24.25 3.76
C ILE B 317 31.38 -23.21 3.68
N HIS B 318 31.09 -22.56 4.80
CA HIS B 318 30.14 -21.43 4.83
C HIS B 318 30.88 -20.09 4.87
N MET B 319 30.32 -19.08 4.19
CA MET B 319 30.82 -17.71 4.30
C MET B 319 29.72 -16.64 4.16
N TRP B 320 30.14 -15.41 4.47
CA TRP B 320 29.30 -14.22 4.39
C TRP B 320 30.04 -13.27 3.45
N VAL B 321 29.36 -12.87 2.39
CA VAL B 321 29.95 -12.08 1.32
C VAL B 321 29.09 -10.83 1.16
N VAL B 322 29.73 -9.65 1.24
CA VAL B 322 29.01 -8.39 1.14
C VAL B 322 29.63 -7.48 0.10
N SER B 323 28.77 -6.83 -0.70
CA SER B 323 29.24 -5.83 -1.65
C SER B 323 28.17 -4.82 -2.03
N ASP B 324 28.61 -3.60 -2.29
CA ASP B 324 27.76 -2.52 -2.81
C ASP B 324 27.25 -2.89 -4.20
N ASN B 325 25.94 -3.01 -4.32
CA ASN B 325 25.31 -3.53 -5.53
C ASN B 325 25.27 -2.49 -6.66
N LEU B 326 25.40 -1.21 -6.32
CA LEU B 326 25.52 -0.18 -7.34
C LEU B 326 26.97 0.01 -7.87
N LEU B 327 27.94 -0.47 -7.11
CA LEU B 327 29.36 -0.37 -7.47
C LEU B 327 29.94 -1.64 -8.14
N LYS B 328 30.60 -2.53 -7.39
CA LYS B 328 31.12 -3.77 -7.99
C LYS B 328 30.02 -4.62 -8.62
N GLY B 329 28.83 -4.60 -8.02
CA GLY B 329 27.66 -5.23 -8.66
C GLY B 329 27.03 -4.52 -9.85
N ALA B 330 27.57 -3.36 -10.23
CA ALA B 330 27.01 -2.62 -11.37
C ALA B 330 27.96 -1.59 -12.03
N ALA B 331 27.91 -0.34 -11.55
CA ALA B 331 28.68 0.75 -12.16
C ALA B 331 30.19 0.53 -12.18
N TRP B 332 30.75 0.02 -11.08
CA TRP B 332 32.18 -0.23 -11.04
C TRP B 332 32.57 -1.40 -11.94
N ASN B 333 31.86 -2.52 -11.87
CA ASN B 333 32.13 -3.63 -12.80
C ASN B 333 32.06 -3.18 -14.27
N SER B 334 31.08 -2.34 -14.60
CA SER B 334 30.91 -1.81 -15.96
C SER B 334 32.05 -0.89 -16.40
N VAL B 335 32.42 0.05 -15.54
CA VAL B 335 33.59 0.90 -15.77
C VAL B 335 34.91 0.10 -15.82
N GLN B 336 35.04 -0.91 -14.96
CA GLN B 336 36.18 -1.80 -14.99
C GLN B 336 36.26 -2.56 -16.33
N ILE B 337 35.10 -3.01 -16.85
CA ILE B 337 35.01 -3.58 -18.22
C ILE B 337 35.44 -2.55 -19.29
N ALA B 338 34.97 -1.32 -19.16
CA ALA B 338 35.35 -0.24 -20.05
C ALA B 338 36.87 0.01 -20.10
N GLU B 339 37.49 0.02 -18.91
CA GLU B 339 38.91 0.27 -18.75
C GLU B 339 39.75 -0.86 -19.31
N THR B 340 39.28 -2.09 -19.15
CA THR B 340 39.97 -3.27 -19.67
C THR B 340 39.93 -3.28 -21.21
N LEU B 341 38.78 -2.94 -21.78
CA LEU B 341 38.62 -2.81 -23.24
C LEU B 341 39.57 -1.78 -23.84
N HIS B 342 39.79 -0.67 -23.12
CA HIS B 342 40.72 0.38 -23.55
C HIS B 342 42.15 -0.16 -23.51
N GLU B 343 42.51 -0.77 -22.38
CA GLU B 343 43.84 -1.30 -22.13
C GLU B 343 44.23 -2.43 -23.09
N ARG B 344 43.25 -3.21 -23.52
CA ARG B 344 43.48 -4.31 -24.45
C ARG B 344 43.34 -3.89 -25.90
N GLY B 345 43.05 -2.61 -26.12
CA GLY B 345 42.79 -2.08 -27.47
C GLY B 345 41.55 -2.63 -28.14
N LEU B 346 40.49 -2.79 -27.37
CA LEU B 346 39.25 -3.42 -27.87
C LEU B 346 38.13 -2.43 -28.17
N VAL B 347 38.38 -1.14 -27.95
CA VAL B 347 37.46 -0.07 -28.33
C VAL B 347 37.81 0.45 -29.74
N ARG B 348 37.03 0.00 -30.73
CA ARG B 348 37.14 0.55 -32.09
C ARG B 348 35.79 0.57 -32.84
N GLY C 2 -58.57 -8.24 -4.49
CA GLY C 2 -57.40 -7.95 -5.36
C GLY C 2 -56.87 -6.53 -5.17
N TYR C 3 -56.04 -6.10 -6.12
CA TYR C 3 -55.33 -4.86 -5.98
C TYR C 3 -55.79 -3.75 -6.93
N THR C 4 -55.61 -2.51 -6.46
CA THR C 4 -55.63 -1.37 -7.34
C THR C 4 -54.18 -1.11 -7.72
N VAL C 5 -53.92 -1.27 -9.01
CA VAL C 5 -52.59 -1.08 -9.57
C VAL C 5 -52.58 0.21 -10.38
N ALA C 6 -51.51 0.98 -10.20
CA ALA C 6 -51.27 2.16 -11.02
C ALA C 6 -49.93 2.00 -11.75
N VAL C 7 -49.97 2.25 -13.06
CA VAL C 7 -48.77 2.33 -13.89
C VAL C 7 -48.51 3.82 -14.16
N VAL C 8 -47.39 4.29 -13.62
CA VAL C 8 -46.97 5.68 -13.77
C VAL C 8 -45.98 5.76 -14.92
N GLY C 9 -46.35 6.52 -15.94
CA GLY C 9 -45.58 6.59 -17.18
C GLY C 9 -46.11 5.51 -18.11
N ALA C 10 -47.43 5.41 -18.17
CA ALA C 10 -48.10 4.40 -18.97
C ALA C 10 -47.89 4.59 -20.48
N THR C 11 -47.50 5.79 -20.90
CA THR C 11 -47.43 6.12 -22.34
C THR C 11 -46.06 6.02 -22.97
N GLY C 12 -45.04 5.66 -22.18
CA GLY C 12 -43.70 5.49 -22.72
C GLY C 12 -43.41 4.10 -23.26
N ALA C 13 -42.15 3.87 -23.65
CA ALA C 13 -41.69 2.58 -24.12
C ALA C 13 -41.79 1.47 -23.05
N VAL C 14 -41.33 1.74 -21.81
CA VAL C 14 -41.46 0.73 -20.74
C VAL C 14 -42.91 0.61 -20.28
N GLY C 15 -43.55 1.74 -19.99
CA GLY C 15 -44.96 1.82 -19.64
C GLY C 15 -45.89 1.01 -20.53
N ALA C 16 -45.62 1.00 -21.83
CA ALA C 16 -46.40 0.20 -22.78
C ALA C 16 -46.21 -1.31 -22.62
N GLN C 17 -44.98 -1.75 -22.34
CA GLN C 17 -44.74 -3.15 -22.04
C GLN C 17 -45.24 -3.51 -20.63
N MET C 18 -45.31 -2.53 -19.74
CA MET C 18 -45.83 -2.74 -18.39
C MET C 18 -47.30 -3.14 -18.45
N ILE C 19 -48.03 -2.53 -19.39
CA ILE C 19 -49.43 -2.87 -19.66
C ILE C 19 -49.55 -4.31 -20.18
N LYS C 20 -48.72 -4.67 -21.16
CA LYS C 20 -48.74 -6.01 -21.75
C LYS C 20 -48.45 -7.10 -20.72
N MET C 21 -47.48 -6.84 -19.86
CA MET C 21 -47.07 -7.79 -18.82
C MET C 21 -48.12 -7.94 -17.73
N LEU C 22 -48.86 -6.87 -17.43
CA LEU C 22 -49.91 -6.90 -16.39
C LEU C 22 -51.17 -7.62 -16.82
N GLU C 23 -51.52 -7.45 -18.10
CA GLU C 23 -52.63 -8.14 -18.76
C GLU C 23 -52.47 -9.66 -18.67
N GLU C 24 -51.24 -10.13 -18.85
CA GLU C 24 -50.95 -11.58 -18.72
C GLU C 24 -50.41 -12.01 -17.36
N SER C 25 -50.41 -11.09 -16.39
CA SER C 25 -49.89 -11.33 -15.04
C SER C 25 -50.77 -12.27 -14.22
N THR C 26 -50.21 -12.75 -13.10
CA THR C 26 -50.93 -13.51 -12.10
C THR C 26 -51.33 -12.61 -10.92
N LEU C 27 -50.96 -11.34 -11.02
CA LEU C 27 -51.36 -10.35 -10.03
C LEU C 27 -52.88 -10.24 -10.13
N PRO C 28 -53.59 -10.34 -8.99
CA PRO C 28 -55.04 -10.12 -9.06
C PRO C 28 -55.33 -8.62 -9.12
N ILE C 29 -56.02 -8.21 -10.17
CA ILE C 29 -56.25 -6.79 -10.43
C ILE C 29 -57.76 -6.48 -10.47
N ASP C 30 -58.22 -5.80 -9.42
CA ASP C 30 -59.59 -5.31 -9.36
C ASP C 30 -59.74 -3.97 -10.09
N LYS C 31 -58.70 -3.15 -10.07
CA LYS C 31 -58.75 -1.82 -10.69
C LYS C 31 -57.36 -1.42 -11.17
N ILE C 32 -57.30 -0.85 -12.37
CA ILE C 32 -56.04 -0.38 -12.92
C ILE C 32 -56.12 1.11 -13.30
N ARG C 33 -54.99 1.80 -13.14
CA ARG C 33 -54.94 3.24 -13.34
C ARG C 33 -53.69 3.62 -14.13
N TYR C 34 -53.88 4.44 -15.17
CA TYR C 34 -52.76 4.95 -15.97
C TYR C 34 -52.48 6.42 -15.66
N LEU C 35 -51.25 6.67 -15.17
CA LEU C 35 -50.80 7.99 -14.79
C LEU C 35 -49.60 8.43 -15.65
N ALA C 36 -49.59 9.71 -15.99
CA ALA C 36 -48.51 10.35 -16.74
C ALA C 36 -48.62 11.85 -16.52
N SER C 37 -47.98 12.66 -17.38
CA SER C 37 -48.07 14.11 -17.22
C SER C 37 -49.39 14.67 -17.76
N ALA C 38 -49.53 16.00 -17.62
CA ALA C 38 -50.75 16.72 -17.98
C ALA C 38 -51.14 16.56 -19.44
N ARG C 39 -50.14 16.42 -20.32
CA ARG C 39 -50.38 16.30 -21.76
C ARG C 39 -50.90 14.92 -22.20
N SER C 40 -50.81 13.94 -21.30
CA SER C 40 -51.41 12.64 -21.56
C SER C 40 -52.80 12.52 -20.91
N ALA C 41 -53.07 13.37 -19.91
CA ALA C 41 -54.30 13.31 -19.12
C ALA C 41 -55.53 13.48 -19.99
N GLY C 42 -56.48 12.56 -19.85
CA GLY C 42 -57.72 12.64 -20.61
C GLY C 42 -57.79 11.68 -21.77
N LYS C 43 -56.62 11.43 -22.39
CA LYS C 43 -56.48 10.44 -23.45
C LYS C 43 -56.73 9.05 -22.89
N SER C 44 -56.98 8.08 -23.77
CA SER C 44 -57.24 6.74 -23.29
C SER C 44 -56.31 5.64 -23.81
N LEU C 45 -56.11 4.66 -22.95
CA LEU C 45 -55.39 3.42 -23.27
C LEU C 45 -56.22 2.22 -22.83
N LYS C 46 -55.99 1.08 -23.47
CA LYS C 46 -56.73 -0.12 -23.14
C LYS C 46 -56.04 -0.97 -22.08
N PHE C 47 -56.84 -1.54 -21.20
CA PHE C 47 -56.43 -2.72 -20.45
C PHE C 47 -57.36 -3.83 -20.89
N LYS C 48 -56.78 -4.84 -21.54
CA LYS C 48 -57.52 -5.90 -22.22
C LYS C 48 -58.56 -5.28 -23.16
N ASP C 49 -59.83 -5.63 -22.93
CA ASP C 49 -60.95 -5.09 -23.71
C ASP C 49 -61.75 -4.11 -22.85
N GLN C 50 -61.01 -3.23 -22.18
CA GLN C 50 -61.60 -2.14 -21.39
C GLN C 50 -60.78 -0.85 -21.60
N ASP C 51 -61.47 0.29 -21.64
CA ASP C 51 -60.85 1.59 -21.87
C ASP C 51 -60.52 2.29 -20.57
N ILE C 52 -59.31 2.86 -20.50
CA ILE C 52 -58.81 3.55 -19.31
C ILE C 52 -58.33 4.96 -19.62
N THR C 53 -58.89 5.93 -18.89
CA THR C 53 -58.52 7.33 -19.03
C THR C 53 -57.30 7.64 -18.17
N ILE C 54 -56.26 8.15 -18.83
CA ILE C 54 -55.02 8.55 -18.18
C ILE C 54 -55.25 9.78 -17.30
N GLU C 55 -54.65 9.75 -16.10
CA GLU C 55 -54.77 10.82 -15.12
C GLU C 55 -53.42 11.49 -14.88
N GLU C 56 -53.44 12.79 -14.55
CA GLU C 56 -52.23 13.52 -14.20
C GLU C 56 -51.60 12.94 -12.92
N THR C 57 -50.28 12.74 -12.96
CA THR C 57 -49.54 12.25 -11.80
C THR C 57 -49.39 13.42 -10.83
N THR C 58 -50.14 13.38 -9.74
CA THR C 58 -50.09 14.46 -8.75
C THR C 58 -49.67 13.89 -7.41
N GLU C 59 -49.43 14.76 -6.44
CA GLU C 59 -48.94 14.34 -5.13
C GLU C 59 -50.06 13.71 -4.29
N THR C 60 -51.26 13.67 -4.84
CA THR C 60 -52.46 13.22 -4.14
C THR C 60 -53.16 12.04 -4.82
N ALA C 61 -52.76 11.73 -6.04
CA ALA C 61 -53.44 10.74 -6.89
C ALA C 61 -53.33 9.27 -6.44
N PHE C 62 -52.56 9.01 -5.38
CA PHE C 62 -52.29 7.64 -4.95
C PHE C 62 -53.13 7.18 -3.76
N GLU C 63 -54.20 7.91 -3.48
CA GLU C 63 -55.21 7.47 -2.50
C GLU C 63 -55.92 6.22 -3.03
N GLY C 64 -55.85 5.13 -2.26
CA GLY C 64 -56.52 3.88 -2.63
C GLY C 64 -55.73 2.89 -3.47
N VAL C 65 -54.50 3.24 -3.85
CA VAL C 65 -53.67 2.35 -4.68
C VAL C 65 -52.89 1.34 -3.82
N ASP C 66 -52.87 0.08 -4.26
CA ASP C 66 -52.08 -0.94 -3.58
C ASP C 66 -50.64 -1.04 -4.11
N ILE C 67 -50.51 -1.06 -5.43
CA ILE C 67 -49.23 -1.22 -6.10
C ILE C 67 -49.08 -0.18 -7.20
N ALA C 68 -47.90 0.44 -7.25
CA ALA C 68 -47.57 1.40 -8.30
C ALA C 68 -46.27 1.03 -8.98
N LEU C 69 -46.31 0.99 -10.31
CA LEU C 69 -45.12 0.71 -11.09
C LEU C 69 -44.69 2.00 -11.78
N PHE C 70 -43.59 2.56 -11.30
CA PHE C 70 -43.08 3.85 -11.78
C PHE C 70 -42.08 3.65 -12.92
N SER C 71 -42.44 4.12 -14.12
CA SER C 71 -41.54 4.11 -15.25
C SER C 71 -41.60 5.45 -15.98
N ALA C 72 -41.30 6.54 -15.26
CA ALA C 72 -41.47 7.91 -15.78
C ALA C 72 -40.27 8.86 -15.60
N GLY C 73 -39.08 8.31 -15.40
CA GLY C 73 -37.88 9.14 -15.19
C GLY C 73 -37.63 9.40 -13.72
N SER C 74 -36.36 9.53 -13.36
CA SER C 74 -35.91 9.69 -11.97
C SER C 74 -36.62 10.77 -11.18
N SER C 75 -36.81 11.94 -11.79
CA SER C 75 -37.42 13.09 -11.13
C SER C 75 -38.92 12.94 -10.88
N THR C 76 -39.59 12.12 -11.71
CA THR C 76 -40.98 11.75 -11.44
C THR C 76 -41.05 10.81 -10.24
N SER C 77 -40.14 9.83 -10.19
CA SER C 77 -40.06 8.91 -9.05
C SER C 77 -39.55 9.64 -7.82
N ALA C 78 -38.65 10.61 -8.03
CA ALA C 78 -38.15 11.47 -6.96
C ALA C 78 -39.28 12.26 -6.30
N LYS C 79 -40.13 12.85 -7.13
CA LYS C 79 -41.26 13.65 -6.63
C LYS C 79 -42.39 12.83 -5.98
N TYR C 80 -42.98 11.89 -6.73
CA TYR C 80 -44.25 11.25 -6.33
C TYR C 80 -44.17 9.90 -5.63
N ALA C 81 -43.04 9.22 -5.68
CA ALA C 81 -42.93 7.92 -5.00
C ALA C 81 -42.96 8.01 -3.46
N PRO C 82 -42.26 8.99 -2.85
CA PRO C 82 -42.47 9.29 -1.42
C PRO C 82 -43.93 9.58 -1.03
N TYR C 83 -44.66 10.30 -1.87
CA TYR C 83 -46.09 10.53 -1.61
C TYR C 83 -46.92 9.26 -1.76
N ALA C 84 -46.58 8.41 -2.72
CA ALA C 84 -47.25 7.11 -2.87
C ALA C 84 -47.03 6.28 -1.60
N VAL C 85 -45.76 6.14 -1.19
CA VAL C 85 -45.41 5.46 0.06
C VAL C 85 -46.19 6.00 1.26
N LYS C 86 -46.25 7.34 1.41
CA LYS C 86 -47.01 7.94 2.50
C LYS C 86 -48.48 7.49 2.42
N ALA C 87 -49.01 7.43 1.20
CA ALA C 87 -50.39 7.00 0.93
C ALA C 87 -50.67 5.49 1.10
N GLY C 88 -49.64 4.72 1.44
CA GLY C 88 -49.81 3.28 1.74
C GLY C 88 -49.56 2.30 0.60
N VAL C 89 -49.11 2.82 -0.54
CA VAL C 89 -48.83 2.02 -1.75
C VAL C 89 -47.46 1.36 -1.62
N VAL C 90 -47.31 0.16 -2.19
CA VAL C 90 -45.98 -0.42 -2.43
C VAL C 90 -45.52 -0.07 -3.86
N VAL C 91 -44.35 0.56 -3.94
CA VAL C 91 -43.83 1.06 -5.20
C VAL C 91 -42.74 0.13 -5.75
N VAL C 92 -42.81 -0.13 -7.06
CA VAL C 92 -41.75 -0.80 -7.81
C VAL C 92 -41.20 0.24 -8.78
N ASP C 93 -39.98 0.71 -8.52
CA ASP C 93 -39.39 1.82 -9.25
C ASP C 93 -38.39 1.34 -10.29
N ASN C 94 -38.74 1.60 -11.54
CA ASN C 94 -37.96 1.20 -12.69
C ASN C 94 -36.78 2.12 -13.03
N THR C 95 -36.75 3.28 -12.39
CA THR C 95 -35.73 4.32 -12.64
C THR C 95 -34.54 4.17 -11.71
N SER C 96 -33.56 5.06 -11.83
CA SER C 96 -32.30 4.92 -11.09
C SER C 96 -32.20 5.70 -9.78
N TYR C 97 -33.26 6.43 -9.41
CA TYR C 97 -33.22 7.30 -8.23
C TYR C 97 -32.90 6.62 -6.89
N PHE C 98 -33.55 5.51 -6.61
CA PHE C 98 -33.47 4.89 -5.28
C PHE C 98 -32.51 3.71 -5.24
N ARG C 99 -31.80 3.50 -6.34
CA ARG C 99 -31.02 2.27 -6.55
C ARG C 99 -29.91 2.00 -5.53
N GLN C 100 -29.18 3.03 -5.11
CA GLN C 100 -28.09 2.84 -4.15
C GLN C 100 -28.51 3.25 -2.75
N ASN C 101 -29.82 3.30 -2.51
CA ASN C 101 -30.39 3.58 -1.20
C ASN C 101 -30.49 2.28 -0.40
N PRO C 102 -29.75 2.18 0.73
CA PRO C 102 -29.69 0.96 1.56
C PRO C 102 -31.06 0.55 2.14
N ASP C 103 -32.00 1.50 2.18
CA ASP C 103 -33.36 1.24 2.63
C ASP C 103 -34.24 0.70 1.50
N VAL C 104 -33.67 0.63 0.29
CA VAL C 104 -34.37 0.13 -0.90
C VAL C 104 -33.69 -1.11 -1.46
N PRO C 105 -34.39 -2.26 -1.41
CA PRO C 105 -33.88 -3.45 -2.07
C PRO C 105 -33.88 -3.35 -3.62
N LEU C 106 -32.75 -3.71 -4.21
CA LEU C 106 -32.51 -3.72 -5.67
C LEU C 106 -32.55 -5.16 -6.15
N VAL C 107 -33.64 -5.53 -6.81
CA VAL C 107 -34.05 -6.94 -6.88
C VAL C 107 -34.17 -7.49 -8.30
N VAL C 108 -33.55 -8.66 -8.51
CA VAL C 108 -33.81 -9.57 -9.64
C VAL C 108 -34.31 -10.86 -8.99
N PRO C 109 -35.62 -11.14 -9.08
CA PRO C 109 -36.22 -12.18 -8.23
C PRO C 109 -35.56 -13.57 -8.33
N GLU C 110 -35.06 -13.94 -9.51
CA GLU C 110 -34.33 -15.19 -9.68
C GLU C 110 -33.05 -15.24 -8.85
N VAL C 111 -32.53 -14.07 -8.49
CA VAL C 111 -31.22 -13.97 -7.83
C VAL C 111 -31.31 -13.62 -6.35
N ASN C 112 -32.04 -12.55 -6.04
CA ASN C 112 -32.14 -12.08 -4.66
C ASN C 112 -33.56 -11.66 -4.27
N ALA C 113 -34.54 -12.50 -4.63
CA ALA C 113 -35.92 -12.35 -4.15
C ALA C 113 -35.97 -12.14 -2.65
N HIS C 114 -35.10 -12.85 -1.90
CA HIS C 114 -35.09 -12.76 -0.45
C HIS C 114 -34.93 -11.33 0.07
N ALA C 115 -34.31 -10.46 -0.72
CA ALA C 115 -34.12 -9.05 -0.32
C ALA C 115 -35.42 -8.25 -0.28
N LEU C 116 -36.49 -8.82 -0.81
CA LEU C 116 -37.80 -8.16 -0.83
C LEU C 116 -38.48 -8.03 0.54
N ASP C 117 -38.12 -8.92 1.46
CA ASP C 117 -38.79 -9.06 2.76
C ASP C 117 -38.57 -7.85 3.68
N ALA C 118 -37.42 -7.21 3.56
CA ALA C 118 -37.10 -6.05 4.37
C ALA C 118 -37.45 -4.72 3.71
N HIS C 119 -38.30 -4.73 2.68
CA HIS C 119 -38.64 -3.49 1.95
C HIS C 119 -39.38 -2.44 2.81
N ASN C 120 -39.18 -1.18 2.47
CA ASN C 120 -39.77 -0.05 3.19
C ASN C 120 -40.74 0.72 2.28
N GLY C 121 -41.45 -0.02 1.43
CA GLY C 121 -42.42 0.55 0.51
C GLY C 121 -41.90 0.78 -0.91
N ILE C 122 -40.58 0.79 -1.07
CA ILE C 122 -39.97 0.99 -2.38
C ILE C 122 -39.00 -0.13 -2.71
N ILE C 123 -39.26 -0.79 -3.83
CA ILE C 123 -38.35 -1.79 -4.40
C ILE C 123 -37.83 -1.27 -5.74
N ALA C 124 -36.50 -1.29 -5.93
CA ALA C 124 -35.91 -0.80 -7.17
C ALA C 124 -35.66 -1.89 -8.24
N CYS C 125 -36.12 -1.62 -9.45
CA CYS C 125 -35.76 -2.49 -10.57
C CYS C 125 -34.41 -1.98 -11.08
N PRO C 126 -33.41 -2.87 -11.14
CA PRO C 126 -32.05 -2.55 -11.60
C PRO C 126 -31.99 -2.08 -13.05
N ASN C 127 -30.84 -1.54 -13.41
CA ASN C 127 -30.50 -1.26 -14.80
C ASN C 127 -30.71 -2.49 -15.71
N CYS C 128 -31.27 -2.27 -16.90
CA CYS C 128 -31.54 -3.38 -17.85
C CYS C 128 -30.32 -4.24 -18.25
N SER C 129 -29.17 -3.60 -18.44
CA SER C 129 -27.95 -4.31 -18.84
C SER C 129 -27.51 -5.21 -17.71
N THR C 130 -27.65 -4.70 -16.48
CA THR C 130 -27.30 -5.42 -15.26
C THR C 130 -28.19 -6.66 -15.03
N ILE C 131 -29.51 -6.50 -15.17
CA ILE C 131 -30.46 -7.59 -14.97
C ILE C 131 -30.10 -8.86 -15.79
N GLN C 132 -30.00 -8.73 -17.11
CA GLN C 132 -29.65 -9.84 -17.97
C GLN C 132 -28.30 -10.49 -17.62
N MET C 133 -27.33 -9.64 -17.27
CA MET C 133 -25.99 -10.12 -16.92
C MET C 133 -26.06 -10.93 -15.63
N MET C 134 -26.91 -10.49 -14.69
CA MET C 134 -27.12 -11.20 -13.41
C MET C 134 -27.81 -12.55 -13.62
N VAL C 135 -28.81 -12.59 -14.51
CA VAL C 135 -29.50 -13.85 -14.78
C VAL C 135 -28.51 -14.88 -15.34
N ALA C 136 -27.72 -14.48 -16.31
CA ALA C 136 -26.72 -15.35 -16.93
C ALA C 136 -25.60 -15.80 -15.97
N LEU C 137 -25.16 -14.94 -15.07
CA LEU C 137 -23.97 -15.21 -14.24
C LEU C 137 -24.19 -15.83 -12.87
N GLU C 138 -25.36 -15.61 -12.28
CA GLU C 138 -25.66 -16.16 -10.95
C GLU C 138 -25.51 -17.69 -10.83
N PRO C 139 -26.01 -18.46 -11.82
CA PRO C 139 -25.83 -19.92 -11.78
C PRO C 139 -24.37 -20.39 -11.90
N VAL C 140 -23.54 -19.60 -12.57
CA VAL C 140 -22.10 -19.86 -12.58
C VAL C 140 -21.53 -19.53 -11.20
N ARG C 141 -21.85 -18.34 -10.69
CA ARG C 141 -21.38 -17.92 -9.36
C ARG C 141 -21.71 -18.97 -8.32
N GLN C 142 -22.99 -19.32 -8.20
CA GLN C 142 -23.47 -20.38 -7.31
C GLN C 142 -22.53 -21.60 -7.25
N LYS C 143 -21.87 -21.93 -8.35
CA LYS C 143 -21.09 -23.17 -8.38
C LYS C 143 -19.57 -23.01 -8.32
N TRP C 144 -19.04 -22.02 -9.03
CA TRP C 144 -17.58 -21.91 -9.18
C TRP C 144 -17.07 -20.55 -8.73
N GLY C 145 -17.96 -19.74 -8.16
CA GLY C 145 -17.62 -18.38 -7.72
C GLY C 145 -17.41 -17.40 -8.86
N LEU C 146 -17.29 -16.12 -8.51
CA LEU C 146 -17.07 -15.04 -9.48
C LEU C 146 -16.05 -14.07 -8.92
N ASP C 147 -14.92 -13.97 -9.62
CA ASP C 147 -13.82 -13.12 -9.20
C ASP C 147 -13.88 -11.76 -9.89
N ARG C 148 -13.97 -11.78 -11.22
CA ARG C 148 -14.09 -10.56 -11.97
C ARG C 148 -15.03 -10.66 -13.16
N ILE C 149 -15.53 -9.49 -13.57
CA ILE C 149 -16.32 -9.32 -14.76
C ILE C 149 -15.75 -8.20 -15.61
N ILE C 150 -15.62 -8.47 -16.92
CA ILE C 150 -15.41 -7.44 -17.93
C ILE C 150 -16.51 -7.54 -18.98
N VAL C 151 -17.23 -6.45 -19.20
CA VAL C 151 -18.31 -6.46 -20.19
C VAL C 151 -18.31 -5.28 -21.16
N SER C 152 -18.58 -5.60 -22.42
CA SER C 152 -18.80 -4.59 -23.45
C SER C 152 -20.21 -4.79 -23.94
N THR C 153 -21.01 -3.72 -23.90
CA THR C 153 -22.43 -3.83 -24.31
C THR C 153 -22.70 -3.33 -25.73
N TYR C 154 -23.80 -3.85 -26.30
CA TYR C 154 -24.29 -3.57 -27.65
C TYR C 154 -25.78 -3.25 -27.47
N GLN C 155 -26.07 -1.99 -27.12
CA GLN C 155 -27.37 -1.64 -26.56
C GLN C 155 -28.31 -1.03 -27.58
N ALA C 156 -29.56 -1.47 -27.53
CA ALA C 156 -30.63 -0.99 -28.41
C ALA C 156 -31.10 0.40 -28.02
N VAL C 157 -31.61 1.15 -29.01
CA VAL C 157 -32.04 2.55 -28.74
C VAL C 157 -33.31 2.66 -27.88
N SER C 158 -34.10 1.58 -27.81
CA SER C 158 -35.33 1.60 -27.01
C SER C 158 -35.02 1.97 -25.57
N GLY C 159 -33.85 1.53 -25.08
CA GLY C 159 -33.35 1.90 -23.76
C GLY C 159 -33.36 3.40 -23.45
N ALA C 160 -33.25 4.24 -24.48
CA ALA C 160 -33.28 5.69 -24.28
C ALA C 160 -34.68 6.29 -24.47
N GLY C 161 -35.69 5.42 -24.55
CA GLY C 161 -37.08 5.85 -24.59
C GLY C 161 -37.66 5.89 -25.98
N MET C 162 -38.95 6.18 -26.08
CA MET C 162 -39.67 6.21 -27.35
C MET C 162 -39.09 7.20 -28.41
N GLY C 163 -38.70 8.40 -27.98
CA GLY C 163 -38.19 9.42 -28.90
C GLY C 163 -36.91 8.96 -29.59
N ALA C 164 -36.06 8.28 -28.82
CA ALA C 164 -34.85 7.61 -29.32
C ALA C 164 -35.12 6.64 -30.46
N ILE C 165 -36.23 5.89 -30.38
CA ILE C 165 -36.64 4.95 -31.42
C ILE C 165 -36.97 5.71 -32.71
N LEU C 166 -37.73 6.80 -32.56
CA LEU C 166 -38.19 7.56 -33.71
C LEU C 166 -37.07 8.39 -34.32
N GLU C 167 -36.12 8.79 -33.48
CA GLU C 167 -34.91 9.46 -33.96
C GLU C 167 -34.07 8.50 -34.79
N THR C 168 -33.83 7.31 -34.24
CA THR C 168 -33.10 6.28 -34.95
C THR C 168 -33.75 5.95 -36.30
N GLN C 169 -35.07 5.77 -36.30
CA GLN C 169 -35.83 5.46 -37.53
C GLN C 169 -35.70 6.55 -38.59
N ARG C 170 -35.89 7.82 -38.21
CA ARG C 170 -35.87 8.90 -39.20
C ARG C 170 -34.47 9.19 -39.75
N GLU C 171 -33.46 9.14 -38.89
CA GLU C 171 -32.05 9.17 -39.29
C GLU C 171 -31.68 8.12 -40.37
N LEU C 172 -32.10 6.86 -40.14
CA LEU C 172 -31.88 5.76 -41.09
C LEU C 172 -32.61 5.96 -42.43
N ARG C 173 -33.86 6.41 -42.36
CA ARG C 173 -34.61 6.76 -43.56
C ARG C 173 -33.96 7.91 -44.34
N GLU C 174 -33.41 8.90 -43.62
CA GLU C 174 -32.70 10.01 -44.27
C GLU C 174 -31.47 9.52 -45.05
N VAL C 175 -30.70 8.62 -44.45
CA VAL C 175 -29.59 7.96 -45.16
C VAL C 175 -30.10 7.10 -46.34
N LEU C 176 -30.96 6.13 -46.03
CA LEU C 176 -31.39 5.11 -47.00
C LEU C 176 -32.29 5.61 -48.14
N ASN C 177 -33.09 6.64 -47.84
CA ASN C 177 -34.06 7.16 -48.81
C ASN C 177 -33.63 8.44 -49.51
N ASP C 178 -32.90 9.30 -48.81
CA ASP C 178 -32.52 10.61 -49.31
C ASP C 178 -31.03 10.74 -49.60
N GLY C 179 -30.25 9.76 -49.15
CA GLY C 179 -28.81 9.74 -49.42
C GLY C 179 -28.05 10.73 -48.55
N VAL C 180 -28.48 10.87 -47.30
CA VAL C 180 -27.82 11.78 -46.37
C VAL C 180 -26.57 11.08 -45.83
N LYS C 181 -25.43 11.79 -45.81
CA LYS C 181 -24.22 11.28 -45.15
C LYS C 181 -24.56 11.08 -43.67
N PRO C 182 -24.26 9.89 -43.11
CA PRO C 182 -24.49 9.72 -41.68
C PRO C 182 -23.85 10.79 -40.81
N CYS C 183 -22.64 11.23 -41.14
CA CYS C 183 -21.97 12.31 -40.38
C CYS C 183 -22.59 13.70 -40.66
N ASP C 184 -23.43 13.80 -41.69
CA ASP C 184 -24.22 15.02 -41.96
C ASP C 184 -25.62 15.01 -41.28
N LEU C 185 -25.97 13.92 -40.60
CA LEU C 185 -27.28 13.84 -39.92
C LEU C 185 -27.36 14.75 -38.69
N HIS C 186 -28.56 15.22 -38.38
CA HIS C 186 -28.80 16.07 -37.20
C HIS C 186 -29.53 15.24 -36.15
N ALA C 187 -29.00 15.24 -34.93
CA ALA C 187 -29.55 14.46 -33.83
C ALA C 187 -29.92 15.34 -32.64
N GLU C 188 -30.96 14.96 -31.90
CA GLU C 188 -31.40 15.74 -30.74
C GLU C 188 -31.48 14.99 -29.38
N ILE C 189 -31.47 13.65 -29.41
CA ILE C 189 -31.63 12.85 -28.19
C ILE C 189 -30.37 12.08 -27.82
N LEU C 190 -29.91 11.20 -28.72
CA LEU C 190 -28.76 10.35 -28.42
C LEU C 190 -27.44 11.13 -28.55
N PRO C 191 -26.37 10.66 -27.89
CA PRO C 191 -26.30 9.52 -26.94
C PRO C 191 -27.12 9.68 -25.64
N SER C 192 -27.22 10.90 -25.11
CA SER C 192 -28.03 11.17 -23.92
C SER C 192 -28.71 12.52 -24.04
N GLY C 193 -30.01 12.56 -23.76
CA GLY C 193 -30.82 13.77 -23.96
C GLY C 193 -30.44 14.98 -23.14
N GLY C 194 -30.04 14.75 -21.88
CA GLY C 194 -29.67 15.82 -20.95
C GLY C 194 -28.25 16.33 -21.09
N ASP C 195 -27.41 15.58 -21.80
CA ASP C 195 -26.04 15.99 -22.06
C ASP C 195 -26.02 17.02 -23.20
N LYS C 196 -24.88 17.68 -23.37
CA LYS C 196 -24.78 18.90 -24.16
C LYS C 196 -24.86 18.67 -25.67
N LYS C 197 -24.21 17.60 -26.13
CA LYS C 197 -23.97 17.38 -27.54
C LYS C 197 -24.70 16.13 -27.94
N HIS C 198 -25.22 16.13 -29.16
CA HIS C 198 -25.94 15.00 -29.68
C HIS C 198 -25.34 14.55 -30.99
N TYR C 199 -25.37 13.25 -31.19
CA TYR C 199 -24.72 12.60 -32.32
C TYR C 199 -25.66 11.62 -33.02
N PRO C 200 -25.49 11.47 -34.35
CA PRO C 200 -26.23 10.42 -35.05
C PRO C 200 -25.88 9.00 -34.57
N ILE C 201 -26.89 8.14 -34.53
CA ILE C 201 -26.72 6.72 -34.23
C ILE C 201 -26.79 5.89 -35.52
N ALA C 202 -27.36 6.47 -36.58
CA ALA C 202 -27.51 5.75 -37.87
C ALA C 202 -26.15 5.32 -38.39
N PHE C 203 -26.01 4.01 -38.62
CA PHE C 203 -24.73 3.38 -39.04
C PHE C 203 -23.53 3.79 -38.20
N ASN C 204 -23.73 3.89 -36.87
CA ASN C 204 -22.72 4.33 -35.92
C ASN C 204 -22.71 3.41 -34.70
N ALA C 205 -21.63 3.48 -33.92
CA ALA C 205 -21.61 2.89 -32.59
C ALA C 205 -21.08 3.95 -31.63
N LEU C 206 -21.97 4.42 -30.75
CA LEU C 206 -21.67 5.45 -29.80
C LEU C 206 -21.30 4.85 -28.45
N PRO C 207 -20.02 5.00 -28.04
CA PRO C 207 -19.45 4.57 -26.73
C PRO C 207 -19.79 5.54 -25.58
N GLN C 208 -21.05 5.98 -25.54
CA GLN C 208 -21.52 6.76 -24.41
C GLN C 208 -22.98 6.47 -24.13
N ILE C 209 -23.25 5.97 -22.92
CA ILE C 209 -24.63 5.82 -22.47
C ILE C 209 -24.83 6.55 -21.13
N ASP C 210 -25.77 7.49 -21.11
CA ASP C 210 -25.97 8.43 -19.98
C ASP C 210 -24.82 9.43 -20.00
N VAL C 211 -24.68 10.22 -18.95
CA VAL C 211 -23.59 11.18 -18.85
C VAL C 211 -22.36 10.53 -18.24
N PHE C 212 -21.20 11.19 -18.43
CA PHE C 212 -19.92 10.77 -17.84
C PHE C 212 -19.81 11.09 -16.35
N THR C 213 -19.09 10.26 -15.62
CA THR C 213 -18.80 10.54 -14.22
C THR C 213 -17.36 11.02 -14.05
N ASP C 214 -16.98 11.36 -12.82
CA ASP C 214 -15.68 11.95 -12.54
C ASP C 214 -14.51 10.98 -12.68
N ASN C 215 -14.80 9.72 -12.97
CA ASN C 215 -13.73 8.74 -13.21
C ASN C 215 -13.62 8.33 -14.68
N ASP C 216 -14.32 9.08 -15.55
CA ASP C 216 -14.27 8.94 -17.02
C ASP C 216 -15.04 7.73 -17.54
N TYR C 217 -15.68 6.98 -16.64
CA TYR C 217 -16.65 5.98 -17.02
C TYR C 217 -17.97 6.72 -17.02
N THR C 218 -18.92 6.27 -17.84
CA THR C 218 -20.25 6.86 -17.81
C THR C 218 -21.03 6.28 -16.64
N TYR C 219 -22.17 6.91 -16.32
CA TYR C 219 -23.09 6.39 -15.30
C TYR C 219 -23.62 5.01 -15.65
N GLU C 220 -23.90 4.75 -16.93
CA GLU C 220 -24.39 3.43 -17.32
C GLU C 220 -23.38 2.36 -16.93
N GLU C 221 -22.11 2.58 -17.29
CA GLU C 221 -21.01 1.69 -16.94
C GLU C 221 -20.87 1.49 -15.44
N MET C 222 -20.94 2.60 -14.68
CA MET C 222 -20.90 2.58 -13.23
C MET C 222 -22.16 2.00 -12.61
N LYS C 223 -23.29 2.04 -13.31
CA LYS C 223 -24.49 1.35 -12.81
C LYS C 223 -24.22 -0.15 -12.77
N MET C 224 -23.71 -0.70 -13.88
CA MET C 224 -23.39 -2.13 -13.96
C MET C 224 -22.41 -2.58 -12.89
N THR C 225 -21.46 -1.72 -12.57
CA THR C 225 -20.45 -1.99 -11.55
C THR C 225 -21.06 -2.07 -10.14
N LYS C 226 -21.75 -1.00 -9.76
CA LYS C 226 -22.33 -0.83 -8.43
C LYS C 226 -23.51 -1.77 -8.20
N GLU C 227 -24.42 -1.84 -9.16
CA GLU C 227 -25.61 -2.67 -9.04
C GLU C 227 -25.30 -4.16 -9.06
N THR C 228 -24.23 -4.57 -9.76
CA THR C 228 -23.77 -5.96 -9.69
C THR C 228 -23.36 -6.30 -8.26
N LYS C 229 -22.61 -5.39 -7.63
CA LYS C 229 -22.16 -5.56 -6.25
C LYS C 229 -23.33 -5.65 -5.25
N LYS C 230 -24.32 -4.78 -5.42
CA LYS C 230 -25.51 -4.80 -4.56
C LYS C 230 -26.36 -6.07 -4.73
N ILE C 231 -26.74 -6.39 -5.97
CA ILE C 231 -27.60 -7.56 -6.24
C ILE C 231 -26.97 -8.87 -5.75
N MET C 232 -25.68 -9.05 -6.00
CA MET C 232 -25.00 -10.26 -5.56
C MET C 232 -24.45 -10.13 -4.13
N GLU C 233 -24.72 -8.98 -3.50
CA GLU C 233 -24.30 -8.71 -2.13
C GLU C 233 -22.81 -9.04 -1.91
N ASP C 234 -21.98 -8.51 -2.80
CA ASP C 234 -20.54 -8.76 -2.76
C ASP C 234 -19.75 -7.62 -3.41
N ASP C 235 -19.11 -6.80 -2.56
CA ASP C 235 -18.31 -5.68 -3.01
C ASP C 235 -16.96 -6.12 -3.56
N SER C 236 -16.57 -7.35 -3.27
CA SER C 236 -15.26 -7.84 -3.70
C SER C 236 -15.19 -8.29 -5.15
N ILE C 237 -16.35 -8.41 -5.82
CA ILE C 237 -16.36 -8.77 -7.25
C ILE C 237 -15.87 -7.59 -8.06
N ALA C 238 -14.86 -7.82 -8.88
CA ALA C 238 -14.29 -6.79 -9.75
C ALA C 238 -15.14 -6.66 -11.00
N VAL C 239 -15.72 -5.48 -11.21
CA VAL C 239 -16.55 -5.23 -12.40
C VAL C 239 -16.15 -3.96 -13.12
N SER C 240 -15.85 -4.08 -14.42
CA SER C 240 -15.53 -2.93 -15.24
C SER C 240 -16.22 -3.07 -16.60
N ALA C 241 -16.92 -2.01 -17.02
CA ALA C 241 -17.79 -2.07 -18.22
C ALA C 241 -17.48 -1.01 -19.28
N THR C 242 -17.84 -1.33 -20.53
CA THR C 242 -17.93 -0.34 -21.62
C THR C 242 -19.30 -0.47 -22.21
N CYS C 243 -20.06 0.62 -22.19
CA CYS C 243 -21.43 0.56 -22.67
C CYS C 243 -21.56 1.30 -23.98
N VAL C 244 -22.10 0.61 -24.99
CA VAL C 244 -22.17 1.18 -26.34
C VAL C 244 -23.59 1.12 -26.88
N ARG C 245 -24.02 2.21 -27.53
CA ARG C 245 -25.28 2.21 -28.23
C ARG C 245 -25.04 1.85 -29.71
N ILE C 246 -25.79 0.86 -30.19
CA ILE C 246 -25.76 0.48 -31.59
C ILE C 246 -27.15 0.64 -32.28
N PRO C 247 -27.17 0.68 -33.63
CA PRO C 247 -28.43 0.79 -34.35
C PRO C 247 -29.32 -0.47 -34.28
N VAL C 248 -29.74 -0.84 -33.07
CA VAL C 248 -30.73 -1.90 -32.84
C VAL C 248 -31.91 -1.20 -32.16
N LEU C 249 -33.13 -1.49 -32.59
CA LEU C 249 -34.30 -0.85 -31.98
C LEU C 249 -34.59 -1.42 -30.60
N SER C 250 -34.57 -2.75 -30.48
CA SER C 250 -34.80 -3.42 -29.20
C SER C 250 -33.95 -4.67 -28.97
N ALA C 251 -33.64 -4.90 -27.69
CA ALA C 251 -32.81 -6.01 -27.18
C ALA C 251 -31.33 -5.62 -27.01
N HIS C 252 -30.86 -5.65 -25.76
CA HIS C 252 -29.45 -5.41 -25.45
C HIS C 252 -28.65 -6.70 -25.57
N SER C 253 -27.42 -6.59 -26.04
CA SER C 253 -26.51 -7.71 -26.20
C SER C 253 -25.24 -7.39 -25.43
N GLU C 254 -24.61 -8.40 -24.86
CA GLU C 254 -23.38 -8.13 -24.12
C GLU C 254 -22.32 -9.17 -24.43
N SER C 255 -21.12 -8.68 -24.71
CA SER C 255 -19.94 -9.52 -24.71
C SER C 255 -19.47 -9.59 -23.25
N VAL C 256 -19.46 -10.79 -22.66
CA VAL C 256 -19.18 -10.92 -21.22
C VAL C 256 -17.97 -11.81 -20.97
N TYR C 257 -16.99 -11.26 -20.26
CA TYR C 257 -15.85 -12.03 -19.81
C TYR C 257 -15.93 -12.14 -18.30
N ILE C 258 -15.78 -13.35 -17.80
CA ILE C 258 -15.66 -13.57 -16.37
C ILE C 258 -14.42 -14.38 -16.01
N GLU C 259 -13.91 -14.13 -14.82
CA GLU C 259 -12.99 -15.06 -14.20
C GLU C 259 -13.62 -15.58 -12.93
N THR C 260 -13.76 -16.90 -12.87
CA THR C 260 -14.35 -17.58 -11.72
C THR C 260 -13.33 -17.75 -10.61
N LYS C 261 -13.76 -18.36 -9.51
CA LYS C 261 -12.88 -18.64 -8.38
C LYS C 261 -12.19 -20.00 -8.53
N GLU C 262 -12.94 -21.01 -8.97
CA GLU C 262 -12.37 -22.29 -9.33
C GLU C 262 -12.76 -22.61 -10.78
N VAL C 263 -11.97 -23.48 -11.42
CA VAL C 263 -12.17 -23.89 -12.82
C VAL C 263 -13.57 -24.49 -13.02
N ALA C 264 -14.25 -23.98 -14.03
CA ALA C 264 -15.65 -24.26 -14.25
C ALA C 264 -15.79 -24.93 -15.62
N PRO C 265 -15.87 -26.27 -15.66
CA PRO C 265 -15.89 -26.96 -16.95
C PRO C 265 -16.99 -26.37 -17.83
N ILE C 266 -16.71 -26.18 -19.12
CA ILE C 266 -17.66 -25.51 -20.01
C ILE C 266 -19.00 -26.27 -20.16
N GLU C 267 -18.91 -27.59 -20.42
CA GLU C 267 -20.09 -28.46 -20.50
C GLU C 267 -20.96 -28.33 -19.28
N GLU C 268 -20.32 -28.13 -18.13
CA GLU C 268 -21.01 -27.93 -16.86
C GLU C 268 -21.54 -26.51 -16.73
N VAL C 269 -20.77 -25.52 -17.19
CA VAL C 269 -21.22 -24.13 -17.15
C VAL C 269 -22.50 -23.99 -17.97
N LYS C 270 -22.48 -24.59 -19.16
CA LYS C 270 -23.62 -24.63 -20.05
C LYS C 270 -24.85 -25.26 -19.39
N ALA C 271 -24.63 -26.36 -18.65
CA ALA C 271 -25.68 -27.12 -17.99
C ALA C 271 -26.33 -26.30 -16.89
N ALA C 272 -25.51 -25.53 -16.19
CA ALA C 272 -25.93 -24.69 -15.08
C ALA C 272 -26.83 -23.55 -15.51
N ILE C 273 -26.48 -22.93 -16.64
CA ILE C 273 -27.24 -21.81 -17.21
C ILE C 273 -28.56 -22.30 -17.77
N ALA C 274 -28.54 -23.45 -18.46
CA ALA C 274 -29.74 -24.09 -18.97
C ALA C 274 -30.77 -24.35 -17.87
N ALA C 275 -30.29 -24.86 -16.73
CA ALA C 275 -31.16 -25.21 -15.61
C ALA C 275 -31.65 -24.00 -14.80
N PHE C 276 -31.00 -22.85 -14.97
CA PHE C 276 -31.33 -21.67 -14.17
C PHE C 276 -32.59 -20.96 -14.69
N PRO C 277 -33.56 -20.70 -13.79
CA PRO C 277 -34.82 -20.05 -14.19
C PRO C 277 -34.58 -18.65 -14.75
N GLY C 278 -35.19 -18.36 -15.89
CA GLY C 278 -35.14 -17.06 -16.53
C GLY C 278 -34.08 -16.98 -17.59
N ALA C 279 -33.33 -18.07 -17.75
CA ALA C 279 -32.22 -18.14 -18.71
C ALA C 279 -32.36 -19.35 -19.65
N VAL C 280 -32.22 -19.09 -20.95
CA VAL C 280 -32.25 -20.14 -21.95
C VAL C 280 -30.85 -20.31 -22.57
N LEU C 281 -30.36 -21.55 -22.61
CA LEU C 281 -29.14 -21.84 -23.36
C LEU C 281 -29.45 -21.89 -24.87
N GLU C 282 -28.81 -21.01 -25.63
CA GLU C 282 -28.92 -20.99 -27.07
C GLU C 282 -27.48 -21.04 -27.59
N ASP C 283 -26.95 -22.26 -27.73
CA ASP C 283 -25.50 -22.45 -27.91
C ASP C 283 -25.17 -23.76 -28.65
N ASP C 284 -25.19 -23.70 -29.97
CA ASP C 284 -24.89 -24.85 -30.80
C ASP C 284 -24.19 -24.28 -32.01
N VAL C 285 -22.87 -24.13 -31.92
CA VAL C 285 -22.10 -23.47 -32.98
C VAL C 285 -22.01 -24.32 -34.25
N ALA C 286 -22.14 -25.64 -34.10
CA ALA C 286 -22.19 -26.53 -35.25
C ALA C 286 -23.37 -26.20 -36.16
N HIS C 287 -24.46 -25.67 -35.58
CA HIS C 287 -25.61 -25.20 -36.36
C HIS C 287 -25.81 -23.68 -36.28
N GLN C 288 -24.73 -22.96 -35.94
CA GLN C 288 -24.73 -21.49 -35.78
C GLN C 288 -25.85 -20.96 -34.88
N ILE C 289 -26.06 -21.60 -33.74
CA ILE C 289 -27.07 -21.14 -32.81
C ILE C 289 -26.36 -20.32 -31.75
N TYR C 290 -26.79 -19.07 -31.60
CA TYR C 290 -26.35 -18.16 -30.53
C TYR C 290 -27.48 -17.17 -30.30
N PRO C 291 -27.54 -16.53 -29.11
CA PRO C 291 -28.50 -15.46 -28.87
C PRO C 291 -28.40 -14.37 -29.95
N GLN C 292 -29.57 -13.93 -30.42
CA GLN C 292 -29.67 -12.83 -31.35
C GLN C 292 -30.72 -11.84 -30.91
N ALA C 293 -30.37 -10.55 -31.00
CA ALA C 293 -31.24 -9.42 -30.67
C ALA C 293 -32.63 -9.49 -31.30
N ILE C 294 -32.71 -9.79 -32.59
CA ILE C 294 -34.02 -9.85 -33.25
C ILE C 294 -34.85 -11.05 -32.82
N ASN C 295 -34.20 -12.13 -32.37
CA ASN C 295 -34.92 -13.30 -31.86
C ASN C 295 -35.43 -13.10 -30.44
N ALA C 296 -34.77 -12.22 -29.70
CA ALA C 296 -34.99 -12.03 -28.27
C ALA C 296 -36.18 -11.12 -27.96
N VAL C 297 -36.51 -10.24 -28.91
CA VAL C 297 -37.59 -9.28 -28.77
C VAL C 297 -38.95 -9.98 -28.51
N GLY C 298 -39.70 -9.44 -27.55
CA GLY C 298 -40.98 -10.02 -27.14
C GLY C 298 -40.90 -11.20 -26.18
N SER C 299 -39.69 -11.59 -25.81
CA SER C 299 -39.47 -12.73 -24.90
C SER C 299 -38.98 -12.27 -23.53
N ARG C 300 -39.43 -12.97 -22.48
CA ARG C 300 -39.06 -12.68 -21.09
C ARG C 300 -37.77 -13.39 -20.66
N ASP C 301 -37.26 -14.25 -21.54
CA ASP C 301 -36.04 -15.02 -21.25
C ASP C 301 -34.76 -14.25 -21.59
N THR C 302 -33.69 -14.64 -20.92
CA THR C 302 -32.34 -14.13 -21.14
C THR C 302 -31.60 -15.24 -21.86
N PHE C 303 -31.10 -14.94 -23.05
CA PHE C 303 -30.45 -15.97 -23.86
C PHE C 303 -28.92 -15.91 -23.75
N VAL C 304 -28.30 -17.08 -23.59
CA VAL C 304 -26.86 -17.17 -23.41
C VAL C 304 -26.23 -18.19 -24.35
N GLY C 305 -25.15 -17.80 -25.02
CA GLY C 305 -24.38 -18.66 -25.90
C GLY C 305 -22.96 -18.16 -26.06
N ARG C 306 -22.32 -18.53 -27.16
CA ARG C 306 -20.88 -18.33 -27.36
C ARG C 306 -20.06 -18.64 -26.12
N ILE C 307 -20.37 -19.76 -25.47
CA ILE C 307 -19.74 -20.13 -24.20
C ILE C 307 -18.50 -20.93 -24.52
N ARG C 308 -17.36 -20.43 -24.04
CA ARG C 308 -16.05 -20.97 -24.37
C ARG C 308 -15.01 -20.46 -23.37
N LYS C 309 -14.03 -21.31 -23.06
CA LYS C 309 -12.99 -20.93 -22.12
C LYS C 309 -12.05 -19.95 -22.79
N ASP C 310 -11.42 -19.11 -21.98
CA ASP C 310 -10.40 -18.18 -22.45
C ASP C 310 -9.22 -18.96 -23.00
N LEU C 311 -8.63 -18.43 -24.06
CA LEU C 311 -7.46 -19.03 -24.72
C LEU C 311 -6.20 -19.06 -23.86
N ASP C 312 -6.24 -18.38 -22.72
CA ASP C 312 -5.04 -18.28 -21.87
C ASP C 312 -5.29 -18.38 -20.36
N ALA C 313 -6.28 -17.64 -19.86
CA ALA C 313 -6.54 -17.54 -18.44
C ALA C 313 -7.29 -18.77 -17.98
N GLU C 314 -6.65 -19.53 -17.08
CA GLU C 314 -7.18 -20.79 -16.54
C GLU C 314 -8.67 -20.71 -16.18
N LYS C 315 -9.04 -19.65 -15.48
CA LYS C 315 -10.39 -19.52 -14.94
C LYS C 315 -11.27 -18.53 -15.71
N GLY C 316 -10.81 -18.14 -16.90
CA GLY C 316 -11.54 -17.22 -17.79
C GLY C 316 -12.55 -17.89 -18.70
N ILE C 317 -13.73 -17.23 -18.83
CA ILE C 317 -14.83 -17.67 -19.73
C ILE C 317 -15.46 -16.49 -20.46
N HIS C 318 -15.70 -16.67 -21.75
CA HIS C 318 -16.44 -15.71 -22.58
C HIS C 318 -17.88 -16.21 -22.86
N MET C 319 -18.80 -15.26 -23.00
CA MET C 319 -20.18 -15.59 -23.36
C MET C 319 -20.93 -14.41 -23.98
N TRP C 320 -22.03 -14.71 -24.66
CA TRP C 320 -22.84 -13.70 -25.31
C TRP C 320 -24.22 -13.77 -24.70
N VAL C 321 -24.63 -12.66 -24.07
CA VAL C 321 -25.91 -12.57 -23.34
C VAL C 321 -26.84 -11.59 -24.05
N VAL C 322 -28.06 -12.02 -24.34
CA VAL C 322 -29.05 -11.15 -24.98
C VAL C 322 -30.43 -11.20 -24.33
N SER C 323 -31.03 -10.03 -24.13
CA SER C 323 -32.41 -9.99 -23.65
C SER C 323 -33.14 -8.75 -24.15
N ASP C 324 -34.46 -8.83 -24.21
CA ASP C 324 -35.27 -7.67 -24.52
C ASP C 324 -35.18 -6.69 -23.33
N ASN C 325 -34.74 -5.47 -23.60
CA ASN C 325 -34.46 -4.52 -22.53
C ASN C 325 -35.74 -3.87 -21.96
N LEU C 326 -36.81 -3.94 -22.73
CA LEU C 326 -38.14 -3.52 -22.27
C LEU C 326 -38.88 -4.56 -21.46
N LEU C 327 -38.50 -5.83 -21.60
CA LEU C 327 -39.13 -6.96 -20.91
C LEU C 327 -38.38 -7.36 -19.64
N LYS C 328 -37.54 -8.41 -19.69
CA LYS C 328 -36.69 -8.76 -18.51
C LYS C 328 -35.84 -7.57 -18.00
N GLY C 329 -35.45 -6.69 -18.92
CA GLY C 329 -34.68 -5.52 -18.53
C GLY C 329 -35.47 -4.42 -17.86
N ALA C 330 -36.79 -4.56 -17.82
CA ALA C 330 -37.63 -3.51 -17.29
C ALA C 330 -39.05 -3.95 -16.87
N ALA C 331 -39.98 -3.97 -17.82
CA ALA C 331 -41.41 -4.18 -17.53
C ALA C 331 -41.71 -5.56 -16.98
N TRP C 332 -41.04 -6.59 -17.50
CA TRP C 332 -41.21 -7.94 -16.97
C TRP C 332 -40.57 -8.09 -15.60
N ASN C 333 -39.35 -7.58 -15.43
CA ASN C 333 -38.71 -7.62 -14.13
C ASN C 333 -39.59 -6.94 -13.08
N SER C 334 -40.16 -5.80 -13.43
CA SER C 334 -41.03 -5.04 -12.51
C SER C 334 -42.35 -5.77 -12.16
N VAL C 335 -42.91 -6.50 -13.11
CA VAL C 335 -44.14 -7.27 -12.85
C VAL C 335 -43.81 -8.56 -12.09
N GLN C 336 -42.64 -9.12 -12.35
CA GLN C 336 -42.10 -10.23 -11.55
C GLN C 336 -41.88 -9.86 -10.09
N ILE C 337 -41.39 -8.65 -9.83
CA ILE C 337 -41.30 -8.15 -8.46
C ILE C 337 -42.69 -8.02 -7.81
N ALA C 338 -43.62 -7.36 -8.49
CA ALA C 338 -45.00 -7.22 -8.00
C ALA C 338 -45.70 -8.56 -7.70
N GLU C 339 -45.48 -9.55 -8.56
CA GLU C 339 -46.03 -10.89 -8.39
C GLU C 339 -45.41 -11.59 -7.17
N THR C 340 -44.09 -11.52 -7.05
CA THR C 340 -43.35 -12.08 -5.91
C THR C 340 -43.77 -11.40 -4.59
N LEU C 341 -44.00 -10.08 -4.64
CA LEU C 341 -44.49 -9.33 -3.46
C LEU C 341 -45.86 -9.84 -3.03
N HIS C 342 -46.74 -10.10 -4.01
CA HIS C 342 -48.07 -10.65 -3.76
C HIS C 342 -48.00 -12.07 -3.22
N GLU C 343 -47.16 -12.91 -3.84
CA GLU C 343 -46.94 -14.30 -3.41
C GLU C 343 -46.43 -14.40 -1.97
N ARG C 344 -45.58 -13.46 -1.59
CA ARG C 344 -44.92 -13.45 -0.28
C ARG C 344 -45.68 -12.67 0.78
N GLY C 345 -46.88 -12.20 0.46
CA GLY C 345 -47.68 -11.41 1.39
C GLY C 345 -47.03 -10.10 1.78
N LEU C 346 -46.34 -9.47 0.83
CA LEU C 346 -45.59 -8.24 1.08
C LEU C 346 -46.23 -6.97 0.51
N VAL C 347 -47.39 -7.14 -0.12
CA VAL C 347 -48.16 -6.01 -0.64
C VAL C 347 -49.04 -5.48 0.48
N ARG C 348 -48.47 -4.57 1.27
CA ARG C 348 -49.18 -3.94 2.38
C ARG C 348 -48.49 -2.62 2.77
N PRO C 349 -49.25 -1.69 3.40
CA PRO C 349 -48.71 -0.39 3.78
C PRO C 349 -47.58 -0.43 4.82
N THR C 350 -46.53 0.34 4.55
CA THR C 350 -45.45 0.59 5.49
C THR C 350 -45.79 1.83 6.33
N LEU C 353 -41.30 4.19 6.50
CA LEU C 353 -41.53 5.60 6.19
C LEU C 353 -40.22 6.38 6.21
N LYS C 354 -39.33 6.08 5.26
CA LYS C 354 -37.92 6.49 5.33
C LYS C 354 -37.42 7.37 4.17
N PHE C 355 -38.35 7.99 3.45
CA PHE C 355 -38.01 8.81 2.30
C PHE C 355 -38.70 10.17 2.45
N GLU C 356 -37.91 11.25 2.36
CA GLU C 356 -38.44 12.60 2.52
C GLU C 356 -39.41 12.99 1.39
N LEU C 357 -40.44 13.76 1.75
CA LEU C 357 -41.38 14.30 0.78
C LEU C 357 -40.82 15.60 0.24
N LYS C 358 -40.85 15.75 -1.08
CA LYS C 358 -40.35 16.95 -1.74
C LYS C 358 -41.43 18.03 -1.85
N GLY D 2 13.60 37.67 -14.64
CA GLY D 2 13.32 36.79 -13.46
C GLY D 2 12.67 35.45 -13.80
N TYR D 3 11.54 35.16 -13.16
CA TYR D 3 10.99 33.81 -13.18
C TYR D 3 9.72 33.60 -14.02
N THR D 4 9.58 32.37 -14.48
CA THR D 4 8.29 31.83 -14.84
C THR D 4 7.67 31.22 -13.57
N VAL D 5 6.45 31.67 -13.26
CA VAL D 5 5.76 31.26 -12.05
C VAL D 5 4.42 30.65 -12.42
N ALA D 6 4.21 29.42 -11.96
CA ALA D 6 2.96 28.72 -12.15
C ALA D 6 2.13 28.69 -10.87
N VAL D 7 0.83 28.97 -11.02
CA VAL D 7 -0.11 28.82 -9.94
C VAL D 7 -0.99 27.64 -10.30
N VAL D 8 -0.86 26.56 -9.53
CA VAL D 8 -1.70 25.35 -9.70
C VAL D 8 -2.88 25.46 -8.74
N GLY D 9 -4.10 25.50 -9.30
CA GLY D 9 -5.30 25.80 -8.52
C GLY D 9 -5.63 27.29 -8.56
N ALA D 10 -5.46 27.88 -9.74
CA ALA D 10 -5.63 29.31 -9.98
C ALA D 10 -7.07 29.83 -9.84
N THR D 11 -8.04 28.94 -9.97
CA THR D 11 -9.46 29.30 -9.97
C THR D 11 -10.15 29.16 -8.60
N GLY D 12 -9.38 28.68 -7.61
CA GLY D 12 -9.92 28.38 -6.28
C GLY D 12 -9.89 29.54 -5.30
N ALA D 13 -10.26 29.26 -4.06
CA ALA D 13 -10.30 30.28 -3.02
C ALA D 13 -8.88 30.80 -2.69
N VAL D 14 -7.94 29.87 -2.50
CA VAL D 14 -6.55 30.23 -2.26
C VAL D 14 -5.91 30.80 -3.53
N GLY D 15 -6.11 30.14 -4.67
CA GLY D 15 -5.56 30.60 -5.95
C GLY D 15 -5.91 32.03 -6.33
N ALA D 16 -7.17 32.42 -6.13
CA ALA D 16 -7.59 33.81 -6.33
C ALA D 16 -6.73 34.76 -5.48
N GLN D 17 -6.44 34.36 -4.25
CA GLN D 17 -5.62 35.19 -3.36
C GLN D 17 -4.15 35.10 -3.71
N MET D 18 -3.72 33.95 -4.24
CA MET D 18 -2.36 33.77 -4.72
C MET D 18 -2.07 34.75 -5.85
N ILE D 19 -2.97 34.81 -6.81
CA ILE D 19 -2.95 35.81 -7.89
C ILE D 19 -2.79 37.24 -7.34
N LYS D 20 -3.59 37.59 -6.33
CA LYS D 20 -3.52 38.91 -5.70
C LYS D 20 -2.19 39.18 -4.98
N MET D 21 -1.66 38.19 -4.26
CA MET D 21 -0.38 38.35 -3.57
C MET D 21 0.81 38.48 -4.53
N LEU D 22 0.72 37.80 -5.67
CA LEU D 22 1.75 37.84 -6.70
C LEU D 22 1.77 39.17 -7.46
N GLU D 23 0.60 39.71 -7.75
CA GLU D 23 0.46 41.03 -8.38
C GLU D 23 1.14 42.16 -7.58
N GLU D 24 1.26 41.97 -6.27
CA GLU D 24 1.85 42.97 -5.38
C GLU D 24 3.19 42.45 -4.85
N SER D 25 3.70 41.37 -5.42
CA SER D 25 4.91 40.70 -4.92
C SER D 25 6.19 41.46 -5.28
N THR D 26 7.25 41.23 -4.50
CA THR D 26 8.58 41.78 -4.82
C THR D 26 9.34 40.84 -5.77
N LEU D 27 8.70 39.74 -6.15
CA LEU D 27 9.29 38.70 -6.97
C LEU D 27 9.41 39.12 -8.45
N PRO D 28 10.61 38.94 -9.04
CA PRO D 28 10.74 39.23 -10.47
C PRO D 28 10.02 38.17 -11.28
N ILE D 29 8.84 38.52 -11.78
CA ILE D 29 8.04 37.62 -12.62
C ILE D 29 8.11 38.04 -14.08
N ASP D 30 8.66 37.17 -14.93
CA ASP D 30 8.72 37.39 -16.38
C ASP D 30 7.50 36.82 -17.09
N LYS D 31 7.02 35.67 -16.60
CA LYS D 31 5.89 34.96 -17.19
C LYS D 31 5.07 34.30 -16.08
N ILE D 32 3.76 34.44 -16.17
CA ILE D 32 2.84 33.87 -15.17
C ILE D 32 1.90 32.85 -15.82
N ARG D 33 1.76 31.69 -15.20
CA ARG D 33 0.96 30.60 -15.77
C ARG D 33 -0.11 30.11 -14.80
N TYR D 34 -1.32 29.94 -15.31
CA TYR D 34 -2.45 29.50 -14.48
C TYR D 34 -2.85 28.06 -14.78
N LEU D 35 -2.83 27.22 -13.76
CA LEU D 35 -3.11 25.81 -13.94
C LEU D 35 -4.25 25.34 -13.06
N ALA D 36 -5.19 24.60 -13.65
CA ALA D 36 -6.29 23.98 -12.92
C ALA D 36 -6.57 22.62 -13.56
N SER D 37 -7.79 22.10 -13.39
CA SER D 37 -8.17 20.84 -14.06
C SER D 37 -8.81 21.14 -15.42
N ALA D 38 -9.25 20.08 -16.10
CA ALA D 38 -9.87 20.19 -17.42
C ALA D 38 -11.04 21.18 -17.47
N ARG D 39 -11.77 21.32 -16.36
CA ARG D 39 -12.99 22.14 -16.34
C ARG D 39 -12.73 23.65 -16.53
N SER D 40 -11.54 24.11 -16.15
CA SER D 40 -11.18 25.52 -16.28
C SER D 40 -10.26 25.78 -17.48
N ALA D 41 -9.66 24.72 -18.01
CA ALA D 41 -8.80 24.82 -19.20
C ALA D 41 -9.49 25.62 -20.32
N GLY D 42 -8.76 26.54 -20.95
CA GLY D 42 -9.32 27.35 -22.04
C GLY D 42 -9.90 28.67 -21.58
N LYS D 43 -10.38 28.69 -20.34
CA LYS D 43 -10.96 29.88 -19.73
C LYS D 43 -9.91 30.92 -19.36
N SER D 44 -10.34 32.16 -19.14
CA SER D 44 -9.42 33.28 -18.98
C SER D 44 -9.45 33.89 -17.57
N LEU D 45 -8.29 34.40 -17.14
CA LEU D 45 -8.11 34.93 -15.81
C LEU D 45 -6.99 35.97 -15.83
N LYS D 46 -7.19 37.10 -15.15
CA LYS D 46 -6.28 38.26 -15.26
C LYS D 46 -5.03 38.17 -14.39
N PHE D 47 -3.91 38.67 -14.90
CA PHE D 47 -2.76 39.04 -14.07
C PHE D 47 -2.39 40.49 -14.39
N LYS D 48 -2.52 41.36 -13.39
CA LYS D 48 -2.61 42.81 -13.63
C LYS D 48 -3.60 43.06 -14.78
N ASP D 49 -3.11 43.55 -15.91
CA ASP D 49 -3.99 43.68 -17.09
C ASP D 49 -3.87 42.52 -18.08
N GLN D 50 -2.67 41.94 -18.16
CA GLN D 50 -2.42 40.75 -18.98
C GLN D 50 -3.59 39.77 -18.90
N ASP D 51 -3.94 39.19 -20.04
CA ASP D 51 -5.03 38.23 -20.07
C ASP D 51 -4.44 36.83 -20.17
N ILE D 52 -4.67 36.02 -19.14
CA ILE D 52 -4.04 34.71 -19.01
C ILE D 52 -5.05 33.57 -19.19
N THR D 53 -4.80 32.72 -20.20
CA THR D 53 -5.62 31.53 -20.42
C THR D 53 -5.16 30.45 -19.45
N ILE D 54 -6.15 29.72 -18.92
CA ILE D 54 -5.91 28.64 -17.97
C ILE D 54 -5.49 27.35 -18.67
N GLU D 55 -4.52 26.65 -18.07
CA GLU D 55 -3.97 25.42 -18.61
C GLU D 55 -4.42 24.20 -17.76
N GLU D 56 -4.62 23.06 -18.40
CA GLU D 56 -4.89 21.81 -17.67
C GLU D 56 -3.58 21.37 -17.01
N THR D 57 -3.68 20.83 -15.79
CA THR D 57 -2.49 20.38 -15.08
C THR D 57 -2.13 18.96 -15.52
N THR D 58 -0.88 18.80 -15.95
CA THR D 58 -0.38 17.52 -16.48
C THR D 58 1.07 17.37 -16.04
N GLU D 59 1.67 16.22 -16.33
CA GLU D 59 3.04 15.92 -15.89
C GLU D 59 4.04 16.72 -16.69
N THR D 60 3.59 17.19 -17.85
CA THR D 60 4.44 17.89 -18.82
C THR D 60 4.17 19.40 -18.85
N ALA D 61 3.32 19.88 -17.95
CA ALA D 61 2.99 21.30 -17.88
C ALA D 61 4.10 22.19 -17.24
N PHE D 62 5.07 21.56 -16.59
CA PHE D 62 6.05 22.27 -15.78
C PHE D 62 7.40 22.59 -16.45
N GLU D 63 7.49 22.37 -17.77
CA GLU D 63 8.68 22.76 -18.53
C GLU D 63 8.84 24.27 -18.63
N GLY D 64 9.98 24.76 -18.18
CA GLY D 64 10.29 26.18 -18.23
C GLY D 64 9.90 26.95 -16.99
N VAL D 65 9.25 26.27 -16.04
CA VAL D 65 8.71 26.90 -14.83
C VAL D 65 9.80 26.95 -13.79
N ASP D 66 9.99 28.10 -13.16
CA ASP D 66 11.00 28.23 -12.11
C ASP D 66 10.41 27.93 -10.72
N ILE D 67 9.19 28.41 -10.50
CA ILE D 67 8.48 28.29 -9.22
C ILE D 67 7.04 27.91 -9.48
N ALA D 68 6.54 26.95 -8.70
CA ALA D 68 5.14 26.57 -8.75
C ALA D 68 4.53 26.67 -7.36
N LEU D 69 3.46 27.44 -7.26
CA LEU D 69 2.68 27.47 -6.03
C LEU D 69 1.49 26.53 -6.22
N PHE D 70 1.44 25.47 -5.41
CA PHE D 70 0.34 24.50 -5.49
C PHE D 70 -0.74 24.81 -4.48
N SER D 71 -1.97 24.99 -4.95
CA SER D 71 -3.08 25.10 -4.04
C SER D 71 -4.33 24.51 -4.66
N ALA D 72 -4.23 23.23 -5.03
CA ALA D 72 -5.29 22.49 -5.69
C ALA D 72 -5.72 21.21 -4.98
N GLY D 73 -5.28 21.01 -3.73
CA GLY D 73 -5.63 19.82 -2.96
C GLY D 73 -4.56 18.74 -2.91
N SER D 74 -4.48 18.03 -1.80
CA SER D 74 -3.50 16.95 -1.59
C SER D 74 -3.33 16.00 -2.79
N SER D 75 -4.41 15.54 -3.41
CA SER D 75 -4.28 14.62 -4.55
C SER D 75 -3.47 15.21 -5.72
N THR D 76 -3.82 16.44 -6.11
CA THR D 76 -3.07 17.15 -7.18
C THR D 76 -1.58 17.29 -6.85
N SER D 77 -1.26 17.67 -5.61
CA SER D 77 0.14 17.79 -5.17
C SER D 77 0.84 16.42 -5.15
N ALA D 78 0.22 15.43 -4.52
CA ALA D 78 0.70 14.05 -4.53
C ALA D 78 0.99 13.53 -5.94
N LYS D 79 0.21 13.99 -6.91
CA LYS D 79 0.36 13.53 -8.29
C LYS D 79 1.34 14.37 -9.11
N TYR D 80 1.21 15.69 -9.09
CA TYR D 80 1.97 16.53 -10.03
C TYR D 80 3.18 17.29 -9.47
N ALA D 81 3.36 17.34 -8.14
CA ALA D 81 4.53 18.05 -7.57
C ALA D 81 5.87 17.35 -7.82
N PRO D 82 5.95 16.01 -7.58
CA PRO D 82 7.16 15.27 -7.94
C PRO D 82 7.62 15.45 -9.39
N TYR D 83 6.67 15.57 -10.31
CA TYR D 83 7.00 15.83 -11.72
C TYR D 83 7.56 17.22 -11.96
N ALA D 84 6.97 18.22 -11.31
CA ALA D 84 7.47 19.58 -11.37
C ALA D 84 8.92 19.62 -10.86
N VAL D 85 9.18 18.95 -9.73
CA VAL D 85 10.55 18.80 -9.22
C VAL D 85 11.51 18.14 -10.26
N LYS D 86 11.10 16.99 -10.80
CA LYS D 86 11.86 16.29 -11.83
C LYS D 86 12.17 17.27 -12.99
N ALA D 87 11.17 18.09 -13.32
CA ALA D 87 11.28 19.15 -14.33
C ALA D 87 12.26 20.27 -13.96
N GLY D 88 12.40 20.55 -12.68
CA GLY D 88 13.39 21.55 -12.23
C GLY D 88 12.77 22.74 -11.54
N VAL D 89 11.51 22.56 -11.12
CA VAL D 89 10.75 23.61 -10.45
C VAL D 89 11.11 23.60 -8.96
N VAL D 90 10.96 24.75 -8.32
CA VAL D 90 10.88 24.80 -6.87
C VAL D 90 9.38 24.91 -6.52
N VAL D 91 8.91 23.92 -5.78
CA VAL D 91 7.49 23.84 -5.42
C VAL D 91 7.27 24.40 -4.01
N VAL D 92 6.29 25.30 -3.92
CA VAL D 92 5.72 25.72 -2.65
C VAL D 92 4.29 25.17 -2.64
N ASP D 93 4.09 24.14 -1.82
CA ASP D 93 2.83 23.43 -1.73
C ASP D 93 1.97 23.99 -0.59
N ASN D 94 0.68 24.20 -0.84
CA ASN D 94 -0.19 24.73 0.21
C ASN D 94 -0.84 23.61 1.02
N THR D 95 -0.87 22.41 0.43
CA THR D 95 -1.62 21.29 0.98
C THR D 95 -0.88 20.57 2.10
N SER D 96 -1.51 19.56 2.68
CA SER D 96 -0.92 18.84 3.80
C SER D 96 -0.10 17.63 3.41
N TYR D 97 0.02 17.36 2.11
CA TYR D 97 0.61 16.10 1.64
C TYR D 97 2.08 15.86 1.98
N PHE D 98 2.91 16.90 1.84
CA PHE D 98 4.36 16.76 2.02
C PHE D 98 4.87 17.30 3.35
N ARG D 99 3.94 17.75 4.20
CA ARG D 99 4.26 18.49 5.42
C ARG D 99 5.10 17.72 6.44
N GLN D 100 4.87 16.40 6.53
CA GLN D 100 5.58 15.59 7.55
C GLN D 100 6.78 14.83 6.99
N ASN D 101 7.06 15.04 5.71
CA ASN D 101 8.24 14.51 5.05
C ASN D 101 9.49 15.28 5.49
N PRO D 102 10.42 14.62 6.22
CA PRO D 102 11.67 15.26 6.68
C PRO D 102 12.54 15.90 5.58
N ASP D 103 12.28 15.54 4.33
CA ASP D 103 12.96 16.11 3.18
C ASP D 103 12.37 17.45 2.76
N VAL D 104 11.32 17.87 3.44
CA VAL D 104 10.54 19.02 3.03
C VAL D 104 10.56 20.00 4.17
N PRO D 105 11.06 21.23 3.93
CA PRO D 105 10.89 22.29 4.90
C PRO D 105 9.40 22.64 5.12
N LEU D 106 9.02 22.85 6.38
CA LEU D 106 7.67 23.32 6.71
C LEU D 106 7.81 24.68 7.35
N VAL D 107 7.55 25.72 6.56
CA VAL D 107 8.07 27.06 6.89
C VAL D 107 7.02 28.18 7.10
N VAL D 108 7.18 28.89 8.21
CA VAL D 108 6.63 30.22 8.42
C VAL D 108 7.88 31.13 8.44
N PRO D 109 8.06 31.96 7.39
CA PRO D 109 9.29 32.77 7.22
C PRO D 109 9.77 33.53 8.46
N GLU D 110 8.84 34.14 9.20
CA GLU D 110 9.20 34.89 10.41
C GLU D 110 9.70 34.00 11.54
N VAL D 111 9.55 32.69 11.41
CA VAL D 111 9.85 31.76 12.51
C VAL D 111 11.04 30.85 12.19
N ASN D 112 11.01 30.21 11.03
CA ASN D 112 12.05 29.24 10.70
C ASN D 112 12.52 29.31 9.25
N ALA D 113 12.76 30.53 8.76
CA ALA D 113 13.30 30.77 7.42
C ALA D 113 14.57 29.98 7.15
N HIS D 114 15.31 29.67 8.22
CA HIS D 114 16.57 28.90 8.12
C HIS D 114 16.40 27.52 7.49
N ALA D 115 15.21 26.93 7.61
CA ALA D 115 14.93 25.58 7.11
C ALA D 115 14.83 25.52 5.59
N LEU D 116 14.66 26.68 4.97
CA LEU D 116 14.57 26.81 3.52
C LEU D 116 15.84 26.45 2.78
N ASP D 117 16.99 26.66 3.45
CA ASP D 117 18.32 26.49 2.83
C ASP D 117 18.54 25.10 2.27
N ALA D 118 18.09 24.10 3.02
CA ALA D 118 18.40 22.73 2.69
C ALA D 118 17.29 22.07 1.90
N HIS D 119 16.41 22.88 1.31
CA HIS D 119 15.27 22.33 0.61
C HIS D 119 15.70 21.39 -0.54
N ASN D 120 14.77 20.50 -0.89
CA ASN D 120 14.95 19.52 -1.95
C ASN D 120 13.93 19.71 -3.08
N GLY D 121 13.44 20.94 -3.23
CA GLY D 121 12.55 21.26 -4.36
C GLY D 121 11.07 21.39 -4.04
N ILE D 122 10.67 20.91 -2.86
CA ILE D 122 9.32 21.15 -2.32
C ILE D 122 9.42 21.80 -0.95
N ILE D 123 8.76 22.93 -0.78
CA ILE D 123 8.60 23.58 0.53
C ILE D 123 7.10 23.67 0.84
N ALA D 124 6.71 23.25 2.04
CA ALA D 124 5.29 23.17 2.38
C ALA D 124 4.85 24.35 3.22
N CYS D 125 3.72 24.91 2.84
CA CYS D 125 3.08 25.96 3.61
C CYS D 125 2.20 25.27 4.66
N PRO D 126 2.46 25.52 5.96
CA PRO D 126 1.78 24.78 7.04
C PRO D 126 0.28 25.00 7.02
N ASN D 127 -0.42 24.28 7.87
CA ASN D 127 -1.84 24.46 8.09
C ASN D 127 -2.14 25.90 8.55
N CYS D 128 -3.24 26.48 8.05
CA CYS D 128 -3.56 27.90 8.33
C CYS D 128 -3.66 28.26 9.84
N SER D 129 -4.38 27.45 10.60
CA SER D 129 -4.51 27.70 12.05
C SER D 129 -3.17 27.59 12.77
N THR D 130 -2.33 26.68 12.29
CA THR D 130 -0.99 26.55 12.82
C THR D 130 -0.18 27.81 12.52
N ILE D 131 -0.21 28.30 11.27
CA ILE D 131 0.55 29.51 10.91
C ILE D 131 0.32 30.71 11.84
N GLN D 132 -0.95 31.13 12.00
CA GLN D 132 -1.28 32.28 12.85
C GLN D 132 -0.90 32.05 14.32
N MET D 133 -1.08 30.83 14.83
CA MET D 133 -0.61 30.47 16.14
C MET D 133 0.92 30.55 16.30
N MET D 134 1.67 30.15 15.28
CA MET D 134 3.13 30.22 15.35
C MET D 134 3.61 31.68 15.34
N VAL D 135 2.95 32.51 14.55
CA VAL D 135 3.25 33.95 14.51
C VAL D 135 3.04 34.57 15.89
N ALA D 136 1.91 34.25 16.51
CA ALA D 136 1.53 34.77 17.82
C ALA D 136 2.44 34.25 18.96
N LEU D 137 2.86 32.98 18.87
CA LEU D 137 3.59 32.30 19.95
C LEU D 137 5.11 32.34 19.94
N GLU D 138 5.71 32.47 18.75
CA GLU D 138 7.18 32.42 18.62
C GLU D 138 7.94 33.51 19.39
N PRO D 139 7.46 34.77 19.34
CA PRO D 139 8.10 35.80 20.20
C PRO D 139 7.99 35.50 21.72
N VAL D 140 6.98 34.72 22.11
CA VAL D 140 6.80 34.31 23.50
C VAL D 140 7.79 33.18 23.86
N ARG D 141 7.90 32.17 23.01
CA ARG D 141 8.86 31.08 23.23
C ARG D 141 10.31 31.58 23.26
N GLN D 142 10.62 32.51 22.35
CA GLN D 142 11.96 33.09 22.27
C GLN D 142 12.41 33.62 23.63
N LYS D 143 11.52 34.27 24.38
CA LYS D 143 11.89 34.90 25.66
C LYS D 143 11.69 34.06 26.93
N TRP D 144 10.58 33.32 26.99
CA TRP D 144 10.20 32.60 28.22
C TRP D 144 9.98 31.08 28.03
N GLY D 145 10.17 30.57 26.82
CA GLY D 145 9.92 29.15 26.54
C GLY D 145 8.44 28.75 26.50
N LEU D 146 8.14 27.62 25.86
CA LEU D 146 6.78 27.08 25.84
C LEU D 146 6.76 25.67 26.40
N ASP D 147 5.89 25.47 27.39
CA ASP D 147 5.73 24.15 27.97
C ASP D 147 4.56 23.45 27.26
N ARG D 148 3.40 24.10 27.19
CA ARG D 148 2.27 23.50 26.54
C ARG D 148 1.37 24.55 25.87
N ILE D 149 0.64 24.09 24.85
CA ILE D 149 -0.44 24.86 24.22
C ILE D 149 -1.75 24.08 24.30
N ILE D 150 -2.79 24.70 24.85
CA ILE D 150 -4.16 24.29 24.60
C ILE D 150 -4.85 25.33 23.70
N VAL D 151 -5.38 24.85 22.56
CA VAL D 151 -6.07 25.71 21.58
C VAL D 151 -7.51 25.20 21.25
N SER D 152 -8.48 26.11 21.26
CA SER D 152 -9.78 25.87 20.62
C SER D 152 -9.95 26.87 19.48
N THR D 153 -10.23 26.36 18.28
CA THR D 153 -10.28 27.20 17.08
C THR D 153 -11.71 27.51 16.65
N TYR D 154 -11.87 28.62 15.93
CA TYR D 154 -13.15 29.12 15.46
C TYR D 154 -12.95 29.38 13.96
N GLN D 155 -13.05 28.31 13.18
CA GLN D 155 -12.62 28.36 11.81
C GLN D 155 -13.70 28.76 10.79
N ALA D 156 -13.26 29.58 9.84
CA ALA D 156 -14.10 30.08 8.76
C ALA D 156 -14.24 29.02 7.67
N VAL D 157 -15.34 29.10 6.94
CA VAL D 157 -15.69 28.07 5.94
C VAL D 157 -14.76 28.10 4.72
N SER D 158 -14.20 29.27 4.40
CA SER D 158 -13.29 29.42 3.25
C SER D 158 -12.10 28.47 3.30
N GLY D 159 -11.67 28.09 4.51
CA GLY D 159 -10.64 27.07 4.66
C GLY D 159 -10.98 25.70 4.06
N ALA D 160 -12.27 25.45 3.84
CA ALA D 160 -12.73 24.24 3.20
C ALA D 160 -13.03 24.44 1.70
N GLY D 161 -12.90 25.68 1.23
CA GLY D 161 -12.87 25.94 -0.21
C GLY D 161 -14.04 26.69 -0.78
N MET D 162 -14.00 26.91 -2.09
CA MET D 162 -14.98 27.73 -2.80
C MET D 162 -16.38 27.18 -2.67
N GLY D 163 -16.55 25.86 -2.87
CA GLY D 163 -17.85 25.24 -2.67
C GLY D 163 -18.39 25.38 -1.25
N ALA D 164 -17.52 25.30 -0.25
CA ALA D 164 -17.93 25.45 1.15
C ALA D 164 -18.53 26.84 1.40
N ILE D 165 -17.86 27.86 0.85
CA ILE D 165 -18.30 29.26 0.95
C ILE D 165 -19.71 29.39 0.38
N LEU D 166 -19.88 28.85 -0.83
CA LEU D 166 -21.16 28.86 -1.54
C LEU D 166 -22.24 28.09 -0.83
N GLU D 167 -21.89 26.91 -0.30
CA GLU D 167 -22.80 26.10 0.49
C GLU D 167 -23.32 26.87 1.72
N THR D 168 -22.42 27.58 2.41
CA THR D 168 -22.78 28.38 3.59
C THR D 168 -23.69 29.58 3.25
N GLN D 169 -23.40 30.28 2.15
CA GLN D 169 -24.18 31.46 1.74
C GLN D 169 -25.59 31.10 1.30
N ARG D 170 -25.73 29.98 0.59
CA ARG D 170 -27.04 29.51 0.17
C ARG D 170 -27.86 28.94 1.34
N GLU D 171 -27.22 28.20 2.23
CA GLU D 171 -27.87 27.74 3.47
C GLU D 171 -28.41 28.91 4.31
N LEU D 172 -27.57 29.92 4.54
CA LEU D 172 -28.00 31.08 5.31
C LEU D 172 -29.15 31.81 4.62
N ARG D 173 -29.05 31.95 3.29
CA ARG D 173 -30.11 32.57 2.50
C ARG D 173 -31.44 31.83 2.60
N GLU D 174 -31.38 30.50 2.66
CA GLU D 174 -32.55 29.65 2.78
C GLU D 174 -33.26 29.82 4.13
N VAL D 175 -32.47 29.90 5.19
CA VAL D 175 -32.98 30.13 6.55
C VAL D 175 -33.60 31.52 6.69
N LEU D 176 -32.85 32.54 6.26
CA LEU D 176 -33.19 33.94 6.51
C LEU D 176 -34.19 34.50 5.51
N ASN D 177 -34.16 34.00 4.28
CA ASN D 177 -35.07 34.49 3.22
C ASN D 177 -36.30 33.62 2.99
N ASP D 178 -36.14 32.29 3.07
CA ASP D 178 -37.22 31.33 2.75
C ASP D 178 -37.90 30.68 3.96
N GLY D 179 -37.39 30.95 5.17
CA GLY D 179 -38.00 30.45 6.41
C GLY D 179 -37.73 28.98 6.72
N VAL D 180 -36.66 28.44 6.16
CA VAL D 180 -36.23 27.07 6.45
C VAL D 180 -35.52 27.00 7.80
N LYS D 181 -35.84 25.97 8.58
CA LYS D 181 -35.14 25.66 9.83
C LYS D 181 -33.76 25.09 9.54
N PRO D 182 -32.76 25.46 10.37
CA PRO D 182 -31.37 25.06 10.15
C PRO D 182 -31.14 23.55 10.01
N CYS D 183 -31.82 22.73 10.81
CA CYS D 183 -31.59 21.31 10.72
C CYS D 183 -32.42 20.59 9.62
N ASP D 184 -33.27 21.36 8.93
CA ASP D 184 -33.95 20.86 7.73
C ASP D 184 -33.20 21.22 6.42
N LEU D 185 -31.98 21.75 6.56
CA LEU D 185 -31.12 22.08 5.43
C LEU D 185 -30.41 20.84 4.92
N HIS D 186 -30.00 20.89 3.65
CA HIS D 186 -29.23 19.82 3.04
C HIS D 186 -27.82 20.25 2.67
N ALA D 187 -26.85 19.76 3.44
CA ALA D 187 -25.42 20.01 3.19
C ALA D 187 -24.81 18.93 2.28
N GLU D 188 -23.85 19.32 1.47
CA GLU D 188 -23.16 18.39 0.58
C GLU D 188 -21.67 18.34 0.87
N ILE D 189 -21.16 19.36 1.57
CA ILE D 189 -19.72 19.55 1.74
C ILE D 189 -19.23 19.49 3.21
N LEU D 190 -19.68 20.43 4.04
CA LEU D 190 -19.25 20.49 5.44
C LEU D 190 -19.94 19.41 6.29
N PRO D 191 -19.28 18.94 7.38
CA PRO D 191 -17.99 19.37 7.98
C PRO D 191 -16.72 19.02 7.19
N SER D 192 -16.75 17.92 6.44
CA SER D 192 -15.61 17.48 5.63
C SER D 192 -16.09 16.84 4.32
N GLY D 193 -15.56 17.35 3.21
CA GLY D 193 -15.96 16.88 1.88
C GLY D 193 -15.73 15.39 1.59
N GLY D 194 -14.76 14.79 2.27
CA GLY D 194 -14.44 13.37 2.05
C GLY D 194 -15.22 12.41 2.91
N ASP D 195 -15.72 12.89 4.05
CA ASP D 195 -16.38 12.05 5.02
C ASP D 195 -17.79 11.65 4.59
N LYS D 196 -18.32 10.61 5.24
CA LYS D 196 -19.61 10.00 4.93
C LYS D 196 -20.84 10.90 5.09
N LYS D 197 -20.88 11.66 6.18
CA LYS D 197 -22.06 12.46 6.49
C LYS D 197 -21.76 13.94 6.47
N HIS D 198 -22.75 14.71 6.01
CA HIS D 198 -22.64 16.17 5.93
C HIS D 198 -23.73 16.85 6.72
N TYR D 199 -23.38 18.00 7.30
CA TYR D 199 -24.26 18.71 8.22
C TYR D 199 -24.31 20.19 7.89
N PRO D 200 -25.49 20.81 8.10
CA PRO D 200 -25.67 22.27 7.96
C PRO D 200 -24.71 23.04 8.85
N ILE D 201 -24.22 24.17 8.33
CA ILE D 201 -23.35 25.04 9.07
C ILE D 201 -24.09 26.31 9.47
N ALA D 202 -25.20 26.62 8.79
CA ALA D 202 -25.96 27.83 9.10
C ALA D 202 -26.40 27.76 10.55
N PHE D 203 -26.03 28.78 11.34
CA PHE D 203 -26.38 28.87 12.77
C PHE D 203 -25.93 27.65 13.58
N ASN D 204 -24.79 27.08 13.17
CA ASN D 204 -24.21 25.93 13.83
C ASN D 204 -22.74 26.13 14.14
N ALA D 205 -22.22 25.25 15.01
CA ALA D 205 -20.80 25.15 15.26
C ALA D 205 -20.45 23.66 15.20
N LEU D 206 -19.72 23.25 14.15
CA LEU D 206 -19.38 21.86 13.93
C LEU D 206 -18.00 21.54 14.51
N PRO D 207 -17.94 20.73 15.60
CA PRO D 207 -16.66 20.32 16.18
C PRO D 207 -15.97 19.22 15.35
N GLN D 208 -15.96 19.38 14.04
CA GLN D 208 -15.23 18.51 13.13
C GLN D 208 -14.69 19.28 11.93
N ILE D 209 -13.37 19.30 11.83
CA ILE D 209 -12.66 19.76 10.65
C ILE D 209 -11.77 18.59 10.20
N ASP D 210 -11.83 18.29 8.91
CA ASP D 210 -11.17 17.10 8.33
C ASP D 210 -11.75 15.83 8.98
N VAL D 211 -11.26 14.67 8.58
CA VAL D 211 -11.79 13.41 9.11
C VAL D 211 -11.17 13.07 10.47
N PHE D 212 -11.76 12.10 11.18
CA PHE D 212 -11.22 11.60 12.44
C PHE D 212 -10.03 10.65 12.28
N THR D 213 -9.08 10.74 13.21
CA THR D 213 -7.96 9.81 13.32
C THR D 213 -8.32 8.75 14.37
N ASP D 214 -7.43 7.77 14.55
CA ASP D 214 -7.61 6.65 15.50
C ASP D 214 -7.65 7.06 16.98
N ASN D 215 -7.15 8.24 17.31
CA ASN D 215 -7.18 8.70 18.70
C ASN D 215 -8.38 9.60 19.06
N ASP D 216 -9.32 9.73 18.13
CA ASP D 216 -10.57 10.49 18.34
C ASP D 216 -10.39 12.02 18.22
N TYR D 217 -9.16 12.42 17.94
CA TYR D 217 -8.91 13.77 17.50
C TYR D 217 -9.13 13.72 15.99
N THR D 218 -9.44 14.86 15.38
CA THR D 218 -9.56 14.91 13.92
C THR D 218 -8.17 15.19 13.34
N TYR D 219 -8.02 15.03 12.03
CA TYR D 219 -6.77 15.39 11.34
C TYR D 219 -6.35 16.85 11.52
N GLU D 220 -7.31 17.77 11.46
CA GLU D 220 -6.98 19.20 11.66
C GLU D 220 -6.34 19.38 13.03
N GLU D 221 -6.94 18.78 14.06
CA GLU D 221 -6.45 18.86 15.43
C GLU D 221 -5.00 18.37 15.60
N MET D 222 -4.67 17.28 14.91
CA MET D 222 -3.35 16.65 14.97
C MET D 222 -2.29 17.35 14.12
N LYS D 223 -2.73 17.92 13.00
CA LYS D 223 -1.90 18.84 12.23
C LYS D 223 -1.39 20.01 13.07
N MET D 224 -2.21 20.57 13.94
CA MET D 224 -1.73 21.66 14.79
C MET D 224 -0.66 21.14 15.73
N THR D 225 -0.94 19.99 16.35
CA THR D 225 -0.04 19.34 17.28
C THR D 225 1.32 19.06 16.63
N LYS D 226 1.29 18.32 15.54
CA LYS D 226 2.50 17.86 14.85
C LYS D 226 3.25 18.93 14.07
N GLU D 227 2.52 19.82 13.42
CA GLU D 227 3.15 20.91 12.69
C GLU D 227 3.84 21.89 13.65
N THR D 228 3.21 22.16 14.78
CA THR D 228 3.82 23.01 15.81
C THR D 228 5.19 22.48 16.23
N LYS D 229 5.25 21.20 16.60
CA LYS D 229 6.51 20.57 17.03
C LYS D 229 7.59 20.66 15.95
N LYS D 230 7.18 20.54 14.68
CA LYS D 230 8.11 20.59 13.56
C LYS D 230 8.63 22.00 13.23
N ILE D 231 7.73 22.97 13.13
CA ILE D 231 8.09 24.36 12.81
C ILE D 231 9.00 24.95 13.89
N MET D 232 8.64 24.68 15.14
CA MET D 232 9.38 25.16 16.29
C MET D 232 10.61 24.29 16.65
N GLU D 233 10.75 23.14 15.97
CA GLU D 233 11.87 22.19 16.17
C GLU D 233 12.04 21.74 17.62
N ASP D 234 10.93 21.30 18.22
CA ASP D 234 10.89 20.96 19.65
C ASP D 234 9.73 20.00 19.90
N ASP D 235 10.06 18.71 20.01
CA ASP D 235 9.04 17.69 20.25
C ASP D 235 8.47 17.67 21.68
N SER D 236 9.10 18.39 22.61
CA SER D 236 8.70 18.42 24.02
C SER D 236 7.59 19.43 24.36
N ILE D 237 7.18 20.21 23.35
CA ILE D 237 6.10 21.15 23.53
C ILE D 237 4.78 20.38 23.42
N ALA D 238 4.02 20.37 24.51
CA ALA D 238 2.73 19.69 24.59
C ALA D 238 1.65 20.50 23.88
N VAL D 239 1.01 19.91 22.87
CA VAL D 239 -0.05 20.59 22.08
C VAL D 239 -1.32 19.72 21.88
N SER D 240 -2.45 20.25 22.33
CA SER D 240 -3.77 19.62 22.06
C SER D 240 -4.76 20.68 21.58
N ALA D 241 -5.59 20.30 20.60
CA ALA D 241 -6.44 21.23 19.86
C ALA D 241 -7.88 20.73 19.75
N THR D 242 -8.83 21.65 19.72
CA THR D 242 -10.21 21.37 19.33
C THR D 242 -10.57 22.33 18.23
N CYS D 243 -10.90 21.78 17.06
CA CYS D 243 -11.14 22.60 15.86
C CYS D 243 -12.60 22.59 15.42
N VAL D 244 -13.20 23.77 15.43
CA VAL D 244 -14.63 23.93 15.21
C VAL D 244 -14.88 24.81 13.98
N ARG D 245 -15.83 24.41 13.13
CA ARG D 245 -16.28 25.26 12.05
C ARG D 245 -17.47 26.12 12.48
N ILE D 246 -17.35 27.43 12.26
CA ILE D 246 -18.41 28.38 12.61
C ILE D 246 -18.89 29.18 11.35
N PRO D 247 -20.04 29.87 11.45
CA PRO D 247 -20.58 30.64 10.31
C PRO D 247 -19.84 31.97 10.06
N VAL D 248 -18.60 31.84 9.61
CA VAL D 248 -17.70 32.93 9.24
C VAL D 248 -17.15 32.57 7.88
N LEU D 249 -17.07 33.55 6.97
CA LEU D 249 -16.60 33.21 5.61
C LEU D 249 -15.09 33.17 5.54
N SER D 250 -14.43 34.22 6.06
CA SER D 250 -12.98 34.32 6.04
C SER D 250 -12.45 34.84 7.37
N ALA D 251 -11.27 34.35 7.75
CA ALA D 251 -10.56 34.66 8.99
C ALA D 251 -10.82 33.64 10.07
N HIS D 252 -9.76 32.93 10.45
CA HIS D 252 -9.82 31.97 11.53
C HIS D 252 -9.54 32.74 12.84
N SER D 253 -10.22 32.35 13.92
CA SER D 253 -9.95 32.88 15.27
C SER D 253 -9.54 31.76 16.23
N GLU D 254 -8.71 32.07 17.22
CA GLU D 254 -8.26 31.03 18.15
C GLU D 254 -8.26 31.47 19.60
N SER D 255 -8.92 30.70 20.45
CA SER D 255 -8.68 30.82 21.89
C SER D 255 -7.47 29.96 22.27
N VAL D 256 -6.36 30.66 22.55
CA VAL D 256 -5.07 30.02 22.80
C VAL D 256 -4.68 30.19 24.26
N TYR D 257 -4.53 29.05 24.94
CA TYR D 257 -3.93 28.97 26.28
C TYR D 257 -2.53 28.38 26.18
N ILE D 258 -1.57 29.06 26.81
CA ILE D 258 -0.21 28.56 26.95
C ILE D 258 0.30 28.54 28.39
N GLU D 259 1.25 27.64 28.65
CA GLU D 259 2.09 27.73 29.83
C GLU D 259 3.55 27.90 29.43
N THR D 260 4.16 28.99 29.89
CA THR D 260 5.55 29.30 29.58
C THR D 260 6.49 28.49 30.47
N LYS D 261 7.80 28.57 30.21
CA LYS D 261 8.77 27.88 31.06
C LYS D 261 9.24 28.75 32.21
N GLU D 262 9.36 30.06 31.95
CA GLU D 262 9.54 31.07 32.99
C GLU D 262 8.34 32.02 33.04
N VAL D 263 7.97 32.50 34.22
CA VAL D 263 6.88 33.47 34.27
C VAL D 263 7.15 34.67 33.36
N ALA D 264 6.11 35.08 32.64
CA ALA D 264 6.23 36.07 31.59
C ALA D 264 5.26 37.21 31.84
N PRO D 265 5.76 38.33 32.40
CA PRO D 265 4.87 39.45 32.77
C PRO D 265 4.03 39.87 31.59
N ILE D 266 2.73 40.05 31.80
CA ILE D 266 1.77 40.28 30.70
C ILE D 266 2.10 41.46 29.76
N GLU D 267 2.48 42.61 30.32
CA GLU D 267 2.88 43.76 29.51
C GLU D 267 4.14 43.51 28.68
N GLU D 268 5.04 42.64 29.19
CA GLU D 268 6.20 42.21 28.41
C GLU D 268 5.82 41.26 27.28
N VAL D 269 4.75 40.49 27.51
CA VAL D 269 4.18 39.59 26.51
C VAL D 269 3.53 40.38 25.38
N LYS D 270 2.82 41.43 25.72
CA LYS D 270 2.20 42.34 24.72
C LYS D 270 3.27 43.04 23.86
N ALA D 271 4.32 43.50 24.52
CA ALA D 271 5.47 44.13 23.87
C ALA D 271 6.24 43.17 22.96
N ALA D 272 6.41 41.93 23.40
CA ALA D 272 7.11 40.91 22.60
C ALA D 272 6.35 40.56 21.33
N ILE D 273 5.06 40.33 21.49
CA ILE D 273 4.17 40.05 20.35
C ILE D 273 4.14 41.25 19.42
N ALA D 274 3.92 42.43 20.00
CA ALA D 274 3.89 43.67 19.21
C ALA D 274 5.15 43.88 18.35
N ALA D 275 6.31 43.48 18.86
CA ALA D 275 7.58 43.73 18.17
C ALA D 275 8.01 42.60 17.23
N PHE D 276 7.19 41.57 17.13
CA PHE D 276 7.47 40.46 16.24
C PHE D 276 6.90 40.74 14.85
N PRO D 277 7.72 40.55 13.80
CA PRO D 277 7.28 40.80 12.43
C PRO D 277 6.14 39.86 12.03
N GLY D 278 5.07 40.43 11.49
CA GLY D 278 3.88 39.67 11.08
C GLY D 278 2.76 39.72 12.11
N ALA D 279 3.10 40.16 13.33
CA ALA D 279 2.16 40.17 14.46
C ALA D 279 1.80 41.59 14.91
N VAL D 280 0.49 41.83 15.06
CA VAL D 280 -0.02 43.13 15.49
C VAL D 280 -0.74 42.98 16.83
N LEU D 281 -0.24 43.69 17.85
CA LEU D 281 -0.97 43.82 19.11
C LEU D 281 -2.26 44.62 18.93
N GLU D 282 -3.39 43.97 19.15
CA GLU D 282 -4.67 44.67 19.23
C GLU D 282 -5.34 44.36 20.54
N ASP D 283 -5.01 45.17 21.55
CA ASP D 283 -5.29 44.86 22.93
C ASP D 283 -5.43 46.15 23.74
N ASP D 284 -6.65 46.62 23.86
CA ASP D 284 -6.95 47.77 24.67
C ASP D 284 -8.38 47.55 25.14
N VAL D 285 -8.52 46.79 26.21
CA VAL D 285 -9.86 46.35 26.67
C VAL D 285 -10.74 47.52 27.14
N ALA D 286 -10.09 48.61 27.54
CA ALA D 286 -10.77 49.82 27.96
C ALA D 286 -11.51 50.51 26.81
N HIS D 287 -11.06 50.30 25.57
CA HIS D 287 -11.77 50.77 24.39
C HIS D 287 -12.27 49.59 23.57
N GLN D 288 -12.48 48.47 24.27
CA GLN D 288 -12.92 47.21 23.68
C GLN D 288 -12.17 46.88 22.39
N ILE D 289 -10.84 46.94 22.43
CA ILE D 289 -10.04 46.59 21.23
C ILE D 289 -9.47 45.20 21.39
N TYR D 290 -9.74 44.35 20.39
CA TYR D 290 -9.30 42.97 20.35
C TYR D 290 -9.44 42.53 18.90
N PRO D 291 -8.68 41.50 18.48
CA PRO D 291 -8.82 40.99 17.11
C PRO D 291 -10.21 40.49 16.77
N GLN D 292 -10.63 40.77 15.53
CA GLN D 292 -11.96 40.41 15.06
C GLN D 292 -11.84 39.89 13.63
N ALA D 293 -12.46 38.74 13.39
CA ALA D 293 -12.46 38.11 12.08
C ALA D 293 -12.73 39.12 10.97
N ILE D 294 -13.86 39.83 11.04
CA ILE D 294 -14.24 40.79 9.98
C ILE D 294 -13.24 41.92 9.72
N ASN D 295 -12.40 42.21 10.71
CA ASN D 295 -11.39 43.24 10.55
C ASN D 295 -10.05 42.71 10.06
N ALA D 296 -9.90 41.38 10.10
CA ALA D 296 -8.66 40.69 9.70
C ALA D 296 -8.62 40.34 8.23
N VAL D 297 -9.80 40.13 7.65
CA VAL D 297 -9.97 39.87 6.20
C VAL D 297 -9.33 40.97 5.35
N GLY D 298 -8.54 40.56 4.35
CA GLY D 298 -7.79 41.49 3.51
C GLY D 298 -6.44 41.94 4.07
N SER D 299 -6.13 41.63 5.33
CA SER D 299 -4.81 41.96 5.88
C SER D 299 -3.82 40.79 5.92
N ARG D 300 -2.54 41.07 5.64
CA ARG D 300 -1.48 40.04 5.74
C ARG D 300 -1.00 39.83 7.18
N ASP D 301 -1.45 40.69 8.09
CA ASP D 301 -1.01 40.58 9.47
C ASP D 301 -1.76 39.55 10.26
N THR D 302 -1.14 39.10 11.35
CA THR D 302 -1.79 38.25 12.34
C THR D 302 -2.06 39.10 13.59
N PHE D 303 -3.33 39.14 14.02
CA PHE D 303 -3.76 39.99 15.13
C PHE D 303 -3.92 39.27 16.47
N VAL D 304 -3.40 39.89 17.52
CA VAL D 304 -3.36 39.27 18.85
C VAL D 304 -3.83 40.21 19.95
N GLY D 305 -4.74 39.71 20.78
CA GLY D 305 -5.24 40.44 21.91
C GLY D 305 -5.84 39.52 22.95
N ARG D 306 -6.67 40.12 23.79
CA ARG D 306 -7.23 39.51 25.00
C ARG D 306 -6.18 38.87 25.88
N ILE D 307 -4.93 39.33 25.80
CA ILE D 307 -3.83 38.69 26.51
C ILE D 307 -3.96 38.97 28.02
N ARG D 308 -3.97 37.89 28.80
CA ARG D 308 -4.20 37.94 30.24
C ARG D 308 -3.71 36.65 30.90
N LYS D 309 -3.06 36.79 32.03
CA LYS D 309 -2.57 35.63 32.77
C LYS D 309 -3.75 34.77 33.20
N ASP D 310 -3.49 33.47 33.35
CA ASP D 310 -4.47 32.54 33.88
C ASP D 310 -4.81 32.96 35.30
N LEU D 311 -6.02 32.62 35.77
CA LEU D 311 -6.43 33.00 37.12
C LEU D 311 -5.78 32.16 38.21
N ASP D 312 -5.12 31.07 37.84
CA ASP D 312 -4.58 30.15 38.84
C ASP D 312 -3.13 29.71 38.58
N ALA D 313 -2.85 29.37 37.32
CA ALA D 313 -1.53 28.93 36.91
C ALA D 313 -0.58 30.12 36.74
N GLU D 314 0.39 30.19 37.64
CA GLU D 314 1.47 31.19 37.62
C GLU D 314 1.98 31.52 36.20
N LYS D 315 2.26 30.47 35.43
CA LYS D 315 2.93 30.62 34.16
C LYS D 315 1.99 30.50 32.97
N GLY D 316 0.68 30.50 33.26
CA GLY D 316 -0.33 30.30 32.25
C GLY D 316 -0.89 31.61 31.74
N ILE D 317 -1.08 31.69 30.42
CA ILE D 317 -1.55 32.89 29.71
C ILE D 317 -2.56 32.51 28.65
N HIS D 318 -3.67 33.26 28.60
CA HIS D 318 -4.69 33.13 27.58
C HIS D 318 -4.53 34.26 26.57
N MET D 319 -4.98 34.02 25.34
CA MET D 319 -5.00 35.07 24.32
C MET D 319 -5.96 34.72 23.20
N TRP D 320 -6.20 35.70 22.34
CA TRP D 320 -7.09 35.57 21.20
C TRP D 320 -6.31 35.98 19.94
N VAL D 321 -6.17 35.04 19.01
CA VAL D 321 -5.38 35.21 17.80
C VAL D 321 -6.28 35.06 16.56
N VAL D 322 -6.25 36.07 15.67
CA VAL D 322 -7.06 36.08 14.44
C VAL D 322 -6.19 36.39 13.20
N SER D 323 -6.39 35.64 12.12
CA SER D 323 -5.76 35.97 10.85
C SER D 323 -6.63 35.55 9.66
N ASP D 324 -6.48 36.26 8.52
CA ASP D 324 -7.13 35.83 7.28
C ASP D 324 -6.50 34.51 6.85
N ASN D 325 -7.30 33.46 6.94
CA ASN D 325 -6.91 32.08 6.62
C ASN D 325 -6.48 31.84 5.16
N LEU D 326 -6.87 32.75 4.27
CA LEU D 326 -6.49 32.68 2.88
C LEU D 326 -5.20 33.44 2.58
N LEU D 327 -4.82 34.38 3.45
CA LEU D 327 -3.65 35.19 3.19
C LEU D 327 -2.44 34.66 3.99
N LYS D 328 -2.20 35.18 5.19
CA LYS D 328 -1.19 34.56 6.06
C LYS D 328 -1.38 33.06 6.22
N GLY D 329 -2.62 32.60 6.35
CA GLY D 329 -2.87 31.16 6.42
C GLY D 329 -2.58 30.32 5.18
N ALA D 330 -2.38 30.97 4.04
CA ALA D 330 -2.24 30.26 2.75
C ALA D 330 -1.37 30.98 1.71
N ALA D 331 -2.02 31.77 0.84
CA ALA D 331 -1.38 32.49 -0.27
C ALA D 331 -0.25 33.46 0.11
N TRP D 332 -0.45 34.25 1.17
CA TRP D 332 0.58 35.23 1.53
C TRP D 332 1.81 34.56 2.10
N ASN D 333 1.58 33.56 2.94
CA ASN D 333 2.67 32.75 3.45
C ASN D 333 3.44 32.08 2.32
N SER D 334 2.71 31.57 1.33
CA SER D 334 3.33 30.95 0.17
C SER D 334 4.14 31.93 -0.67
N VAL D 335 3.63 33.15 -0.85
CA VAL D 335 4.29 34.17 -1.66
C VAL D 335 5.47 34.72 -0.91
N GLN D 336 5.31 34.81 0.42
CA GLN D 336 6.41 35.17 1.29
C GLN D 336 7.54 34.14 1.21
N ILE D 337 7.18 32.85 1.12
CA ILE D 337 8.17 31.78 0.99
C ILE D 337 8.91 31.88 -0.34
N ALA D 338 8.14 32.10 -1.42
CA ALA D 338 8.71 32.30 -2.74
C ALA D 338 9.68 33.49 -2.76
N GLU D 339 9.30 34.61 -2.14
CA GLU D 339 10.16 35.80 -2.08
C GLU D 339 11.44 35.59 -1.30
N THR D 340 11.35 34.85 -0.21
CA THR D 340 12.51 34.52 0.62
C THR D 340 13.48 33.60 -0.12
N LEU D 341 12.95 32.71 -0.95
CA LEU D 341 13.77 31.80 -1.75
C LEU D 341 14.51 32.58 -2.81
N HIS D 342 13.81 33.46 -3.51
CA HIS D 342 14.46 34.38 -4.43
C HIS D 342 15.55 35.20 -3.75
N GLU D 343 15.25 35.74 -2.56
CA GLU D 343 16.19 36.57 -1.80
C GLU D 343 17.46 35.85 -1.33
N ARG D 344 17.33 34.57 -1.02
CA ARG D 344 18.45 33.78 -0.49
C ARG D 344 19.14 32.93 -1.56
N GLY D 345 18.80 33.16 -2.83
CA GLY D 345 19.36 32.44 -3.96
C GLY D 345 18.95 30.97 -4.06
N LEU D 346 17.75 30.65 -3.60
CA LEU D 346 17.35 29.24 -3.47
C LEU D 346 16.38 28.73 -4.55
N VAL D 347 16.22 29.52 -5.61
CA VAL D 347 15.34 29.20 -6.73
C VAL D 347 16.16 28.59 -7.87
N ARG D 348 16.37 27.28 -7.76
CA ARG D 348 17.11 26.51 -8.76
C ARG D 348 16.61 25.05 -8.71
N PRO D 349 16.89 24.26 -9.77
CA PRO D 349 16.56 22.82 -9.77
C PRO D 349 17.29 22.02 -8.70
N THR D 350 16.68 20.91 -8.27
CA THR D 350 17.32 19.96 -7.37
C THR D 350 17.85 18.77 -8.19
N ALA D 351 19.14 18.51 -8.08
CA ALA D 351 19.79 17.43 -8.79
C ALA D 351 19.27 16.07 -8.32
N GLU D 352 19.16 15.89 -7.01
CA GLU D 352 18.71 14.63 -6.41
C GLU D 352 17.18 14.60 -6.20
N LEU D 353 16.50 13.68 -6.89
CA LEU D 353 15.03 13.54 -6.75
C LEU D 353 14.63 12.64 -5.57
N LYS D 354 13.88 13.22 -4.63
CA LYS D 354 13.49 12.50 -3.41
C LYS D 354 12.00 12.25 -3.26
N PHE D 355 11.27 12.47 -4.35
CA PHE D 355 9.84 12.24 -4.32
C PHE D 355 9.45 11.28 -5.43
N GLU D 356 8.98 10.10 -5.04
CA GLU D 356 8.59 9.09 -6.01
C GLU D 356 7.43 9.54 -6.90
N LEU D 357 7.48 9.07 -8.14
CA LEU D 357 6.45 9.27 -9.15
C LEU D 357 5.47 8.09 -9.14
N LYS D 358 4.36 8.21 -9.86
CA LYS D 358 3.52 7.03 -10.10
C LYS D 358 3.46 6.53 -11.55
PA NAP E . 13.54 -8.18 27.64
O1A NAP E . 14.82 -7.42 27.68
O2A NAP E . 12.43 -7.67 26.82
O5B NAP E . 13.03 -8.29 29.16
C5B NAP E . 13.72 -9.17 30.05
C4B NAP E . 12.86 -9.51 31.26
O4B NAP E . 13.76 -10.11 32.22
C3B NAP E . 12.24 -8.30 31.97
O3B NAP E . 10.94 -8.67 32.45
C2B NAP E . 13.18 -8.09 33.16
O2B NAP E . 12.49 -7.49 34.27
C1B NAP E . 13.50 -9.54 33.50
N9A NAP E . 14.66 -9.61 34.40
C8A NAP E . 15.90 -9.17 34.15
N7A NAP E . 16.69 -9.40 35.21
C5A NAP E . 15.94 -10.01 36.14
C6A NAP E . 16.20 -10.49 37.42
N6A NAP E . 17.43 -10.38 37.95
N1A NAP E . 15.21 -11.06 38.11
C2A NAP E . 13.98 -11.18 37.58
N3A NAP E . 13.69 -10.73 36.36
C4A NAP E . 14.65 -10.14 35.62
O3 NAP E . 13.85 -9.75 27.32
PN NAP E . 13.02 -10.87 26.38
O1N NAP E . 13.92 -11.23 25.24
O2N NAP E . 11.63 -10.46 26.09
O5D NAP E . 12.97 -12.13 27.44
C5D NAP E . 14.15 -12.56 28.17
C4D NAP E . 14.39 -14.10 28.05
O4D NAP E . 13.41 -14.78 27.18
C3D NAP E . 15.78 -14.35 27.43
O3D NAP E . 16.42 -15.37 28.18
C2D NAP E . 15.46 -14.84 26.02
O2D NAP E . 16.46 -15.71 25.49
C1D NAP E . 14.18 -15.62 26.28
N1N NAP E . 13.55 -15.84 24.96
C2N NAP E . 13.44 -14.76 24.08
C3N NAP E . 12.86 -14.92 22.84
C7N NAP E . 12.74 -13.74 21.89
O7N NAP E . 12.23 -13.87 20.76
N7N NAP E . 13.23 -12.60 22.39
C4N NAP E . 12.39 -16.17 22.47
C5N NAP E . 12.44 -17.35 23.23
C6N NAP E . 13.07 -17.20 24.61
P2B NAP E . 12.62 -5.89 34.68
O1X NAP E . 12.43 -5.86 36.26
O2X NAP E . 14.15 -5.49 34.41
O3X NAP E . 11.59 -5.13 33.92
O AS2 F . 18.25 -13.91 19.18
C AS2 F . 17.09 -14.33 19.05
OXT AS2 F . 16.44 -13.99 18.05
CA AS2 F . 16.53 -15.23 20.16
N AS2 F . 17.33 -16.49 20.19
CB AS2 F . 15.03 -15.46 20.00
CG AS2 F . 14.60 -16.92 20.00
OD2 AS2 F . 14.80 -17.66 20.96
PA NAP G . 16.47 3.32 -11.98
O1A NAP G . 15.01 3.02 -11.92
O2A NAP G . 17.11 4.00 -10.82
O5B NAP G . 16.68 4.27 -13.24
C5B NAP G . 16.36 3.87 -14.55
C4B NAP G . 17.13 4.72 -15.58
O4B NAP G . 16.73 4.22 -16.88
C3B NAP G . 16.79 6.21 -15.56
O3B NAP G . 17.99 6.95 -15.80
C2B NAP G . 15.82 6.36 -16.74
O2B NAP G . 15.75 7.72 -17.30
C1B NAP G . 16.41 5.34 -17.71
N9A NAP G . 15.33 4.97 -18.59
C8A NAP G . 14.25 4.25 -18.24
N7A NAP G . 13.46 4.11 -19.30
C5A NAP G . 14.05 4.73 -20.33
C6A NAP G . 13.70 4.92 -21.65
N6A NAP G . 12.57 4.40 -22.08
N1A NAP G . 14.51 5.62 -22.46
C2A NAP G . 15.65 6.12 -22.00
N3A NAP G . 16.03 5.96 -20.73
C4A NAP G . 15.24 5.28 -19.87
O3 NAP G . 17.31 1.96 -12.40
PN NAP G . 18.87 1.49 -11.93
O1N NAP G . 18.75 0.68 -10.68
O2N NAP G . 19.76 2.66 -11.94
O5D NAP G . 19.34 0.50 -13.14
C5D NAP G . 18.62 0.37 -14.41
C4D NAP G . 18.88 -0.98 -15.16
O4D NAP G . 20.12 -1.66 -14.72
C3D NAP G . 17.75 -1.99 -14.90
O3D NAP G . 17.60 -2.86 -16.03
C2D NAP G . 18.30 -2.75 -13.68
O2D NAP G . 17.66 -4.03 -13.50
C1D NAP G . 19.75 -2.94 -14.10
N1N NAP G . 20.67 -3.27 -12.98
C2N NAP G . 20.54 -2.60 -11.74
C3N NAP G . 21.42 -2.88 -10.69
C7N NAP G . 21.28 -2.17 -9.35
O7N NAP G . 22.05 -2.42 -8.41
N7N NAP G . 20.28 -1.27 -9.29
C4N NAP G . 22.41 -3.84 -10.89
C5N NAP G . 22.66 -4.58 -12.04
C6N NAP G . 21.72 -4.30 -13.22
P2B NAP G . 14.73 8.85 -16.63
O1X NAP G . 14.46 10.01 -17.70
O2X NAP G . 13.33 8.09 -16.56
O3X NAP G . 15.23 9.34 -15.34
O AS2 H . 17.09 -7.12 -8.04
C AS2 H . 18.27 -6.77 -7.90
OXT AS2 H . 18.74 -6.59 -6.76
CA AS2 H . 19.09 -6.54 -9.18
N AS2 H . 19.20 -7.84 -9.91
CB AS2 H . 20.45 -5.89 -8.88
CG AS2 H . 21.64 -6.77 -9.24
OD2 AS2 H . 21.92 -6.98 -10.43
PA NAP I . -40.33 7.35 -22.63
O1A NAP I . -39.57 8.57 -23.06
O2A NAP I . -40.84 6.40 -23.66
O5B NAP I . -41.58 7.85 -21.75
C5B NAP I . -41.43 8.53 -20.49
C4B NAP I . -42.70 8.41 -19.66
O4B NAP I . -42.57 9.26 -18.47
C3B NAP I . -43.94 8.92 -20.41
O3B NAP I . -45.03 8.04 -20.16
C2B NAP I . -44.19 10.29 -19.78
O2B NAP I . -45.57 10.70 -19.85
C1B NAP I . -43.79 10.02 -18.35
N9A NAP I . -43.54 11.35 -17.74
C8A NAP I . -42.61 12.24 -18.14
N7A NAP I . -42.70 13.33 -17.36
C5A NAP I . -43.70 13.13 -16.50
C6A NAP I . -44.24 13.90 -15.48
N6A NAP I . -43.76 15.10 -15.22
N1A NAP I . -45.26 13.40 -14.77
C2A NAP I . -45.75 12.20 -15.03
N3A NAP I . -45.25 11.43 -15.99
C4A NAP I . -44.22 11.88 -16.74
O3 NAP I . -39.48 6.48 -21.52
PN NAP I . -39.90 4.97 -20.91
O1N NAP I . -39.49 3.97 -21.92
O2N NAP I . -41.31 4.95 -20.38
O5D NAP I . -38.88 4.90 -19.62
C5D NAP I . -38.61 6.08 -18.80
C4D NAP I . -37.99 5.76 -17.40
O4D NAP I . -37.97 4.32 -17.14
C3D NAP I . -36.55 6.27 -17.29
O3D NAP I . -36.36 6.90 -16.03
C2D NAP I . -35.67 5.01 -17.37
O2D NAP I . -34.57 5.07 -16.45
C1D NAP I . -36.59 3.87 -16.95
N1N NAP I . -36.22 2.83 -17.92
C2N NAP I . -36.41 3.10 -19.28
C3N NAP I . -36.07 2.18 -20.24
C7N NAP I . -36.33 2.50 -21.72
O7N NAP I . -36.05 1.70 -22.59
N7N NAP I . -36.85 3.70 -21.97
C4N NAP I . -35.54 0.95 -19.85
C5N NAP I . -35.28 0.53 -18.54
C6N NAP I . -35.63 1.54 -17.42
P2B NAP I . -46.11 11.59 -21.10
O1X NAP I . -47.21 12.60 -20.52
O2X NAP I . -44.88 12.50 -21.54
O3X NAP I . -46.59 10.75 -22.23
O AS2 J . -29.69 3.34 -21.57
C AS2 J . -30.26 2.26 -21.47
OXT AS2 J . -30.16 1.45 -22.41
CA AS2 J . -31.06 2.02 -20.17
N AS2 J . -30.07 1.67 -19.11
CB AS2 J . -32.16 0.96 -20.30
CG AS2 J . -32.08 -0.14 -19.23
OD2 AS2 J . -31.87 0.15 -18.05
PA NAP K . -11.14 25.08 -3.67
O1A NAP K . -12.15 24.01 -3.82
O2A NAP K . -11.59 26.46 -3.40
O5B NAP K . -10.31 25.18 -5.02
C5B NAP K . -9.84 24.01 -5.66
C4B NAP K . -8.80 24.35 -6.71
O4B NAP K . -8.25 23.06 -7.00
C3B NAP K . -9.45 24.84 -8.00
O3B NAP K . -8.57 25.77 -8.63
C2B NAP K . -9.57 23.58 -8.84
O2B NAP K . -9.54 23.87 -10.25
C1B NAP K . -8.29 22.90 -8.44
N9A NAP K . -8.28 21.47 -8.81
C8A NAP K . -9.15 20.53 -8.41
N7A NAP K . -8.80 19.37 -8.98
C5A NAP K . -7.71 19.57 -9.73
C6A NAP K . -6.90 18.77 -10.53
N6A NAP K . -7.15 17.47 -10.69
N1A NAP K . -5.85 19.34 -11.17
C2A NAP K . -5.59 20.63 -11.02
N3A NAP K . -6.32 21.42 -10.26
C4A NAP K . -7.38 20.92 -9.61
O3 NAP K . -9.99 24.57 -2.58
PN NAP K . -9.05 25.48 -1.51
O1N NAP K . -9.50 25.11 -0.13
O2N NAP K . -9.02 26.89 -1.94
O5D NAP K . -7.55 24.89 -1.74
C5D NAP K . -7.29 23.46 -1.92
C4D NAP K . -6.09 22.98 -1.05
O4D NAP K . -5.42 24.08 -0.34
C3D NAP K . -6.61 21.99 0.01
O3D NAP K . -5.78 20.83 0.02
C2D NAP K . -6.47 22.76 1.33
O2D NAP K . -6.18 21.87 2.42
C1D NAP K . -5.27 23.66 1.04
N1N NAP K . -5.26 24.85 1.95
C2N NAP K . -6.40 25.66 2.05
C3N NAP K . -6.40 26.76 2.89
C7N NAP K . -7.65 27.66 3.01
O7N NAP K . -7.68 28.64 3.76
N7N NAP K . -8.68 27.29 2.24
C4N NAP K . -5.24 27.04 3.63
C5N NAP K . -4.04 26.34 3.66
C6N NAP K . -4.00 25.10 2.74
P2B NAP K . -10.85 23.77 -11.21
O1X NAP K . -10.46 22.88 -12.46
O2X NAP K . -11.94 22.84 -10.44
O3X NAP K . -11.28 25.11 -11.61
O AS2 L . -10.25 23.55 6.85
C AS2 L . -9.43 24.41 7.13
OXT AS2 L . -9.76 25.33 7.89
CA AS2 L . -8.03 24.31 6.53
N AS2 L . -7.18 23.54 7.48
CB AS2 L . -7.50 25.71 6.17
CG AS2 L . -6.09 26.01 6.67
OD2 AS2 L . -5.15 25.28 6.35
#